data_1Q9C
#
_entry.id   1Q9C
#
_cell.length_a   93.397
_cell.length_b   109.199
_cell.length_c   212.399
_cell.angle_alpha   90.00
_cell.angle_beta   90.00
_cell.angle_gamma   90.00
#
_symmetry.space_group_name_H-M   'P 21 21 21'
#
_entity_poly.entity_id   1
_entity_poly.type   'polypeptide(L)'
_entity_poly.pdbx_seq_one_letter_code
;MQAQQLPYEFFSEENAPKWRGLLVPALKKVQGQVHPTLESNDDALQYVEELILQLLN(MSE)LCQAQPRSASDVEERVQK
SFPHPIDKWAIADAQSAIEKRKRRNPLSLPVEKIHPLLKEVLGYKIDHQVSVYIVAVLEYISADILKLAGNYVRNIRHYE
ITKQDIKVA(MSE)CADKVL(MSE)D(MSE)FHQDVEDINILSLTDE
;
_entity_poly.pdbx_strand_id   A,B,C,D,E,F,G,H,I
#
# COMPACT_ATOMS: atom_id res chain seq x y z
N LEU A 6 -30.54 -66.51 25.04
CA LEU A 6 -30.07 -65.15 24.67
C LEU A 6 -31.27 -64.26 24.33
N PRO A 7 -32.27 -64.22 25.23
CA PRO A 7 -33.49 -63.42 25.03
C PRO A 7 -33.20 -61.95 24.70
N TYR A 8 -32.08 -61.43 25.19
CA TYR A 8 -31.76 -60.04 24.92
C TYR A 8 -30.30 -59.62 25.17
N GLU A 9 -29.83 -58.71 24.32
CA GLU A 9 -28.48 -58.16 24.39
C GLU A 9 -28.61 -56.71 23.94
N PHE A 10 -28.57 -55.79 24.89
CA PHE A 10 -28.71 -54.37 24.61
C PHE A 10 -27.81 -53.78 23.52
N PHE A 11 -26.57 -54.26 23.44
CA PHE A 11 -25.64 -53.71 22.45
C PHE A 11 -25.27 -54.66 21.31
N SER A 12 -26.25 -55.00 20.48
CA SER A 12 -26.03 -55.88 19.34
C SER A 12 -25.97 -55.01 18.09
N GLU A 13 -25.79 -55.63 16.92
CA GLU A 13 -25.73 -54.87 15.67
C GLU A 13 -27.11 -54.50 15.18
N GLU A 14 -28.13 -54.67 16.04
CA GLU A 14 -29.50 -54.34 15.69
C GLU A 14 -30.15 -53.45 16.73
N ASN A 15 -29.98 -53.80 18.00
CA ASN A 15 -30.56 -53.04 19.10
C ASN A 15 -29.74 -51.83 19.53
N ALA A 16 -28.42 -51.93 19.39
CA ALA A 16 -27.52 -50.84 19.78
C ALA A 16 -28.06 -49.44 19.48
N PRO A 17 -28.43 -49.18 18.22
CA PRO A 17 -28.95 -47.86 17.87
C PRO A 17 -30.16 -47.42 18.69
N LYS A 18 -30.88 -48.40 19.23
CA LYS A 18 -32.07 -48.12 20.03
C LYS A 18 -31.76 -47.75 21.48
N TRP A 19 -30.57 -48.09 21.94
CA TRP A 19 -30.18 -47.78 23.32
C TRP A 19 -29.03 -46.79 23.44
N ARG A 20 -27.93 -47.06 22.75
CA ARG A 20 -26.76 -46.18 22.78
C ARG A 20 -27.11 -44.70 22.86
N GLY A 21 -26.80 -44.08 23.99
CA GLY A 21 -27.06 -42.66 24.17
C GLY A 21 -28.52 -42.28 24.35
N LEU A 22 -29.38 -43.25 24.63
CA LEU A 22 -30.79 -42.97 24.82
C LEU A 22 -31.04 -42.40 26.21
N LEU A 23 -30.18 -42.76 27.16
CA LEU A 23 -30.29 -42.31 28.53
C LEU A 23 -29.33 -41.18 28.88
N VAL A 24 -28.26 -41.05 28.08
CA VAL A 24 -27.26 -40.02 28.31
C VAL A 24 -27.88 -38.62 28.43
N PRO A 25 -28.76 -38.26 27.49
CA PRO A 25 -29.40 -36.94 27.53
C PRO A 25 -30.08 -36.65 28.86
N ALA A 26 -30.76 -37.66 29.40
CA ALA A 26 -31.46 -37.52 30.68
C ALA A 26 -30.51 -37.50 31.85
N LEU A 27 -29.53 -38.40 31.85
CA LEU A 27 -28.57 -38.46 32.94
C LEU A 27 -27.91 -37.12 33.20
N LYS A 28 -27.59 -36.39 32.13
CA LYS A 28 -26.98 -35.08 32.27
C LYS A 28 -27.87 -34.23 33.17
N LYS A 29 -29.18 -34.35 32.98
CA LYS A 29 -30.15 -33.63 33.78
C LYS A 29 -30.03 -34.07 35.22
N VAL A 30 -30.02 -35.39 35.43
CA VAL A 30 -29.90 -35.96 36.77
C VAL A 30 -28.65 -35.44 37.46
N GLN A 31 -27.51 -35.57 36.79
CA GLN A 31 -26.24 -35.10 37.36
C GLN A 31 -26.33 -33.59 37.55
N GLY A 32 -27.35 -32.99 36.97
CA GLY A 32 -27.53 -31.55 37.08
C GLY A 32 -28.35 -31.18 38.30
N GLN A 33 -29.22 -32.09 38.73
CA GLN A 33 -30.06 -31.84 39.89
C GLN A 33 -29.32 -32.22 41.16
N VAL A 34 -28.47 -33.25 41.06
CA VAL A 34 -27.69 -33.72 42.20
C VAL A 34 -26.46 -32.85 42.43
N HIS A 35 -25.80 -32.46 41.35
CA HIS A 35 -24.61 -31.63 41.43
C HIS A 35 -24.60 -30.59 40.31
N PRO A 36 -25.21 -29.42 40.57
CA PRO A 36 -25.28 -28.32 39.59
C PRO A 36 -23.92 -27.80 39.15
N THR A 37 -23.04 -27.56 40.11
CA THR A 37 -21.70 -27.06 39.83
C THR A 37 -20.88 -28.00 38.95
N LEU A 38 -20.91 -29.28 39.26
CA LEU A 38 -20.16 -30.28 38.51
C LEU A 38 -20.59 -30.32 37.04
N GLU A 39 -19.60 -30.46 36.15
CA GLU A 39 -19.85 -30.50 34.71
C GLU A 39 -20.06 -31.91 34.20
N SER A 40 -20.84 -32.03 33.13
CA SER A 40 -21.13 -33.33 32.52
C SER A 40 -19.93 -33.87 31.76
N ASN A 41 -19.99 -35.14 31.39
CA ASN A 41 -18.91 -35.78 30.65
C ASN A 41 -19.42 -37.04 29.97
N ASP A 42 -19.80 -36.91 28.70
CA ASP A 42 -20.33 -38.01 27.90
C ASP A 42 -19.67 -39.37 28.18
N ASP A 43 -18.34 -39.38 28.22
CA ASP A 43 -17.59 -40.60 28.46
C ASP A 43 -18.14 -41.39 29.65
N ALA A 44 -18.36 -40.69 30.76
CA ALA A 44 -18.87 -41.32 31.97
C ALA A 44 -20.35 -41.70 31.88
N LEU A 45 -21.20 -40.73 31.59
CA LEU A 45 -22.64 -40.95 31.48
C LEU A 45 -22.97 -42.13 30.57
N GLN A 46 -22.12 -42.39 29.59
CA GLN A 46 -22.35 -43.50 28.67
C GLN A 46 -22.10 -44.79 29.43
N TYR A 47 -21.20 -44.72 30.41
CA TYR A 47 -20.87 -45.86 31.25
C TYR A 47 -21.99 -46.05 32.26
N VAL A 48 -22.51 -44.94 32.78
CA VAL A 48 -23.61 -44.98 33.73
C VAL A 48 -24.79 -45.62 33.00
N GLU A 49 -24.89 -45.34 31.71
CA GLU A 49 -25.96 -45.87 30.88
C GLU A 49 -25.83 -47.39 30.80
N GLU A 50 -24.62 -47.86 30.53
CA GLU A 50 -24.37 -49.30 30.43
C GLU A 50 -24.80 -49.98 31.74
N LEU A 51 -24.53 -49.32 32.86
CA LEU A 51 -24.88 -49.86 34.16
C LEU A 51 -26.40 -49.83 34.36
N ILE A 52 -26.99 -48.67 34.15
CA ILE A 52 -28.43 -48.53 34.31
C ILE A 52 -29.18 -49.49 33.40
N LEU A 53 -28.62 -49.74 32.22
CA LEU A 53 -29.24 -50.66 31.28
C LEU A 53 -29.08 -52.10 31.73
N GLN A 54 -27.96 -52.37 32.41
CA GLN A 54 -27.70 -53.71 32.92
C GLN A 54 -28.64 -53.95 34.09
N LEU A 55 -29.19 -52.87 34.63
CA LEU A 55 -30.14 -52.96 35.73
C LEU A 55 -31.51 -53.31 35.20
N LEU A 56 -31.93 -52.61 34.16
CA LEU A 56 -33.23 -52.85 33.53
C LEU A 56 -33.32 -54.31 33.11
N ASN A 57 -32.24 -54.84 32.56
CA ASN A 57 -32.19 -56.22 32.12
C ASN A 57 -32.41 -57.16 33.30
N MSE A 58 -31.86 -56.77 34.45
CA MSE A 58 -32.00 -57.56 35.67
C MSE A 58 -33.43 -57.56 36.17
O MSE A 58 -33.92 -58.54 36.71
CB MSE A 58 -31.07 -57.00 36.75
CG MSE A 58 -31.07 -57.81 38.04
SE MSE A 58 -29.95 -57.00 39.40
CE MSE A 58 -28.25 -57.67 38.82
N LEU A 59 -34.11 -56.43 35.97
CA LEU A 59 -35.50 -56.29 36.40
C LEU A 59 -36.42 -57.01 35.43
N CYS A 60 -35.88 -57.43 34.29
CA CYS A 60 -36.66 -58.11 33.27
C CYS A 60 -36.53 -59.63 33.30
N GLN A 61 -35.41 -60.13 33.81
CA GLN A 61 -35.19 -61.57 33.88
C GLN A 61 -36.32 -62.26 34.64
N ALA A 62 -36.95 -61.51 35.56
CA ALA A 62 -38.05 -62.05 36.35
C ALA A 62 -39.39 -61.90 35.64
N GLN A 63 -39.35 -61.51 34.38
CA GLN A 63 -40.55 -61.34 33.57
C GLN A 63 -41.68 -60.62 34.30
N PRO A 64 -41.54 -59.31 34.50
CA PRO A 64 -42.58 -58.53 35.20
C PRO A 64 -43.88 -58.51 34.40
N ARG A 65 -45.01 -58.51 35.11
CA ARG A 65 -46.32 -58.48 34.46
C ARG A 65 -47.31 -57.62 35.23
N SER A 66 -46.85 -57.04 36.33
CA SER A 66 -47.70 -56.19 37.17
C SER A 66 -46.90 -54.97 37.60
N ALA A 67 -47.59 -54.03 38.22
CA ALA A 67 -46.93 -52.82 38.72
C ALA A 67 -46.32 -53.14 40.07
N SER A 68 -46.58 -54.35 40.55
CA SER A 68 -46.07 -54.81 41.83
C SER A 68 -44.90 -55.79 41.65
N ASP A 69 -45.01 -56.66 40.65
CA ASP A 69 -43.95 -57.63 40.39
C ASP A 69 -42.59 -56.96 40.35
N VAL A 70 -42.56 -55.71 39.91
CA VAL A 70 -41.32 -54.96 39.85
C VAL A 70 -40.88 -54.66 41.28
N GLU A 71 -41.80 -54.16 42.08
CA GLU A 71 -41.52 -53.85 43.47
C GLU A 71 -41.00 -55.10 44.15
N GLU A 72 -41.63 -56.23 43.84
CA GLU A 72 -41.24 -57.51 44.41
C GLU A 72 -39.80 -57.82 44.00
N ARG A 73 -39.54 -57.82 42.70
CA ARG A 73 -38.21 -58.11 42.18
C ARG A 73 -37.20 -57.17 42.82
N VAL A 74 -37.50 -55.88 42.81
CA VAL A 74 -36.62 -54.87 43.41
C VAL A 74 -36.45 -55.19 44.88
N GLN A 75 -37.55 -55.57 45.53
CA GLN A 75 -37.54 -55.90 46.94
C GLN A 75 -36.76 -57.19 47.21
N LYS A 76 -36.50 -57.94 46.15
CA LYS A 76 -35.76 -59.20 46.27
C LYS A 76 -34.30 -59.05 45.88
N SER A 77 -33.99 -58.03 45.07
CA SER A 77 -32.62 -57.80 44.62
C SER A 77 -31.94 -56.72 45.46
N PHE A 78 -32.13 -55.47 45.06
CA PHE A 78 -31.55 -54.31 45.72
C PHE A 78 -31.22 -54.57 47.20
N PRO A 79 -29.94 -54.44 47.57
CA PRO A 79 -29.51 -54.67 48.95
C PRO A 79 -30.14 -53.67 49.92
N HIS A 80 -30.28 -54.04 51.18
CA HIS A 80 -30.82 -53.15 52.21
C HIS A 80 -29.75 -52.06 52.27
N PRO A 81 -30.10 -50.75 52.30
CA PRO A 81 -31.21 -49.78 52.32
C PRO A 81 -31.79 -49.43 50.96
N ILE A 82 -30.92 -49.48 49.96
CA ILE A 82 -31.28 -49.13 48.60
C ILE A 82 -32.59 -49.72 48.08
N ASP A 83 -32.93 -50.93 48.49
CA ASP A 83 -34.18 -51.56 48.04
C ASP A 83 -35.41 -50.76 48.43
N LYS A 84 -35.57 -50.52 49.73
CA LYS A 84 -36.71 -49.76 50.22
C LYS A 84 -36.72 -48.35 49.64
N TRP A 85 -35.58 -47.67 49.69
CA TRP A 85 -35.50 -46.32 49.16
C TRP A 85 -35.92 -46.31 47.69
N ALA A 86 -35.45 -47.29 46.93
CA ALA A 86 -35.77 -47.41 45.52
C ALA A 86 -37.27 -47.51 45.28
N ILE A 87 -37.93 -48.36 46.06
CA ILE A 87 -39.37 -48.54 45.95
C ILE A 87 -40.10 -47.26 46.31
N ALA A 88 -39.72 -46.67 47.45
CA ALA A 88 -40.33 -45.43 47.91
C ALA A 88 -40.46 -44.44 46.76
N ASP A 89 -39.38 -44.27 46.00
CA ASP A 89 -39.36 -43.36 44.88
C ASP A 89 -40.27 -43.86 43.76
N ALA A 90 -40.08 -45.12 43.38
CA ALA A 90 -40.89 -45.73 42.32
C ALA A 90 -42.38 -45.57 42.60
N GLN A 91 -42.78 -45.84 43.84
CA GLN A 91 -44.18 -45.73 44.23
C GLN A 91 -44.63 -44.27 44.12
N SER A 92 -43.86 -43.38 44.74
CA SER A 92 -44.18 -41.95 44.72
C SER A 92 -44.27 -41.40 43.31
N ALA A 93 -43.86 -42.21 42.34
CA ALA A 93 -43.89 -41.79 40.93
C ALA A 93 -45.21 -42.18 40.27
N ILE A 94 -45.55 -43.46 40.33
CA ILE A 94 -46.79 -43.94 39.75
C ILE A 94 -48.00 -43.26 40.38
N GLU A 95 -47.78 -42.71 41.57
CA GLU A 95 -48.84 -42.02 42.30
C GLU A 95 -49.13 -40.66 41.68
N SER A 104 -36.98 -37.79 34.78
CA SER A 104 -36.34 -37.20 33.62
C SER A 104 -36.13 -38.22 32.50
N LEU A 105 -35.73 -39.43 32.87
CA LEU A 105 -35.51 -40.49 31.90
C LEU A 105 -36.68 -40.58 30.93
N PRO A 106 -36.40 -40.87 29.64
CA PRO A 106 -37.40 -41.00 28.59
C PRO A 106 -38.48 -42.05 28.87
N VAL A 107 -39.26 -41.82 29.92
CA VAL A 107 -40.33 -42.72 30.31
C VAL A 107 -41.18 -43.13 29.10
N GLU A 108 -41.39 -42.17 28.20
CA GLU A 108 -42.18 -42.41 27.01
C GLU A 108 -41.44 -43.24 25.98
N LYS A 109 -40.32 -42.72 25.49
CA LYS A 109 -39.53 -43.41 24.48
C LYS A 109 -39.07 -44.80 24.93
N ILE A 110 -39.17 -45.07 26.23
CA ILE A 110 -38.75 -46.35 26.76
C ILE A 110 -39.90 -47.36 26.84
N HIS A 111 -41.11 -46.87 27.12
CA HIS A 111 -42.28 -47.72 27.22
C HIS A 111 -42.37 -48.73 26.07
N PRO A 112 -42.42 -48.24 24.82
CA PRO A 112 -42.50 -49.16 23.68
C PRO A 112 -41.34 -50.14 23.64
N LEU A 113 -40.16 -49.66 24.02
CA LEU A 113 -38.95 -50.49 24.04
C LEU A 113 -39.10 -51.67 25.00
N LEU A 114 -39.64 -51.42 26.18
CA LEU A 114 -39.84 -52.46 27.17
C LEU A 114 -40.56 -53.65 26.56
N LYS A 115 -41.66 -53.37 25.86
CA LYS A 115 -42.45 -54.40 25.21
C LYS A 115 -41.58 -55.27 24.29
N GLU A 116 -40.50 -54.67 23.79
CA GLU A 116 -39.59 -55.36 22.90
C GLU A 116 -38.48 -56.11 23.64
N VAL A 117 -38.13 -55.63 24.83
CA VAL A 117 -37.09 -56.27 25.62
C VAL A 117 -37.58 -57.58 26.19
N LEU A 118 -38.89 -57.71 26.34
CA LEU A 118 -39.50 -58.92 26.89
C LEU A 118 -40.37 -59.64 25.88
N GLY A 119 -41.11 -58.88 25.09
CA GLY A 119 -41.98 -59.48 24.09
C GLY A 119 -43.41 -59.62 24.57
N TYR A 120 -43.80 -58.77 25.53
CA TYR A 120 -45.15 -58.82 26.07
C TYR A 120 -45.74 -57.41 26.13
N LYS A 121 -46.87 -57.27 26.82
CA LYS A 121 -47.54 -55.98 26.95
C LYS A 121 -47.35 -55.43 28.35
N ILE A 122 -47.31 -54.12 28.47
CA ILE A 122 -47.11 -53.46 29.76
C ILE A 122 -47.94 -52.18 29.87
N ASP A 123 -48.54 -51.96 31.02
CA ASP A 123 -49.34 -50.76 31.24
C ASP A 123 -48.41 -49.59 31.48
N HIS A 124 -48.86 -48.38 31.13
CA HIS A 124 -48.04 -47.19 31.29
C HIS A 124 -47.66 -46.98 32.75
N GLN A 125 -48.34 -47.68 33.65
CA GLN A 125 -48.07 -47.56 35.08
C GLN A 125 -46.80 -48.31 35.48
N VAL A 126 -46.59 -49.46 34.86
CA VAL A 126 -45.41 -50.27 35.17
C VAL A 126 -44.15 -49.60 34.65
N SER A 127 -44.23 -48.98 33.48
CA SER A 127 -43.10 -48.30 32.89
C SER A 127 -42.67 -47.14 33.80
N VAL A 128 -43.66 -46.35 34.23
CA VAL A 128 -43.39 -45.22 35.11
C VAL A 128 -42.69 -45.72 36.37
N TYR A 129 -43.03 -46.94 36.77
CA TYR A 129 -42.45 -47.55 37.97
C TYR A 129 -41.00 -47.93 37.69
N ILE A 130 -40.80 -48.74 36.64
CA ILE A 130 -39.47 -49.19 36.25
C ILE A 130 -38.54 -48.01 36.00
N VAL A 131 -38.88 -47.20 34.99
CA VAL A 131 -38.07 -46.03 34.65
C VAL A 131 -37.73 -45.22 35.89
N ALA A 132 -38.69 -45.11 36.80
CA ALA A 132 -38.47 -44.36 38.04
C ALA A 132 -37.36 -45.03 38.83
N VAL A 133 -37.45 -46.35 38.98
CA VAL A 133 -36.44 -47.12 39.71
C VAL A 133 -35.09 -46.92 39.06
N LEU A 134 -35.04 -47.10 37.74
CA LEU A 134 -33.80 -46.94 36.99
C LEU A 134 -33.18 -45.58 37.24
N GLU A 135 -34.01 -44.53 37.22
CA GLU A 135 -33.53 -43.18 37.43
C GLU A 135 -33.03 -42.96 38.87
N TYR A 136 -33.65 -43.66 39.82
CA TYR A 136 -33.25 -43.52 41.21
C TYR A 136 -31.81 -43.99 41.37
N ILE A 137 -31.51 -45.16 40.81
CA ILE A 137 -30.16 -45.71 40.89
C ILE A 137 -29.22 -44.79 40.11
N SER A 138 -29.76 -44.12 39.10
CA SER A 138 -28.98 -43.20 38.28
C SER A 138 -28.59 -42.01 39.15
N ALA A 139 -29.59 -41.43 39.81
CA ALA A 139 -29.38 -40.29 40.69
C ALA A 139 -28.54 -40.71 41.88
N ASP A 140 -28.67 -41.96 42.29
CA ASP A 140 -27.91 -42.47 43.43
C ASP A 140 -26.44 -42.62 43.05
N ILE A 141 -26.19 -43.28 41.92
CA ILE A 141 -24.83 -43.46 41.45
C ILE A 141 -24.17 -42.11 41.25
N LEU A 142 -24.83 -41.24 40.50
CA LEU A 142 -24.30 -39.90 40.23
C LEU A 142 -24.12 -39.10 41.51
N LYS A 143 -25.01 -39.28 42.47
CA LYS A 143 -24.93 -38.57 43.73
C LYS A 143 -23.63 -38.92 44.47
N LEU A 144 -23.34 -40.21 44.56
CA LEU A 144 -22.14 -40.68 45.23
C LEU A 144 -20.88 -40.19 44.51
N ALA A 145 -20.85 -40.38 43.19
CA ALA A 145 -19.70 -39.97 42.40
C ALA A 145 -19.44 -38.48 42.58
N GLY A 146 -20.51 -37.68 42.53
CA GLY A 146 -20.38 -36.25 42.70
C GLY A 146 -19.68 -35.88 43.99
N ASN A 147 -20.08 -36.54 45.08
CA ASN A 147 -19.47 -36.28 46.38
C ASN A 147 -17.97 -36.57 46.31
N TYR A 148 -17.63 -37.70 45.68
CA TYR A 148 -16.22 -38.08 45.53
C TYR A 148 -15.48 -36.94 44.85
N VAL A 149 -15.98 -36.55 43.67
CA VAL A 149 -15.38 -35.48 42.90
C VAL A 149 -15.22 -34.23 43.76
N ARG A 150 -16.34 -33.73 44.29
CA ARG A 150 -16.31 -32.53 45.11
C ARG A 150 -15.40 -32.68 46.33
N ASN A 151 -15.04 -33.91 46.66
CA ASN A 151 -14.17 -34.15 47.80
C ASN A 151 -12.71 -33.93 47.42
N ILE A 152 -12.36 -34.31 46.20
CA ILE A 152 -11.00 -34.14 45.70
C ILE A 152 -10.80 -32.81 45.00
N ARG A 153 -11.85 -31.98 45.00
CA ARG A 153 -11.79 -30.66 44.37
C ARG A 153 -11.50 -30.81 42.87
N HIS A 154 -12.48 -31.29 42.11
CA HIS A 154 -12.29 -31.47 40.67
C HIS A 154 -13.29 -30.71 39.80
N TYR A 155 -14.53 -30.61 40.28
CA TYR A 155 -15.57 -29.89 39.54
C TYR A 155 -15.95 -30.59 38.22
N GLU A 156 -15.70 -31.89 38.15
CA GLU A 156 -16.03 -32.66 36.95
C GLU A 156 -16.12 -34.15 37.29
N ILE A 157 -17.13 -34.81 36.74
CA ILE A 157 -17.34 -36.24 36.99
C ILE A 157 -16.90 -37.09 35.80
N THR A 158 -15.65 -37.55 35.86
CA THR A 158 -15.09 -38.39 34.80
C THR A 158 -15.49 -39.84 35.05
N LYS A 159 -15.43 -40.66 34.01
CA LYS A 159 -15.79 -42.07 34.15
C LYS A 159 -14.98 -42.70 35.27
N GLN A 160 -13.70 -42.31 35.36
CA GLN A 160 -12.81 -42.81 36.40
C GLN A 160 -13.41 -42.54 37.77
N ASP A 161 -13.83 -41.30 37.99
CA ASP A 161 -14.41 -40.89 39.26
C ASP A 161 -15.55 -41.82 39.68
N ILE A 162 -16.52 -42.02 38.79
CA ILE A 162 -17.66 -42.88 39.07
C ILE A 162 -17.22 -44.25 39.58
N LYS A 163 -16.29 -44.88 38.87
CA LYS A 163 -15.79 -46.19 39.27
C LYS A 163 -15.28 -46.15 40.70
N VAL A 164 -14.23 -45.37 40.91
CA VAL A 164 -13.62 -45.22 42.23
C VAL A 164 -14.66 -44.86 43.28
N ALA A 165 -15.73 -44.19 42.86
CA ALA A 165 -16.78 -43.77 43.77
C ALA A 165 -17.66 -44.93 44.21
N MSE A 166 -18.10 -45.74 43.26
CA MSE A 166 -18.96 -46.88 43.58
C MSE A 166 -18.23 -47.93 44.41
O MSE A 166 -18.85 -48.71 45.12
CB MSE A 166 -19.48 -47.54 42.30
CG MSE A 166 -20.32 -46.64 41.42
SE MSE A 166 -21.25 -47.65 40.06
CE MSE A 166 -19.75 -48.12 38.94
N CYS A 167 -16.91 -47.93 44.33
CA CYS A 167 -16.10 -48.89 45.08
C CYS A 167 -16.29 -48.71 46.58
N ALA A 168 -16.12 -47.49 47.06
CA ALA A 168 -16.26 -47.20 48.48
C ALA A 168 -17.68 -47.42 48.99
N ASP A 169 -18.57 -47.84 48.10
CA ASP A 169 -19.96 -48.10 48.48
C ASP A 169 -20.33 -49.56 48.33
N LYS A 170 -20.53 -50.24 49.46
CA LYS A 170 -20.87 -51.66 49.45
C LYS A 170 -22.23 -51.94 48.81
N VAL A 171 -23.24 -51.14 49.14
CA VAL A 171 -24.57 -51.32 48.60
C VAL A 171 -24.54 -51.47 47.07
N LEU A 172 -24.11 -50.41 46.39
CA LEU A 172 -24.02 -50.43 44.93
C LEU A 172 -23.06 -51.51 44.45
N MSE A 173 -21.87 -51.53 45.04
CA MSE A 173 -20.84 -52.50 44.67
C MSE A 173 -21.39 -53.92 44.76
O MSE A 173 -21.10 -54.77 43.91
CB MSE A 173 -19.61 -52.36 45.56
CG MSE A 173 -18.33 -52.88 44.95
SE MSE A 173 -17.76 -51.80 43.46
CE MSE A 173 -18.80 -52.63 42.06
N ASP A 174 -22.18 -54.17 45.79
CA ASP A 174 -22.77 -55.48 46.01
C ASP A 174 -23.98 -55.70 45.12
N MSE A 175 -24.46 -54.63 44.49
CA MSE A 175 -25.61 -54.72 43.61
C MSE A 175 -25.24 -55.15 42.20
O MSE A 175 -25.99 -55.88 41.55
CB MSE A 175 -26.34 -53.38 43.56
CG MSE A 175 -27.63 -53.40 42.77
SE MSE A 175 -28.66 -51.77 42.95
CE MSE A 175 -28.44 -51.05 41.18
N PHE A 176 -24.08 -54.70 41.71
CA PHE A 176 -23.64 -55.05 40.37
C PHE A 176 -22.58 -56.15 40.38
N HIS A 177 -22.35 -56.74 39.20
CA HIS A 177 -21.37 -57.80 39.02
C HIS A 177 -21.10 -58.02 37.53
N PRO B 7 2.66 -8.56 64.43
CA PRO B 7 2.84 -9.41 63.24
C PRO B 7 3.34 -8.60 62.05
N TYR B 8 4.20 -9.21 61.25
CA TYR B 8 4.75 -8.54 60.07
C TYR B 8 3.64 -8.01 59.19
N GLU B 9 3.59 -6.69 59.02
CA GLU B 9 2.57 -6.05 58.21
C GLU B 9 3.01 -6.01 56.74
N PHE B 10 2.36 -6.83 55.91
CA PHE B 10 2.67 -6.90 54.50
C PHE B 10 2.45 -5.60 53.75
N PHE B 11 1.21 -5.13 53.72
CA PHE B 11 0.90 -3.89 53.02
C PHE B 11 0.98 -2.64 53.89
N SER B 12 2.15 -2.01 53.86
CA SER B 12 2.40 -0.79 54.63
C SER B 12 3.31 0.11 53.79
N GLU B 13 3.40 1.39 54.16
CA GLU B 13 4.24 2.33 53.43
C GLU B 13 5.71 1.95 53.48
N GLU B 14 6.02 0.86 54.17
CA GLU B 14 7.40 0.40 54.31
C GLU B 14 7.64 -0.94 53.64
N ASN B 15 6.57 -1.70 53.39
CA ASN B 15 6.72 -3.01 52.76
C ASN B 15 5.83 -3.22 51.54
N ALA B 16 4.77 -2.43 51.41
CA ALA B 16 3.85 -2.54 50.28
C ALA B 16 4.57 -2.74 48.94
N PRO B 17 5.54 -1.87 48.63
CA PRO B 17 6.28 -1.98 47.37
C PRO B 17 6.95 -3.34 47.18
N LYS B 18 7.15 -4.05 48.28
CA LYS B 18 7.79 -5.37 48.25
C LYS B 18 6.82 -6.50 47.96
N TRP B 19 5.54 -6.30 48.26
CA TRP B 19 4.55 -7.34 48.04
C TRP B 19 3.48 -7.02 47.00
N ARG B 20 2.77 -5.91 47.19
CA ARG B 20 1.72 -5.53 46.25
C ARG B 20 2.10 -5.75 44.79
N GLY B 21 1.29 -6.52 44.09
CA GLY B 21 1.54 -6.81 42.69
C GLY B 21 2.71 -7.74 42.44
N LEU B 22 3.02 -8.58 43.42
CA LEU B 22 4.12 -9.52 43.29
C LEU B 22 3.65 -10.89 42.81
N LEU B 23 2.47 -11.29 43.25
CA LEU B 23 1.92 -12.58 42.87
C LEU B 23 1.00 -12.49 41.66
N VAL B 24 0.49 -11.29 41.37
CA VAL B 24 -0.40 -11.09 40.23
C VAL B 24 0.18 -11.70 38.95
N PRO B 25 1.44 -11.39 38.63
CA PRO B 25 2.06 -11.93 37.42
C PRO B 25 1.97 -13.46 37.37
N ALA B 26 2.06 -14.08 38.54
CA ALA B 26 1.99 -15.53 38.65
C ALA B 26 0.54 -16.01 38.60
N LEU B 27 -0.32 -15.39 39.40
CA LEU B 27 -1.73 -15.75 39.44
C LEU B 27 -2.33 -15.79 38.05
N LYS B 28 -1.84 -14.90 37.18
CA LYS B 28 -2.30 -14.85 35.79
C LYS B 28 -2.03 -16.22 35.19
N LYS B 29 -0.79 -16.69 35.36
CA LYS B 29 -0.37 -17.98 34.86
C LYS B 29 -1.21 -19.11 35.42
N VAL B 30 -1.28 -19.19 36.74
CA VAL B 30 -2.05 -20.22 37.41
C VAL B 30 -3.48 -20.29 36.90
N GLN B 31 -4.15 -19.15 36.84
CA GLN B 31 -5.53 -19.09 36.36
C GLN B 31 -5.59 -19.58 34.91
N GLY B 32 -4.43 -19.62 34.27
CA GLY B 32 -4.38 -20.07 32.89
C GLY B 32 -4.26 -21.59 32.83
N GLN B 33 -3.62 -22.15 33.86
CA GLN B 33 -3.42 -23.59 33.95
C GLN B 33 -4.77 -24.23 34.31
N VAL B 34 -5.53 -23.53 35.13
CA VAL B 34 -6.83 -23.99 35.57
C VAL B 34 -7.92 -23.72 34.54
N HIS B 35 -8.02 -22.46 34.11
CA HIS B 35 -9.03 -22.08 33.12
C HIS B 35 -8.44 -21.28 31.97
N PRO B 36 -7.92 -21.97 30.94
CA PRO B 36 -7.34 -21.30 29.78
C PRO B 36 -8.34 -20.39 29.08
N THR B 37 -9.58 -20.85 28.97
CA THR B 37 -10.65 -20.10 28.33
C THR B 37 -10.92 -18.76 29.00
N LEU B 38 -11.12 -18.79 30.32
CA LEU B 38 -11.41 -17.58 31.07
C LEU B 38 -10.28 -16.56 30.98
N GLU B 39 -10.62 -15.29 31.10
CA GLU B 39 -9.63 -14.21 31.03
C GLU B 39 -9.35 -13.66 32.42
N SER B 40 -8.14 -13.14 32.62
CA SER B 40 -7.72 -12.58 33.90
C SER B 40 -8.48 -11.29 34.24
N ASN B 41 -8.06 -10.67 35.34
CA ASN B 41 -8.68 -9.42 35.81
C ASN B 41 -7.95 -8.94 37.06
N ASP B 42 -6.96 -8.08 36.87
CA ASP B 42 -6.16 -7.54 37.96
C ASP B 42 -6.94 -7.33 39.25
N ASP B 43 -7.97 -6.48 39.20
CA ASP B 43 -8.80 -6.19 40.36
C ASP B 43 -9.06 -7.42 41.21
N ALA B 44 -9.34 -8.55 40.54
CA ALA B 44 -9.61 -9.80 41.23
C ALA B 44 -8.31 -10.48 41.64
N LEU B 45 -7.45 -10.72 40.66
CA LEU B 45 -6.17 -11.38 40.91
C LEU B 45 -5.38 -10.71 42.03
N GLN B 46 -5.68 -9.45 42.30
CA GLN B 46 -4.99 -8.74 43.38
C GLN B 46 -5.62 -9.12 44.72
N TYR B 47 -6.94 -9.14 44.76
CA TYR B 47 -7.67 -9.52 45.97
C TYR B 47 -7.22 -10.90 46.41
N VAL B 48 -6.90 -11.75 45.44
CA VAL B 48 -6.44 -13.10 45.71
C VAL B 48 -5.04 -13.02 46.33
N GLU B 49 -4.26 -12.04 45.87
CA GLU B 49 -2.90 -11.84 46.36
C GLU B 49 -2.91 -11.55 47.85
N GLU B 50 -3.79 -10.65 48.28
CA GLU B 50 -3.89 -10.29 49.68
C GLU B 50 -4.19 -11.53 50.49
N LEU B 51 -5.18 -12.30 50.04
CA LEU B 51 -5.58 -13.53 50.71
C LEU B 51 -4.42 -14.50 50.84
N ILE B 52 -3.79 -14.81 49.70
CA ILE B 52 -2.66 -15.73 49.70
C ILE B 52 -1.53 -15.22 50.59
N LEU B 53 -1.54 -13.92 50.87
CA LEU B 53 -0.52 -13.31 51.72
C LEU B 53 -0.93 -13.42 53.19
N GLN B 54 -2.22 -13.23 53.46
CA GLN B 54 -2.72 -13.34 54.82
C GLN B 54 -2.71 -14.80 55.23
N LEU B 55 -2.48 -15.67 54.24
CA LEU B 55 -2.40 -17.10 54.47
C LEU B 55 -0.93 -17.41 54.71
N LEU B 56 -0.07 -16.71 53.98
CA LEU B 56 1.37 -16.87 54.11
C LEU B 56 1.77 -16.36 55.49
N ASN B 57 1.22 -15.22 55.86
CA ASN B 57 1.51 -14.60 57.14
C ASN B 57 1.13 -15.58 58.26
N MSE B 58 -0.06 -16.15 58.15
CA MSE B 58 -0.56 -17.10 59.14
C MSE B 58 0.36 -18.31 59.17
O MSE B 58 0.75 -18.79 60.23
CB MSE B 58 -1.99 -17.52 58.79
CG MSE B 58 -2.63 -18.50 59.76
SE MSE B 58 -2.02 -20.33 59.56
CE MSE B 58 -3.17 -20.87 58.11
N LEU B 59 0.70 -18.82 57.98
CA LEU B 59 1.56 -19.98 57.86
C LEU B 59 2.94 -19.66 58.46
N CYS B 60 3.25 -18.37 58.52
CA CYS B 60 4.53 -17.92 59.07
C CYS B 60 4.42 -17.63 60.57
N GLN B 61 3.22 -17.29 61.03
CA GLN B 61 2.99 -17.00 62.44
C GLN B 61 3.23 -18.23 63.30
N ALA B 62 3.76 -19.28 62.68
CA ALA B 62 4.05 -20.53 63.39
C ALA B 62 5.57 -20.64 63.56
N GLN B 63 6.29 -19.96 62.67
CA GLN B 63 7.75 -19.94 62.68
C GLN B 63 8.38 -21.25 62.22
N PRO B 64 8.17 -21.62 60.94
CA PRO B 64 8.73 -22.86 60.39
C PRO B 64 10.26 -22.84 60.45
N ARG B 65 10.82 -23.56 61.41
CA ARG B 65 12.27 -23.63 61.57
C ARG B 65 12.88 -24.53 60.49
N SER B 66 12.04 -25.33 59.86
CA SER B 66 12.48 -26.23 58.80
C SER B 66 11.33 -26.67 57.92
N ALA B 67 11.63 -27.46 56.89
CA ALA B 67 10.62 -27.93 55.95
C ALA B 67 9.43 -28.61 56.63
N SER B 68 9.73 -29.50 57.57
CA SER B 68 8.70 -30.23 58.30
C SER B 68 7.76 -29.30 59.07
N ASP B 69 8.34 -28.33 59.77
CA ASP B 69 7.56 -27.38 60.56
C ASP B 69 6.43 -26.73 59.77
N VAL B 70 6.52 -26.78 58.45
CA VAL B 70 5.49 -26.20 57.59
C VAL B 70 4.34 -27.20 57.43
N GLU B 71 4.69 -28.41 57.01
CA GLU B 71 3.70 -29.47 56.81
C GLU B 71 2.87 -29.67 58.08
N GLU B 72 3.56 -29.80 59.21
CA GLU B 72 2.91 -30.00 60.49
C GLU B 72 1.94 -28.86 60.76
N ARG B 73 2.31 -27.67 60.32
CA ARG B 73 1.47 -26.49 60.51
C ARG B 73 0.20 -26.58 59.68
N VAL B 74 0.32 -27.17 58.50
CA VAL B 74 -0.83 -27.32 57.61
C VAL B 74 -1.87 -28.25 58.21
N GLN B 75 -1.42 -29.39 58.73
CA GLN B 75 -2.32 -30.37 59.33
C GLN B 75 -3.13 -29.80 60.50
N LYS B 76 -2.75 -28.61 60.97
CA LYS B 76 -3.45 -27.98 62.08
C LYS B 76 -4.34 -26.82 61.68
N SER B 77 -3.88 -26.02 60.72
CA SER B 77 -4.64 -24.86 60.27
C SER B 77 -5.53 -25.17 59.05
N PHE B 78 -5.03 -26.00 58.15
CA PHE B 78 -5.77 -26.36 56.95
C PHE B 78 -6.89 -27.37 57.22
N PRO B 79 -8.14 -27.00 56.91
CA PRO B 79 -9.29 -27.88 57.10
C PRO B 79 -9.09 -29.14 56.26
N HIS B 80 -10.04 -30.06 56.36
CA HIS B 80 -10.02 -31.32 55.62
C HIS B 80 -10.91 -30.98 54.42
N PRO B 81 -10.69 -31.58 53.22
CA PRO B 81 -9.78 -32.55 52.60
C PRO B 81 -8.46 -31.80 52.40
N ILE B 82 -8.66 -30.59 51.91
CA ILE B 82 -7.66 -29.59 51.58
C ILE B 82 -6.31 -29.66 52.31
N ASP B 83 -6.32 -30.00 53.59
CA ASP B 83 -5.08 -30.09 54.35
C ASP B 83 -4.21 -31.23 53.82
N LYS B 84 -4.84 -32.38 53.57
CA LYS B 84 -4.13 -33.56 53.09
C LYS B 84 -3.58 -33.45 51.67
N TRP B 85 -4.17 -32.58 50.85
CA TRP B 85 -3.70 -32.41 49.48
C TRP B 85 -2.64 -31.32 49.40
N ALA B 86 -2.92 -30.20 50.05
CA ALA B 86 -1.99 -29.07 50.07
C ALA B 86 -0.60 -29.54 50.46
N ILE B 87 -0.55 -30.65 51.21
CA ILE B 87 0.71 -31.22 51.65
C ILE B 87 1.25 -32.18 50.60
N ALA B 88 0.38 -33.06 50.11
CA ALA B 88 0.78 -34.03 49.09
C ALA B 88 1.33 -33.29 47.87
N ASP B 89 0.95 -32.03 47.74
CA ASP B 89 1.40 -31.20 46.63
C ASP B 89 2.69 -30.49 46.98
N ALA B 90 2.76 -29.97 48.19
CA ALA B 90 3.96 -29.27 48.66
C ALA B 90 5.14 -30.23 48.76
N GLN B 91 4.94 -31.36 49.44
CA GLN B 91 5.98 -32.35 49.61
C GLN B 91 6.41 -32.90 48.25
N SER B 92 5.59 -32.66 47.24
CA SER B 92 5.88 -33.12 45.89
C SER B 92 6.79 -32.12 45.18
N ALA B 93 6.62 -30.85 45.52
CA ALA B 93 7.43 -29.78 44.91
C ALA B 93 8.87 -29.83 45.39
N ILE B 94 9.07 -30.22 46.64
CA ILE B 94 10.41 -30.29 47.21
C ILE B 94 11.16 -31.54 46.76
N GLU B 95 10.47 -32.43 46.03
CA GLU B 95 11.09 -33.65 45.55
C GLU B 95 11.47 -33.56 44.08
N LYS B 96 11.24 -32.38 43.48
CA LYS B 96 11.58 -32.14 42.08
C LYS B 96 11.12 -33.26 41.17
N ARG B 97 9.87 -33.22 40.72
CA ARG B 97 9.35 -34.25 39.82
C ARG B 97 8.21 -33.79 38.93
N LYS B 98 8.05 -34.48 37.81
CA LYS B 98 7.03 -34.19 36.80
C LYS B 98 5.75 -33.52 37.29
N ARG B 99 5.33 -32.47 36.58
CA ARG B 99 4.12 -31.73 36.87
C ARG B 99 3.65 -31.08 35.57
N ARG B 100 2.41 -31.35 35.19
CA ARG B 100 1.85 -30.79 33.96
C ARG B 100 1.83 -29.27 33.96
N ASN B 101 1.52 -28.68 35.11
CA ASN B 101 1.47 -27.22 35.24
C ASN B 101 2.52 -26.78 36.26
N PRO B 102 3.74 -26.50 35.78
CA PRO B 102 4.88 -26.06 36.62
C PRO B 102 4.55 -24.98 37.64
N LEU B 103 5.29 -25.00 38.76
CA LEU B 103 5.10 -24.02 39.82
C LEU B 103 5.33 -22.63 39.22
N SER B 104 4.35 -21.75 39.35
CA SER B 104 4.46 -20.41 38.78
C SER B 104 4.87 -19.28 39.73
N LEU B 105 4.45 -19.35 40.99
CA LEU B 105 4.77 -18.30 41.95
C LEU B 105 6.27 -18.02 42.09
N PRO B 106 6.62 -16.74 42.30
CA PRO B 106 7.99 -16.25 42.45
C PRO B 106 8.73 -16.86 43.64
N VAL B 107 9.08 -18.14 43.54
CA VAL B 107 9.79 -18.83 44.60
C VAL B 107 11.10 -18.14 44.93
N GLU B 108 11.76 -17.59 43.91
CA GLU B 108 13.02 -16.90 44.08
C GLU B 108 12.86 -15.49 44.65
N LYS B 109 11.73 -14.85 44.35
CA LYS B 109 11.47 -13.51 44.84
C LYS B 109 10.91 -13.54 46.26
N ILE B 110 10.35 -14.68 46.65
CA ILE B 110 9.77 -14.84 47.98
C ILE B 110 10.78 -15.26 49.04
N HIS B 111 11.58 -16.28 48.73
CA HIS B 111 12.59 -16.78 49.65
C HIS B 111 13.26 -15.66 50.45
N PRO B 112 13.84 -14.67 49.77
CA PRO B 112 14.49 -13.56 50.49
C PRO B 112 13.53 -12.83 51.41
N LEU B 113 12.34 -12.51 50.87
CA LEU B 113 11.32 -11.81 51.64
C LEU B 113 10.87 -12.58 52.88
N LEU B 114 11.07 -13.88 52.86
CA LEU B 114 10.69 -14.72 54.00
C LEU B 114 11.61 -14.48 55.20
N LYS B 115 12.88 -14.24 54.93
CA LYS B 115 13.85 -13.98 55.99
C LYS B 115 13.51 -12.68 56.69
N GLU B 116 12.69 -11.86 56.02
CA GLU B 116 12.27 -10.58 56.58
C GLU B 116 10.95 -10.72 57.31
N VAL B 117 10.15 -11.72 56.91
CA VAL B 117 8.86 -11.98 57.53
C VAL B 117 9.06 -12.84 58.77
N LEU B 118 9.95 -13.81 58.66
CA LEU B 118 10.24 -14.72 59.77
C LEU B 118 11.19 -14.06 60.77
N GLY B 119 12.24 -13.41 60.25
CA GLY B 119 13.19 -12.74 61.11
C GLY B 119 14.49 -13.50 61.29
N TYR B 120 14.59 -14.66 60.64
CA TYR B 120 15.80 -15.48 60.74
C TYR B 120 16.07 -16.24 59.44
N LYS B 121 17.28 -16.79 59.33
CA LYS B 121 17.68 -17.52 58.13
C LYS B 121 16.97 -18.87 58.05
N ILE B 122 16.52 -19.22 56.85
CA ILE B 122 15.84 -20.49 56.61
C ILE B 122 16.37 -21.12 55.33
N ASP B 123 16.38 -22.45 55.29
CA ASP B 123 16.85 -23.16 54.12
C ASP B 123 16.00 -22.78 52.91
N HIS B 124 16.53 -23.01 51.71
CA HIS B 124 15.81 -22.69 50.49
C HIS B 124 14.67 -23.67 50.23
N GLN B 125 14.75 -24.85 50.84
CA GLN B 125 13.72 -25.86 50.66
C GLN B 125 12.43 -25.47 51.38
N VAL B 126 12.56 -24.68 52.44
CA VAL B 126 11.40 -24.22 53.20
C VAL B 126 10.54 -23.30 52.35
N SER B 127 11.18 -22.36 51.66
CA SER B 127 10.49 -21.42 50.80
C SER B 127 9.73 -22.17 49.71
N VAL B 128 10.37 -23.19 49.15
CA VAL B 128 9.74 -23.99 48.09
C VAL B 128 8.45 -24.61 48.61
N TYR B 129 8.50 -25.18 49.80
CA TYR B 129 7.34 -25.82 50.40
C TYR B 129 6.27 -24.76 50.65
N ILE B 130 6.67 -23.67 51.32
CA ILE B 130 5.75 -22.59 51.64
C ILE B 130 5.08 -22.00 50.39
N VAL B 131 5.85 -21.87 49.32
CA VAL B 131 5.30 -21.33 48.08
C VAL B 131 4.46 -22.38 47.36
N ALA B 132 4.90 -23.63 47.42
CA ALA B 132 4.17 -24.72 46.78
C ALA B 132 2.77 -24.82 47.37
N VAL B 133 2.66 -24.45 48.64
CA VAL B 133 1.38 -24.47 49.34
C VAL B 133 0.58 -23.22 48.98
N LEU B 134 1.25 -22.08 48.97
CA LEU B 134 0.61 -20.82 48.63
C LEU B 134 0.01 -20.86 47.23
N GLU B 135 0.58 -21.71 46.38
CA GLU B 135 0.11 -21.84 45.01
C GLU B 135 -1.08 -22.79 44.95
N TYR B 136 -1.09 -23.79 45.83
CA TYR B 136 -2.18 -24.75 45.85
C TYR B 136 -3.48 -24.02 46.20
N ILE B 137 -3.53 -23.45 47.39
CA ILE B 137 -4.70 -22.72 47.84
C ILE B 137 -4.98 -21.59 46.86
N SER B 138 -3.96 -21.22 46.10
CA SER B 138 -4.09 -20.17 45.10
C SER B 138 -4.82 -20.73 43.88
N ALA B 139 -4.30 -21.83 43.36
CA ALA B 139 -4.89 -22.49 42.20
C ALA B 139 -6.25 -23.05 42.58
N ASP B 140 -6.47 -23.26 43.87
CA ASP B 140 -7.74 -23.78 44.36
C ASP B 140 -8.81 -22.72 44.26
N ILE B 141 -8.56 -21.56 44.87
CA ILE B 141 -9.51 -20.46 44.83
C ILE B 141 -9.93 -20.18 43.40
N LEU B 142 -8.96 -20.27 42.48
CA LEU B 142 -9.23 -20.03 41.07
C LEU B 142 -10.12 -21.11 40.49
N LYS B 143 -9.76 -22.38 40.69
CA LYS B 143 -10.56 -23.48 40.19
C LYS B 143 -12.03 -23.28 40.54
N LEU B 144 -12.27 -23.01 41.82
CA LEU B 144 -13.62 -22.79 42.32
C LEU B 144 -14.28 -21.61 41.61
N ALA B 145 -13.75 -20.41 41.87
CA ALA B 145 -14.27 -19.19 41.27
C ALA B 145 -14.41 -19.34 39.76
N GLY B 146 -13.37 -19.84 39.13
CA GLY B 146 -13.40 -20.02 37.68
C GLY B 146 -14.55 -20.92 37.27
N ASN B 147 -14.62 -22.10 37.88
CA ASN B 147 -15.69 -23.04 37.57
C ASN B 147 -17.04 -22.36 37.75
N TYR B 148 -17.18 -21.58 38.81
CA TYR B 148 -18.42 -20.86 39.09
C TYR B 148 -18.77 -19.99 37.89
N VAL B 149 -17.76 -19.30 37.36
CA VAL B 149 -17.95 -18.43 36.22
C VAL B 149 -18.48 -19.20 35.02
N ARG B 150 -17.75 -20.23 34.61
CA ARG B 150 -18.14 -21.05 33.47
C ARG B 150 -19.54 -21.64 33.64
N ASN B 151 -20.01 -21.71 34.88
CA ASN B 151 -21.33 -22.25 35.15
C ASN B 151 -22.41 -21.27 34.74
N ILE B 152 -22.12 -19.98 34.93
CA ILE B 152 -23.07 -18.93 34.58
C ILE B 152 -22.78 -18.32 33.21
N ARG B 153 -21.76 -18.85 32.54
CA ARG B 153 -21.38 -18.37 31.22
C ARG B 153 -20.89 -16.92 31.29
N HIS B 154 -19.62 -16.71 31.61
CA HIS B 154 -19.08 -15.36 31.71
C HIS B 154 -17.70 -15.16 31.09
N TYR B 155 -16.92 -16.24 31.04
CA TYR B 155 -15.58 -16.19 30.46
C TYR B 155 -14.65 -15.16 31.11
N GLU B 156 -15.01 -14.68 32.29
CA GLU B 156 -14.19 -13.70 32.99
C GLU B 156 -14.35 -13.82 34.50
N ILE B 157 -13.23 -13.90 35.21
CA ILE B 157 -13.26 -14.03 36.67
C ILE B 157 -13.08 -12.68 37.36
N THR B 158 -14.19 -11.99 37.59
CA THR B 158 -14.16 -10.69 38.26
C THR B 158 -13.83 -10.91 39.73
N LYS B 159 -13.76 -9.83 40.51
CA LYS B 159 -13.47 -9.94 41.93
C LYS B 159 -14.65 -10.54 42.67
N GLN B 160 -15.84 -10.00 42.42
CA GLN B 160 -17.06 -10.47 43.05
C GLN B 160 -17.27 -11.96 42.76
N ASP B 161 -16.97 -12.37 41.53
CA ASP B 161 -17.12 -13.76 41.14
C ASP B 161 -16.34 -14.66 42.09
N ILE B 162 -15.20 -14.15 42.56
CA ILE B 162 -14.38 -14.90 43.50
C ILE B 162 -15.03 -14.90 44.88
N LYS B 163 -15.63 -13.78 45.24
CA LYS B 163 -16.29 -13.65 46.54
C LYS B 163 -17.49 -14.58 46.62
N VAL B 164 -18.42 -14.42 45.69
CA VAL B 164 -19.63 -15.24 45.65
C VAL B 164 -19.33 -16.73 45.58
N ALA B 165 -18.38 -17.11 44.72
CA ALA B 165 -18.01 -18.50 44.54
C ALA B 165 -17.24 -19.05 45.74
N MSE B 166 -16.54 -18.16 46.44
CA MSE B 166 -15.75 -18.56 47.60
C MSE B 166 -16.60 -18.72 48.84
O MSE B 166 -16.17 -19.33 49.83
CB MSE B 166 -14.63 -17.55 47.84
CG MSE B 166 -13.63 -17.94 48.90
SE MSE B 166 -11.94 -17.05 48.62
CE MSE B 166 -12.51 -15.23 48.85
N CYS B 167 -17.81 -18.18 48.80
CA CYS B 167 -18.74 -18.29 49.93
C CYS B 167 -19.56 -19.57 49.83
N ALA B 168 -19.80 -20.00 48.59
CA ALA B 168 -20.57 -21.22 48.36
C ALA B 168 -19.74 -22.43 48.76
N ASP B 169 -18.44 -22.23 48.91
CA ASP B 169 -17.53 -23.30 49.30
C ASP B 169 -17.19 -23.19 50.77
N LYS B 170 -17.50 -24.23 51.53
CA LYS B 170 -17.26 -24.26 52.96
C LYS B 170 -15.80 -24.45 53.36
N VAL B 171 -15.06 -25.26 52.60
CA VAL B 171 -13.66 -25.51 52.90
C VAL B 171 -12.85 -24.21 52.94
N LEU B 172 -12.84 -23.49 51.82
CA LEU B 172 -12.12 -22.23 51.74
C LEU B 172 -12.68 -21.22 52.73
N MSE B 173 -14.00 -21.21 52.87
CA MSE B 173 -14.67 -20.30 53.78
C MSE B 173 -14.22 -20.57 55.21
O MSE B 173 -13.89 -19.64 55.95
CB MSE B 173 -16.18 -20.47 53.68
CG MSE B 173 -16.97 -19.28 54.15
SE MSE B 173 -16.53 -17.71 53.10
CE MSE B 173 -15.84 -16.60 54.51
N ASP B 174 -14.21 -21.84 55.59
CA ASP B 174 -13.79 -22.24 56.94
C ASP B 174 -12.28 -22.09 57.05
N MSE B 175 -11.71 -21.26 56.17
CA MSE B 175 -10.27 -21.02 56.14
C MSE B 175 -9.97 -19.55 55.87
O MSE B 175 -8.88 -19.07 56.17
CB MSE B 175 -9.62 -21.88 55.07
CG MSE B 175 -8.10 -21.90 55.12
SE MSE B 175 -7.30 -22.65 53.52
CE MSE B 175 -8.31 -24.30 53.43
N PHE B 176 -10.94 -18.84 55.30
CA PHE B 176 -10.76 -17.43 54.99
C PHE B 176 -11.86 -16.49 55.48
N HIS B 177 -12.68 -16.96 56.42
CA HIS B 177 -13.75 -16.12 56.97
C HIS B 177 -13.08 -15.21 57.99
N GLN B 178 -11.93 -14.65 57.60
CA GLN B 178 -11.17 -13.77 58.47
C GLN B 178 -10.53 -12.65 57.65
N PHE C 10 -38.45 -23.06 6.75
CA PHE C 10 -37.99 -21.66 6.95
C PHE C 10 -37.36 -21.05 5.69
N PHE C 11 -36.67 -21.88 4.92
CA PHE C 11 -36.01 -21.40 3.71
C PHE C 11 -36.63 -21.91 2.41
N SER C 12 -37.95 -21.98 2.39
CA SER C 12 -38.66 -22.43 1.19
C SER C 12 -38.72 -21.25 0.22
N GLU C 13 -38.72 -21.54 -1.08
CA GLU C 13 -38.77 -20.50 -2.09
C GLU C 13 -39.94 -19.54 -1.91
N GLU C 14 -40.81 -19.84 -0.96
CA GLU C 14 -41.97 -19.01 -0.67
C GLU C 14 -41.80 -18.18 0.59
N ASN C 15 -41.13 -18.74 1.59
CA ASN C 15 -40.92 -18.05 2.85
C ASN C 15 -39.48 -17.58 3.05
N ALA C 16 -38.57 -18.08 2.22
CA ALA C 16 -37.16 -17.71 2.31
C ALA C 16 -36.95 -16.20 2.48
N PRO C 17 -37.56 -15.40 1.60
CA PRO C 17 -37.42 -13.94 1.66
C PRO C 17 -37.96 -13.33 2.97
N LYS C 18 -38.66 -14.13 3.76
CA LYS C 18 -39.23 -13.66 5.00
C LYS C 18 -38.31 -13.81 6.21
N TRP C 19 -37.29 -14.66 6.09
CA TRP C 19 -36.36 -14.88 7.18
C TRP C 19 -34.92 -14.50 6.87
N ARG C 20 -34.52 -14.67 5.61
CA ARG C 20 -33.17 -14.33 5.19
C ARG C 20 -32.78 -12.92 5.64
N GLY C 21 -31.68 -12.82 6.37
CA GLY C 21 -31.21 -11.53 6.84
C GLY C 21 -32.18 -10.80 7.73
N LEU C 22 -33.19 -11.51 8.23
CA LEU C 22 -34.18 -10.90 9.11
C LEU C 22 -33.63 -10.68 10.51
N LEU C 23 -32.81 -11.62 10.97
CA LEU C 23 -32.21 -11.55 12.29
C LEU C 23 -30.80 -10.98 12.25
N VAL C 24 -30.17 -11.03 11.08
CA VAL C 24 -28.81 -10.54 10.90
C VAL C 24 -28.56 -9.16 11.53
N PRO C 25 -29.43 -8.17 11.23
CA PRO C 25 -29.25 -6.84 11.80
C PRO C 25 -29.17 -6.83 13.33
N ALA C 26 -30.01 -7.65 13.96
CA ALA C 26 -30.05 -7.74 15.41
C ALA C 26 -28.79 -8.42 15.97
N LEU C 27 -28.46 -9.58 15.42
CA LEU C 27 -27.29 -10.33 15.86
C LEU C 27 -26.02 -9.48 15.69
N LYS C 28 -26.06 -8.57 14.73
CA LYS C 28 -24.93 -7.69 14.48
C LYS C 28 -24.85 -6.69 15.63
N LYS C 29 -26.00 -6.46 16.26
CA LYS C 29 -26.09 -5.56 17.40
C LYS C 29 -25.65 -6.31 18.65
N VAL C 30 -25.97 -7.60 18.68
CA VAL C 30 -25.62 -8.46 19.81
C VAL C 30 -24.11 -8.65 19.90
N GLN C 31 -23.49 -9.01 18.79
CA GLN C 31 -22.05 -9.21 18.74
C GLN C 31 -21.35 -7.90 19.11
N GLY C 32 -22.12 -6.83 19.13
CA GLY C 32 -21.57 -5.53 19.50
C GLY C 32 -21.64 -5.36 21.00
N GLN C 33 -22.71 -5.88 21.59
CA GLN C 33 -22.89 -5.81 23.04
C GLN C 33 -21.89 -6.76 23.68
N VAL C 34 -21.86 -8.00 23.19
CA VAL C 34 -20.97 -9.02 23.70
C VAL C 34 -19.50 -8.63 23.57
N HIS C 35 -19.07 -8.33 22.34
CA HIS C 35 -17.68 -7.95 22.10
C HIS C 35 -17.55 -6.64 21.33
N PRO C 36 -17.42 -5.51 22.05
CA PRO C 36 -17.28 -4.20 21.42
C PRO C 36 -16.02 -4.10 20.57
N THR C 37 -15.07 -5.00 20.82
CA THR C 37 -13.81 -5.01 20.09
C THR C 37 -13.91 -5.76 18.76
N LEU C 38 -14.15 -7.06 18.85
CA LEU C 38 -14.26 -7.90 17.66
C LEU C 38 -15.16 -7.31 16.58
N GLU C 39 -14.89 -7.67 15.33
CA GLU C 39 -15.67 -7.19 14.20
C GLU C 39 -16.73 -8.20 13.78
N SER C 40 -17.74 -7.71 13.06
CA SER C 40 -18.82 -8.56 12.57
C SER C 40 -18.44 -9.23 11.27
N ASN C 41 -19.34 -10.05 10.75
CA ASN C 41 -19.13 -10.75 9.49
C ASN C 41 -20.49 -11.29 9.04
N ASP C 42 -21.18 -10.51 8.22
CA ASP C 42 -22.50 -10.88 7.72
C ASP C 42 -22.62 -12.36 7.38
N ASP C 43 -21.54 -12.95 6.88
CA ASP C 43 -21.55 -14.36 6.52
C ASP C 43 -21.67 -15.23 7.77
N ALA C 44 -20.95 -14.85 8.81
CA ALA C 44 -20.97 -15.58 10.07
C ALA C 44 -22.33 -15.42 10.74
N LEU C 45 -22.77 -14.17 10.89
CA LEU C 45 -24.06 -13.88 11.50
C LEU C 45 -25.17 -14.50 10.65
N GLN C 46 -24.86 -14.77 9.39
CA GLN C 46 -25.80 -15.37 8.47
C GLN C 46 -25.90 -16.85 8.81
N TYR C 47 -24.95 -17.32 9.60
CA TYR C 47 -24.90 -18.72 10.02
C TYR C 47 -25.63 -18.83 11.36
N VAL C 48 -25.33 -17.93 12.27
CA VAL C 48 -25.97 -17.92 13.58
C VAL C 48 -27.47 -17.89 13.39
N GLU C 49 -27.91 -17.08 12.43
CA GLU C 49 -29.34 -16.95 12.12
C GLU C 49 -29.89 -18.30 11.68
N GLU C 50 -29.21 -18.93 10.72
CA GLU C 50 -29.64 -20.23 10.21
C GLU C 50 -29.78 -21.21 11.37
N LEU C 51 -28.99 -21.01 12.43
CA LEU C 51 -29.03 -21.85 13.61
C LEU C 51 -30.21 -21.44 14.48
N ILE C 52 -30.25 -20.16 14.84
CA ILE C 52 -31.32 -19.63 15.68
C ILE C 52 -32.68 -19.95 15.09
N LEU C 53 -32.76 -20.00 13.77
CA LEU C 53 -34.01 -20.31 13.09
C LEU C 53 -34.29 -21.81 13.24
N GLN C 54 -33.25 -22.62 13.12
CA GLN C 54 -33.38 -24.06 13.24
C GLN C 54 -33.90 -24.36 14.65
N LEU C 55 -33.56 -23.47 15.59
CA LEU C 55 -33.99 -23.61 16.97
C LEU C 55 -35.45 -23.23 17.10
N LEU C 56 -35.81 -22.08 16.53
CA LEU C 56 -37.18 -21.60 16.58
C LEU C 56 -38.14 -22.66 16.06
N ASN C 57 -37.81 -23.25 14.92
CA ASN C 57 -38.62 -24.28 14.31
C ASN C 57 -38.83 -25.45 15.26
N MSE C 58 -37.80 -25.72 16.08
CA MSE C 58 -37.86 -26.81 17.04
C MSE C 58 -38.82 -26.50 18.18
O MSE C 58 -39.53 -27.38 18.66
CB MSE C 58 -36.45 -27.09 17.59
CG MSE C 58 -36.37 -28.23 18.59
SE MSE C 58 -36.61 -27.68 20.42
CE MSE C 58 -34.75 -27.49 20.91
N LEU C 59 -38.86 -25.24 18.60
CA LEU C 59 -39.75 -24.81 19.67
C LEU C 59 -41.20 -24.79 19.19
N CYS C 60 -41.37 -24.44 17.92
CA CYS C 60 -42.71 -24.38 17.32
C CYS C 60 -43.27 -25.76 17.04
N GLN C 61 -42.44 -26.79 17.24
CA GLN C 61 -42.88 -28.16 17.01
C GLN C 61 -43.80 -28.62 18.14
N ALA C 62 -43.54 -28.13 19.34
CA ALA C 62 -44.35 -28.48 20.50
C ALA C 62 -45.65 -27.68 20.50
N GLN C 63 -45.85 -26.93 19.42
CA GLN C 63 -47.05 -26.11 19.27
C GLN C 63 -47.42 -25.38 20.57
N PRO C 64 -46.47 -24.60 21.12
CA PRO C 64 -46.70 -23.86 22.36
C PRO C 64 -47.91 -22.94 22.27
N ARG C 65 -48.79 -23.01 23.26
CA ARG C 65 -49.98 -22.17 23.28
C ARG C 65 -49.75 -20.86 24.01
N SER C 66 -49.37 -20.95 25.28
CA SER C 66 -49.13 -19.76 26.10
C SER C 66 -47.67 -19.64 26.48
N ALA C 67 -47.37 -18.69 27.37
CA ALA C 67 -46.01 -18.45 27.83
C ALA C 67 -45.42 -19.70 28.49
N SER C 68 -46.14 -20.25 29.45
CA SER C 68 -45.70 -21.44 30.17
C SER C 68 -45.41 -22.59 29.21
N ASP C 69 -46.33 -22.84 28.29
CA ASP C 69 -46.19 -23.92 27.32
C ASP C 69 -44.79 -23.97 26.71
N VAL C 70 -44.18 -22.79 26.53
CA VAL C 70 -42.84 -22.71 25.97
C VAL C 70 -41.81 -23.06 27.04
N GLU C 71 -41.95 -22.44 28.21
CA GLU C 71 -41.04 -22.68 29.32
C GLU C 71 -40.79 -24.17 29.53
N GLU C 72 -41.85 -24.96 29.51
CA GLU C 72 -41.74 -26.40 29.69
C GLU C 72 -40.85 -27.02 28.62
N ARG C 73 -41.16 -26.75 27.36
CA ARG C 73 -40.38 -27.28 26.25
C ARG C 73 -38.89 -27.00 26.46
N VAL C 74 -38.58 -25.78 26.84
CA VAL C 74 -37.20 -25.37 27.09
C VAL C 74 -36.64 -26.12 28.30
N GLN C 75 -37.40 -26.12 29.40
CA GLN C 75 -36.98 -26.78 30.63
C GLN C 75 -36.86 -28.29 30.44
N LYS C 76 -37.11 -28.78 29.23
CA LYS C 76 -37.02 -30.21 28.96
C LYS C 76 -36.00 -30.56 27.87
N SER C 77 -35.75 -29.64 26.96
CA SER C 77 -34.80 -29.88 25.87
C SER C 77 -33.46 -29.19 26.10
N PHE C 78 -33.51 -27.90 26.47
CA PHE C 78 -32.31 -27.12 26.71
C PHE C 78 -31.40 -27.76 27.76
N PRO C 79 -30.15 -28.07 27.39
CA PRO C 79 -29.16 -28.68 28.29
C PRO C 79 -28.86 -27.82 29.51
N HIS C 80 -28.55 -28.48 30.63
CA HIS C 80 -28.20 -27.80 31.88
C HIS C 80 -26.82 -27.18 31.69
N PRO C 81 -26.58 -25.93 32.15
CA PRO C 81 -27.24 -24.82 32.85
C PRO C 81 -28.19 -24.03 31.97
N ILE C 82 -27.83 -23.93 30.70
CA ILE C 82 -28.60 -23.18 29.75
C ILE C 82 -30.11 -23.16 29.96
N ASP C 83 -30.74 -24.34 30.10
CA ASP C 83 -32.19 -24.39 30.32
C ASP C 83 -32.64 -23.46 31.44
N LYS C 84 -32.00 -23.59 32.60
CA LYS C 84 -32.33 -22.77 33.76
C LYS C 84 -32.15 -21.29 33.42
N TRP C 85 -30.94 -20.94 32.99
CA TRP C 85 -30.61 -19.56 32.64
C TRP C 85 -31.52 -19.00 31.57
N ALA C 86 -31.79 -19.79 30.52
CA ALA C 86 -32.64 -19.37 29.42
C ALA C 86 -34.00 -18.91 29.93
N ILE C 87 -34.70 -19.80 30.64
CA ILE C 87 -36.01 -19.47 31.19
C ILE C 87 -35.93 -18.24 32.09
N ALA C 88 -34.95 -18.25 32.99
CA ALA C 88 -34.77 -17.15 33.94
C ALA C 88 -34.69 -15.80 33.23
N ASP C 89 -34.12 -15.79 32.03
CA ASP C 89 -33.99 -14.55 31.27
C ASP C 89 -35.25 -14.24 30.46
N ALA C 90 -35.84 -15.28 29.88
CA ALA C 90 -37.05 -15.13 29.08
C ALA C 90 -38.24 -14.78 29.96
N GLN C 91 -38.32 -15.42 31.13
CA GLN C 91 -39.41 -15.17 32.06
C GLN C 91 -39.19 -13.83 32.75
N SER C 92 -38.13 -13.13 32.34
CA SER C 92 -37.80 -11.82 32.91
C SER C 92 -37.97 -10.73 31.87
N ALA C 93 -38.44 -11.10 30.69
CA ALA C 93 -38.65 -10.15 29.60
C ALA C 93 -40.14 -9.93 29.36
N ILE C 94 -40.98 -10.60 30.14
CA ILE C 94 -42.41 -10.47 30.01
C ILE C 94 -43.03 -9.73 31.20
N GLU C 95 -42.21 -9.48 32.21
CA GLU C 95 -42.68 -8.77 33.41
C GLU C 95 -42.45 -7.26 33.27
N PRO C 102 -35.05 -3.87 26.97
CA PRO C 102 -34.37 -3.97 25.68
C PRO C 102 -34.90 -5.09 24.76
N LEU C 103 -34.00 -6.01 24.37
CA LEU C 103 -34.29 -7.11 23.44
C LEU C 103 -33.99 -6.49 22.08
N SER C 104 -32.94 -6.98 21.43
CA SER C 104 -32.52 -6.46 20.13
C SER C 104 -33.14 -7.12 18.91
N LEU C 105 -33.44 -8.42 19.01
CA LEU C 105 -34.01 -9.14 17.89
C LEU C 105 -35.34 -8.54 17.42
N PRO C 106 -35.60 -8.62 16.11
CA PRO C 106 -36.83 -8.10 15.49
C PRO C 106 -38.08 -8.88 15.91
N VAL C 107 -38.63 -8.52 17.07
CA VAL C 107 -39.81 -9.18 17.59
C VAL C 107 -41.09 -8.68 16.92
N GLU C 108 -41.20 -7.37 16.76
CA GLU C 108 -42.38 -6.77 16.14
C GLU C 108 -42.63 -7.32 14.75
N LYS C 109 -41.62 -7.98 14.19
CA LYS C 109 -41.74 -8.56 12.85
C LYS C 109 -41.91 -10.08 12.93
N ILE C 110 -41.36 -10.68 13.97
CA ILE C 110 -41.44 -12.12 14.15
C ILE C 110 -42.84 -12.57 14.58
N HIS C 111 -43.41 -11.88 15.58
CA HIS C 111 -44.74 -12.20 16.07
C HIS C 111 -45.67 -12.61 14.94
N PRO C 112 -45.77 -11.77 13.88
CA PRO C 112 -46.65 -12.10 12.75
C PRO C 112 -46.26 -13.42 12.09
N LEU C 113 -45.01 -13.52 11.65
CA LEU C 113 -44.51 -14.72 11.00
C LEU C 113 -44.76 -15.98 11.84
N LEU C 114 -44.69 -15.83 13.16
CA LEU C 114 -44.91 -16.96 14.06
C LEU C 114 -46.23 -17.63 13.74
N LYS C 115 -47.27 -16.81 13.58
CA LYS C 115 -48.61 -17.31 13.27
C LYS C 115 -48.58 -18.08 11.95
N GLU C 116 -47.79 -17.59 11.01
CA GLU C 116 -47.67 -18.21 9.69
C GLU C 116 -46.72 -19.41 9.73
N VAL C 117 -46.60 -20.02 10.91
CA VAL C 117 -45.74 -21.19 11.09
C VAL C 117 -46.40 -22.18 12.02
N LEU C 118 -46.82 -21.71 13.19
CA LEU C 118 -47.48 -22.54 14.19
C LEU C 118 -48.76 -23.17 13.63
N GLY C 119 -49.38 -22.47 12.69
CA GLY C 119 -50.61 -22.96 12.10
C GLY C 119 -51.84 -22.38 12.76
N TYR C 120 -51.61 -21.58 13.81
CA TYR C 120 -52.70 -20.95 14.55
C TYR C 120 -52.30 -19.60 15.13
N LYS C 121 -53.14 -19.06 16.00
CA LYS C 121 -52.89 -17.77 16.63
C LYS C 121 -52.34 -17.91 18.04
N ILE C 122 -51.55 -16.94 18.47
CA ILE C 122 -50.96 -16.95 19.81
C ILE C 122 -50.95 -15.53 20.38
N ASP C 123 -50.95 -15.44 21.70
CA ASP C 123 -50.93 -14.15 22.38
C ASP C 123 -49.61 -13.44 22.06
N HIS C 124 -49.41 -12.26 22.63
CA HIS C 124 -48.19 -11.51 22.38
C HIS C 124 -47.05 -11.94 23.28
N GLN C 125 -47.36 -12.19 24.56
CA GLN C 125 -46.33 -12.60 25.52
C GLN C 125 -45.51 -13.76 24.97
N VAL C 126 -46.19 -14.72 24.34
CA VAL C 126 -45.52 -15.87 23.77
C VAL C 126 -44.35 -15.43 22.90
N SER C 127 -44.63 -14.57 21.94
CA SER C 127 -43.60 -14.07 21.04
C SER C 127 -42.41 -13.53 21.82
N VAL C 128 -42.66 -12.51 22.65
CA VAL C 128 -41.61 -11.91 23.46
C VAL C 128 -40.83 -12.99 24.20
N TYR C 129 -41.54 -13.91 24.84
CA TYR C 129 -40.90 -14.99 25.57
C TYR C 129 -40.01 -15.79 24.64
N ILE C 130 -40.61 -16.30 23.55
CA ILE C 130 -39.88 -17.08 22.57
C ILE C 130 -38.67 -16.32 22.07
N VAL C 131 -38.90 -15.13 21.52
CA VAL C 131 -37.81 -14.32 21.00
C VAL C 131 -36.78 -14.09 22.10
N ALA C 132 -37.26 -13.85 23.32
CA ALA C 132 -36.37 -13.63 24.45
C ALA C 132 -35.41 -14.80 24.56
N VAL C 133 -35.94 -16.01 24.34
CA VAL C 133 -35.13 -17.22 24.39
C VAL C 133 -34.23 -17.27 23.17
N LEU C 134 -34.80 -16.98 22.00
CA LEU C 134 -34.04 -16.98 20.77
C LEU C 134 -32.84 -16.05 20.86
N GLU C 135 -33.03 -14.89 21.49
CA GLU C 135 -31.96 -13.92 21.64
C GLU C 135 -30.87 -14.42 22.58
N TYR C 136 -31.27 -15.00 23.71
CA TYR C 136 -30.32 -15.51 24.68
C TYR C 136 -29.34 -16.48 24.01
N ILE C 137 -29.88 -17.55 23.44
CA ILE C 137 -29.06 -18.54 22.77
C ILE C 137 -28.23 -17.88 21.67
N SER C 138 -28.81 -16.86 21.04
CA SER C 138 -28.11 -16.13 19.99
C SER C 138 -26.86 -15.49 20.58
N ALA C 139 -27.06 -14.72 21.65
CA ALA C 139 -25.95 -14.05 22.31
C ALA C 139 -24.98 -15.05 22.92
N ASP C 140 -25.52 -16.12 23.50
CA ASP C 140 -24.70 -17.15 24.11
C ASP C 140 -23.66 -17.64 23.11
N ILE C 141 -24.11 -17.94 21.90
CA ILE C 141 -23.23 -18.43 20.85
C ILE C 141 -22.15 -17.39 20.52
N LEU C 142 -22.60 -16.19 20.16
CA LEU C 142 -21.67 -15.12 19.83
C LEU C 142 -20.73 -14.88 21.00
N LYS C 143 -21.30 -14.83 22.20
CA LYS C 143 -20.52 -14.62 23.42
C LYS C 143 -19.37 -15.62 23.46
N LEU C 144 -19.67 -16.85 23.09
CA LEU C 144 -18.67 -17.92 23.06
C LEU C 144 -17.69 -17.70 21.92
N ALA C 145 -18.21 -17.79 20.70
CA ALA C 145 -17.39 -17.61 19.50
C ALA C 145 -16.46 -16.42 19.68
N GLY C 146 -17.01 -15.32 20.18
CA GLY C 146 -16.21 -14.13 20.39
C GLY C 146 -15.01 -14.38 21.27
N ASN C 147 -15.21 -15.10 22.36
CA ASN C 147 -14.12 -15.39 23.28
C ASN C 147 -13.06 -16.24 22.57
N TYR C 148 -13.51 -17.28 21.86
CA TYR C 148 -12.60 -18.15 21.14
C TYR C 148 -11.61 -17.32 20.34
N VAL C 149 -12.11 -16.20 19.82
CA VAL C 149 -11.29 -15.29 19.03
C VAL C 149 -10.25 -14.60 19.91
N ARG C 150 -10.72 -13.79 20.85
CA ARG C 150 -9.85 -13.06 21.75
C ARG C 150 -8.74 -13.93 22.33
N ASN C 151 -9.04 -15.21 22.55
CA ASN C 151 -8.07 -16.13 23.11
C ASN C 151 -6.98 -16.50 22.10
N ILE C 152 -7.38 -16.74 20.85
CA ILE C 152 -6.43 -17.11 19.81
C ILE C 152 -5.86 -15.91 19.05
N ARG C 153 -6.19 -14.71 19.52
CA ARG C 153 -5.69 -13.49 18.88
C ARG C 153 -6.12 -13.45 17.41
N HIS C 154 -7.34 -12.96 17.15
CA HIS C 154 -7.83 -12.89 15.77
C HIS C 154 -8.50 -11.55 15.45
N TYR C 155 -9.14 -10.96 16.45
CA TYR C 155 -9.80 -9.67 16.28
C TYR C 155 -10.96 -9.69 15.28
N GLU C 156 -11.47 -10.87 14.97
CA GLU C 156 -12.58 -10.98 14.03
C GLU C 156 -13.29 -12.32 14.18
N ILE C 157 -14.63 -12.29 14.19
CA ILE C 157 -15.41 -13.51 14.32
C ILE C 157 -15.83 -14.05 12.97
N THR C 158 -15.06 -15.01 12.46
CA THR C 158 -15.35 -15.62 11.17
C THR C 158 -16.41 -16.70 11.34
N LYS C 159 -17.17 -16.97 10.28
CA LYS C 159 -18.21 -17.99 10.33
C LYS C 159 -17.60 -19.31 10.79
N GLN C 160 -16.36 -19.55 10.39
CA GLN C 160 -15.66 -20.77 10.76
C GLN C 160 -15.32 -20.76 12.25
N ASP C 161 -14.83 -19.62 12.74
CA ASP C 161 -14.48 -19.49 14.15
C ASP C 161 -15.65 -19.92 15.03
N ILE C 162 -16.86 -19.60 14.59
CA ILE C 162 -18.06 -19.97 15.33
C ILE C 162 -18.21 -21.48 15.33
N LYS C 163 -17.95 -22.10 14.18
CA LYS C 163 -18.05 -23.54 14.05
C LYS C 163 -17.19 -24.21 15.12
N VAL C 164 -15.96 -23.75 15.24
CA VAL C 164 -15.01 -24.27 16.22
C VAL C 164 -15.45 -23.95 17.64
N ALA C 165 -15.66 -22.66 17.90
CA ALA C 165 -16.07 -22.19 19.22
C ALA C 165 -17.16 -23.08 19.84
N MSE C 166 -18.16 -23.41 19.03
CA MSE C 166 -19.27 -24.24 19.50
C MSE C 166 -18.87 -25.71 19.65
O MSE C 166 -19.16 -26.33 20.67
CB MSE C 166 -20.45 -24.15 18.53
CG MSE C 166 -21.04 -22.75 18.43
SE MSE C 166 -22.55 -22.70 17.23
CE MSE C 166 -23.93 -23.21 18.48
N CYS C 167 -18.21 -26.25 18.65
CA CYS C 167 -17.77 -27.64 18.68
C CYS C 167 -16.93 -27.93 19.92
N ALA C 168 -16.37 -26.88 20.51
CA ALA C 168 -15.54 -27.03 21.71
C ALA C 168 -16.36 -26.91 22.99
N ASP C 169 -17.50 -26.23 22.90
CA ASP C 169 -18.37 -26.04 24.05
C ASP C 169 -19.42 -27.13 24.11
N LYS C 170 -19.31 -28.01 25.11
CA LYS C 170 -20.24 -29.12 25.28
C LYS C 170 -21.71 -28.68 25.26
N VAL C 171 -22.08 -27.85 26.23
CA VAL C 171 -23.46 -27.36 26.34
C VAL C 171 -24.10 -27.10 24.98
N LEU C 172 -23.60 -26.10 24.26
CA LEU C 172 -24.14 -25.77 22.94
C LEU C 172 -23.96 -26.91 21.97
N MSE C 173 -22.81 -27.57 22.03
CA MSE C 173 -22.52 -28.68 21.13
C MSE C 173 -23.52 -29.81 21.30
O MSE C 173 -23.71 -30.62 20.39
CB MSE C 173 -21.10 -29.21 21.37
CG MSE C 173 -20.61 -30.17 20.31
SE MSE C 173 -20.69 -29.39 18.55
CE MSE C 173 -22.25 -30.30 17.88
N ASP C 174 -24.15 -29.87 22.46
CA ASP C 174 -25.14 -30.90 22.74
C ASP C 174 -26.54 -30.32 22.51
N MSE C 175 -26.58 -29.14 21.92
CA MSE C 175 -27.84 -28.46 21.64
C MSE C 175 -28.04 -28.26 20.14
O MSE C 175 -29.17 -28.16 19.67
CB MSE C 175 -27.87 -27.11 22.35
CG MSE C 175 -29.26 -26.50 22.47
SE MSE C 175 -29.21 -24.70 23.20
CE MSE C 175 -28.15 -25.06 24.76
N PHE C 176 -26.93 -28.21 19.40
CA PHE C 176 -26.99 -28.04 17.95
C PHE C 176 -26.11 -29.04 17.21
N HIS C 177 -26.71 -30.14 16.78
CA HIS C 177 -25.98 -31.16 16.04
C HIS C 177 -26.76 -31.57 14.80
N LEU D 6 27.66 -9.65 32.24
CA LEU D 6 27.30 -8.64 31.20
C LEU D 6 26.60 -9.29 30.01
N PRO D 7 25.32 -8.95 29.80
CA PRO D 7 24.52 -9.49 28.70
C PRO D 7 25.10 -9.10 27.34
N TYR D 8 24.72 -9.85 26.30
CA TYR D 8 25.19 -9.59 24.95
C TYR D 8 24.64 -8.24 24.48
N GLU D 9 25.48 -7.45 23.83
CA GLU D 9 25.07 -6.14 23.34
C GLU D 9 24.88 -6.19 21.83
N PHE D 10 23.63 -6.24 21.39
CA PHE D 10 23.29 -6.31 19.97
C PHE D 10 23.72 -5.09 19.17
N PHE D 11 23.75 -3.92 19.79
CA PHE D 11 24.09 -2.71 19.07
C PHE D 11 25.37 -1.99 19.48
N SER D 12 26.35 -2.74 19.98
CA SER D 12 27.61 -2.13 20.37
C SER D 12 28.32 -1.81 19.06
N GLU D 13 29.28 -0.89 19.10
CA GLU D 13 30.02 -0.51 17.91
C GLU D 13 30.56 -1.75 17.17
N GLU D 14 30.69 -2.84 17.90
CA GLU D 14 31.22 -4.09 17.33
C GLU D 14 30.15 -5.02 16.78
N ASN D 15 29.01 -5.12 17.46
CA ASN D 15 27.94 -6.01 17.04
C ASN D 15 26.82 -5.36 16.22
N ALA D 16 26.51 -4.10 16.52
CA ALA D 16 25.45 -3.38 15.83
C ALA D 16 25.40 -3.71 14.33
N PRO D 17 26.56 -3.67 13.65
CA PRO D 17 26.59 -3.97 12.20
C PRO D 17 26.01 -5.33 11.83
N LYS D 18 26.26 -6.34 12.67
CA LYS D 18 25.77 -7.69 12.41
C LYS D 18 24.29 -7.87 12.68
N TRP D 19 23.69 -6.96 13.44
CA TRP D 19 22.28 -7.08 13.77
C TRP D 19 21.36 -6.02 13.18
N ARG D 20 21.67 -4.75 13.44
CA ARG D 20 20.85 -3.65 12.95
C ARG D 20 20.40 -3.81 11.49
N GLY D 21 19.11 -4.09 11.32
CA GLY D 21 18.56 -4.26 9.98
C GLY D 21 18.49 -5.69 9.49
N LEU D 22 18.94 -6.64 10.32
CA LEU D 22 18.94 -8.04 9.94
C LEU D 22 17.55 -8.68 9.86
N LEU D 23 16.61 -8.15 10.64
CA LEU D 23 15.26 -8.70 10.65
C LEU D 23 14.26 -7.90 9.81
N VAL D 24 14.57 -6.63 9.55
CA VAL D 24 13.69 -5.78 8.77
C VAL D 24 13.21 -6.44 7.48
N PRO D 25 14.12 -7.02 6.69
CA PRO D 25 13.74 -7.68 5.44
C PRO D 25 12.64 -8.71 5.66
N ALA D 26 12.86 -9.61 6.61
CA ALA D 26 11.88 -10.65 6.92
C ALA D 26 10.61 -10.04 7.51
N LEU D 27 10.79 -9.17 8.49
CA LEU D 27 9.65 -8.51 9.13
C LEU D 27 8.68 -7.92 8.12
N LYS D 28 9.20 -7.29 7.07
CA LYS D 28 8.35 -6.71 6.05
C LYS D 28 7.53 -7.79 5.37
N LYS D 29 8.15 -8.95 5.15
CA LYS D 29 7.47 -10.08 4.53
C LYS D 29 6.33 -10.53 5.43
N VAL D 30 6.59 -10.52 6.74
CA VAL D 30 5.61 -10.92 7.73
C VAL D 30 4.45 -9.94 7.81
N GLN D 31 4.76 -8.65 7.91
CA GLN D 31 3.72 -7.63 8.00
C GLN D 31 2.82 -7.73 6.78
N GLY D 32 3.33 -8.34 5.73
CA GLY D 32 2.56 -8.51 4.50
C GLY D 32 1.68 -9.74 4.60
N GLN D 33 2.13 -10.73 5.38
CA GLN D 33 1.38 -11.96 5.56
C GLN D 33 0.12 -11.67 6.36
N VAL D 34 0.26 -10.77 7.34
CA VAL D 34 -0.86 -10.39 8.19
C VAL D 34 -1.70 -9.27 7.59
N HIS D 35 -1.03 -8.32 6.95
CA HIS D 35 -1.73 -7.19 6.34
C HIS D 35 -1.14 -6.82 4.98
N PRO D 36 -1.62 -7.48 3.91
CA PRO D 36 -1.13 -7.21 2.55
C PRO D 36 -1.38 -5.76 2.13
N THR D 37 -2.56 -5.25 2.45
CA THR D 37 -2.95 -3.89 2.11
C THR D 37 -2.01 -2.86 2.72
N LEU D 38 -1.80 -2.95 4.03
CA LEU D 38 -0.94 -2.02 4.74
C LEU D 38 0.47 -1.94 4.16
N GLU D 39 1.03 -0.75 4.16
CA GLU D 39 2.37 -0.50 3.64
C GLU D 39 3.41 -0.64 4.74
N SER D 40 4.64 -0.96 4.37
CA SER D 40 5.74 -1.13 5.32
C SER D 40 6.35 0.22 5.69
N ASN D 41 7.19 0.22 6.72
CA ASN D 41 7.84 1.44 7.17
C ASN D 41 9.12 1.07 7.93
N ASP D 42 10.26 1.18 7.26
CA ASP D 42 11.55 0.85 7.86
C ASP D 42 11.73 1.42 9.25
N ASP D 43 11.12 2.57 9.53
CA ASP D 43 11.23 3.20 10.83
C ASP D 43 10.59 2.30 11.89
N ALA D 44 9.35 1.90 11.63
CA ALA D 44 8.60 1.03 12.55
C ALA D 44 9.18 -0.37 12.54
N LEU D 45 9.40 -0.92 11.36
CA LEU D 45 9.95 -2.26 11.21
C LEU D 45 11.27 -2.41 11.91
N GLN D 46 12.03 -1.31 12.01
CA GLN D 46 13.33 -1.35 12.66
C GLN D 46 13.13 -1.31 14.17
N TYR D 47 12.00 -0.75 14.61
CA TYR D 47 11.66 -0.67 16.02
C TYR D 47 11.28 -2.06 16.52
N VAL D 48 10.47 -2.76 15.73
CA VAL D 48 10.04 -4.10 16.08
C VAL D 48 11.28 -4.98 16.20
N GLU D 49 12.22 -4.77 15.28
CA GLU D 49 13.46 -5.53 15.28
C GLU D 49 14.17 -5.40 16.61
N GLU D 50 14.26 -4.17 17.12
CA GLU D 50 14.91 -3.91 18.39
C GLU D 50 14.25 -4.70 19.52
N LEU D 51 12.93 -4.70 19.54
CA LEU D 51 12.18 -5.42 20.58
C LEU D 51 12.38 -6.93 20.41
N ILE D 52 12.12 -7.43 19.21
CA ILE D 52 12.26 -8.86 18.94
C ILE D 52 13.65 -9.36 19.37
N LEU D 53 14.66 -8.53 19.17
CA LEU D 53 16.02 -8.89 19.54
C LEU D 53 16.17 -8.95 21.05
N GLN D 54 15.64 -7.93 21.73
CA GLN D 54 15.71 -7.89 23.18
C GLN D 54 15.01 -9.11 23.75
N LEU D 55 14.04 -9.62 23.00
CA LEU D 55 13.31 -10.81 23.41
C LEU D 55 14.21 -12.02 23.20
N LEU D 56 14.94 -12.00 22.09
CA LEU D 56 15.87 -13.08 21.76
C LEU D 56 16.94 -13.13 22.83
N ASN D 57 17.32 -11.96 23.33
CA ASN D 57 18.34 -11.86 24.36
C ASN D 57 17.80 -12.38 25.68
N MSE D 58 16.48 -12.21 25.88
CA MSE D 58 15.84 -12.66 27.10
C MSE D 58 15.79 -14.19 27.13
O MSE D 58 15.96 -14.81 28.18
CB MSE D 58 14.42 -12.07 27.19
CG MSE D 58 13.67 -12.40 28.48
SE MSE D 58 12.81 -14.13 28.47
CE MSE D 58 11.05 -13.59 27.89
N LEU D 59 15.53 -14.79 25.98
CA LEU D 59 15.45 -16.24 25.87
C LEU D 59 16.83 -16.87 26.07
N CYS D 60 17.86 -16.19 25.60
CA CYS D 60 19.23 -16.68 25.70
C CYS D 60 19.82 -16.63 27.10
N GLN D 61 19.38 -15.68 27.92
CA GLN D 61 19.90 -15.55 29.27
C GLN D 61 19.66 -16.83 30.07
N ALA D 62 18.70 -17.64 29.61
CA ALA D 62 18.38 -18.90 30.28
C ALA D 62 19.27 -20.00 29.70
N GLN D 63 20.36 -19.58 29.05
CA GLN D 63 21.32 -20.49 28.44
C GLN D 63 20.70 -21.76 27.85
N PRO D 64 19.77 -21.60 26.89
CA PRO D 64 19.14 -22.78 26.28
C PRO D 64 20.20 -23.69 25.67
N ARG D 65 20.03 -24.99 25.83
CA ARG D 65 20.99 -25.95 25.29
C ARG D 65 20.31 -27.05 24.48
N SER D 66 19.01 -26.87 24.24
CA SER D 66 18.23 -27.83 23.48
C SER D 66 16.86 -27.26 23.16
N ALA D 67 16.26 -27.74 22.07
CA ALA D 67 14.95 -27.28 21.65
C ALA D 67 13.98 -27.32 22.83
N SER D 68 14.22 -28.26 23.75
CA SER D 68 13.38 -28.42 24.92
C SER D 68 13.52 -27.26 25.91
N ASP D 69 14.74 -27.01 26.35
CA ASP D 69 15.01 -25.93 27.29
C ASP D 69 14.32 -24.63 26.87
N VAL D 70 14.38 -24.31 25.59
CA VAL D 70 13.75 -23.10 25.08
C VAL D 70 12.26 -23.13 25.37
N GLU D 71 11.63 -24.28 25.10
CA GLU D 71 10.21 -24.45 25.34
C GLU D 71 9.89 -24.13 26.81
N GLU D 72 10.73 -24.65 27.70
CA GLU D 72 10.56 -24.43 29.13
C GLU D 72 10.60 -22.94 29.44
N ARG D 73 11.61 -22.26 28.91
CA ARG D 73 11.77 -20.83 29.14
C ARG D 73 10.50 -20.07 28.78
N VAL D 74 10.08 -20.18 27.53
CA VAL D 74 8.87 -19.52 27.06
C VAL D 74 7.70 -19.87 27.96
N GLN D 75 7.59 -21.16 28.27
CA GLN D 75 6.52 -21.68 29.11
C GLN D 75 6.46 -21.00 30.49
N LYS D 76 7.50 -20.26 30.83
CA LYS D 76 7.56 -19.58 32.12
C LYS D 76 7.52 -18.06 32.00
N SER D 77 8.24 -17.52 31.03
CA SER D 77 8.30 -16.07 30.83
C SER D 77 7.15 -15.47 30.03
N PHE D 78 6.68 -16.18 29.01
CA PHE D 78 5.60 -15.68 28.18
C PHE D 78 4.24 -15.73 28.87
N PRO D 79 3.47 -14.64 28.75
CA PRO D 79 2.14 -14.53 29.35
C PRO D 79 1.16 -15.48 28.68
N HIS D 80 0.02 -15.70 29.33
CA HIS D 80 -1.02 -16.56 28.79
C HIS D 80 -1.84 -15.60 27.94
N PRO D 81 -2.27 -16.00 26.71
CA PRO D 81 -2.26 -17.13 25.78
C PRO D 81 -0.99 -17.19 24.96
N ILE D 82 -0.36 -16.04 24.84
CA ILE D 82 0.83 -15.93 24.04
C ILE D 82 1.85 -17.05 24.26
N ASP D 83 2.08 -17.43 25.52
CA ASP D 83 3.04 -18.49 25.82
C ASP D 83 2.66 -19.82 25.16
N LYS D 84 1.39 -20.18 25.30
CA LYS D 84 0.85 -21.42 24.75
C LYS D 84 0.97 -21.44 23.23
N TRP D 85 0.28 -20.50 22.58
CA TRP D 85 0.28 -20.39 21.13
C TRP D 85 1.70 -20.36 20.57
N ALA D 86 2.57 -19.60 21.24
CA ALA D 86 3.96 -19.46 20.80
C ALA D 86 4.63 -20.82 20.64
N ILE D 87 4.68 -21.59 21.72
CA ILE D 87 5.29 -22.91 21.71
C ILE D 87 4.71 -23.78 20.59
N ALA D 88 3.44 -23.54 20.27
CA ALA D 88 2.76 -24.30 19.23
C ALA D 88 3.53 -24.21 17.91
N ASP D 89 3.67 -23.00 17.39
CA ASP D 89 4.38 -22.80 16.14
C ASP D 89 5.86 -23.16 16.28
N ALA D 90 6.38 -22.98 17.49
CA ALA D 90 7.78 -23.28 17.76
C ALA D 90 8.08 -24.74 17.45
N GLN D 91 7.37 -25.64 18.12
CA GLN D 91 7.59 -27.07 17.90
C GLN D 91 7.06 -27.46 16.53
N SER D 92 6.08 -26.70 16.04
CA SER D 92 5.50 -26.96 14.73
C SER D 92 6.54 -26.66 13.66
N ALA D 93 7.40 -25.68 13.94
CA ALA D 93 8.44 -25.28 13.00
C ALA D 93 9.56 -26.31 12.94
N ILE D 94 9.69 -27.10 14.00
CA ILE D 94 10.74 -28.12 14.05
C ILE D 94 10.23 -29.51 13.69
N GLU D 95 8.96 -29.61 13.33
CA GLU D 95 8.37 -30.89 12.96
C GLU D 95 8.19 -31.00 11.45
N LYS D 96 8.49 -29.91 10.76
CA LYS D 96 8.38 -29.86 9.30
C LYS D 96 6.97 -30.22 8.83
N ARG D 97 6.00 -29.40 9.23
CA ARG D 97 4.61 -29.63 8.84
C ARG D 97 4.09 -28.44 8.04
N LYS D 98 3.09 -28.67 7.21
CA LYS D 98 2.52 -27.61 6.38
C LYS D 98 2.29 -26.33 7.16
N ARG D 99 2.61 -25.20 6.53
CA ARG D 99 2.44 -23.90 7.16
C ARG D 99 2.12 -22.86 6.10
N ARG D 100 0.88 -22.34 6.16
CA ARG D 100 0.41 -21.35 5.20
C ARG D 100 1.48 -20.35 4.78
N ASN D 101 1.89 -19.50 5.71
CA ASN D 101 2.92 -18.50 5.43
C ASN D 101 4.27 -18.98 5.95
N PRO D 102 5.09 -19.56 5.05
CA PRO D 102 6.42 -20.08 5.38
C PRO D 102 7.24 -19.17 6.29
N LEU D 103 8.14 -19.77 7.07
CA LEU D 103 8.99 -19.03 7.99
C LEU D 103 9.72 -17.92 7.23
N SER D 104 9.84 -16.75 7.85
CA SER D 104 10.49 -15.62 7.20
C SER D 104 11.83 -15.23 7.81
N LEU D 105 11.84 -14.89 9.10
CA LEU D 105 13.06 -14.48 9.77
C LEU D 105 14.29 -15.27 9.31
N PRO D 106 15.38 -14.56 8.97
CA PRO D 106 16.64 -15.15 8.49
C PRO D 106 17.22 -16.16 9.48
N VAL D 107 16.70 -17.39 9.45
CA VAL D 107 17.17 -18.44 10.34
C VAL D 107 18.59 -18.88 10.01
N GLU D 108 18.90 -18.95 8.72
CA GLU D 108 20.22 -19.39 8.28
C GLU D 108 21.33 -18.40 8.64
N LYS D 109 20.97 -17.14 8.84
CA LYS D 109 21.95 -16.13 9.21
C LYS D 109 21.94 -15.84 10.71
N ILE D 110 20.88 -16.31 11.38
CA ILE D 110 20.76 -16.10 12.83
C ILE D 110 21.45 -17.24 13.59
N HIS D 111 21.21 -18.47 13.14
CA HIS D 111 21.82 -19.64 13.78
C HIS D 111 23.29 -19.40 14.09
N PRO D 112 24.07 -18.91 13.11
CA PRO D 112 25.50 -18.66 13.34
C PRO D 112 25.75 -17.63 14.45
N LEU D 113 24.97 -16.57 14.46
CA LEU D 113 25.12 -15.51 15.46
C LEU D 113 24.75 -15.96 16.87
N LEU D 114 23.77 -16.85 16.97
CA LEU D 114 23.33 -17.34 18.28
C LEU D 114 24.47 -18.00 19.04
N LYS D 115 25.32 -18.74 18.32
CA LYS D 115 26.46 -19.40 18.95
C LYS D 115 27.39 -18.32 19.48
N GLU D 116 27.35 -17.16 18.84
CA GLU D 116 28.18 -16.03 19.22
C GLU D 116 27.54 -15.30 20.40
N VAL D 117 26.22 -15.41 20.51
CA VAL D 117 25.49 -14.77 21.60
C VAL D 117 25.53 -15.60 22.86
N LEU D 118 25.26 -16.90 22.72
CA LEU D 118 25.27 -17.82 23.86
C LEU D 118 26.69 -18.16 24.28
N GLY D 119 27.63 -18.06 23.35
CA GLY D 119 29.01 -18.36 23.65
C GLY D 119 29.36 -19.84 23.48
N TYR D 120 28.33 -20.68 23.35
CA TYR D 120 28.53 -22.10 23.18
C TYR D 120 27.75 -22.61 21.97
N LYS D 121 28.09 -23.82 21.51
CA LYS D 121 27.43 -24.42 20.36
C LYS D 121 26.04 -24.94 20.69
N ILE D 122 25.10 -24.68 19.79
CA ILE D 122 23.72 -25.13 19.95
C ILE D 122 23.26 -25.78 18.65
N ASP D 123 22.60 -26.93 18.77
CA ASP D 123 22.10 -27.65 17.61
C ASP D 123 21.22 -26.75 16.75
N HIS D 124 21.19 -27.02 15.45
CA HIS D 124 20.40 -26.24 14.52
C HIS D 124 18.93 -26.14 14.94
N GLN D 125 18.35 -27.28 15.30
CA GLN D 125 16.96 -27.32 15.73
C GLN D 125 16.63 -26.26 16.77
N VAL D 126 17.59 -25.98 17.64
CA VAL D 126 17.40 -24.97 18.68
C VAL D 126 17.13 -23.61 18.06
N SER D 127 18.04 -23.18 17.18
CA SER D 127 17.89 -21.90 16.50
C SER D 127 16.53 -21.84 15.81
N VAL D 128 16.22 -22.88 15.06
CA VAL D 128 14.94 -22.95 14.35
C VAL D 128 13.80 -22.72 15.34
N TYR D 129 13.85 -23.44 16.45
CA TYR D 129 12.83 -23.32 17.48
C TYR D 129 12.74 -21.88 17.98
N ILE D 130 13.89 -21.33 18.37
CA ILE D 130 13.96 -19.97 18.88
C ILE D 130 13.48 -18.94 17.87
N VAL D 131 14.09 -18.95 16.68
CA VAL D 131 13.70 -18.01 15.63
C VAL D 131 12.22 -18.16 15.32
N ALA D 132 11.69 -19.37 15.54
CA ALA D 132 10.27 -19.63 15.30
C ALA D 132 9.44 -18.83 16.29
N VAL D 133 9.90 -18.79 17.53
CA VAL D 133 9.20 -18.05 18.58
C VAL D 133 9.31 -16.56 18.29
N LEU D 134 10.51 -16.12 17.94
CA LEU D 134 10.76 -14.72 17.63
C LEU D 134 9.81 -14.22 16.56
N GLU D 135 9.53 -15.06 15.56
CA GLU D 135 8.64 -14.67 14.49
C GLU D 135 7.19 -14.64 14.94
N TYR D 136 6.81 -15.52 15.86
CA TYR D 136 5.44 -15.54 16.34
C TYR D 136 5.09 -14.20 16.96
N ILE D 137 5.91 -13.73 17.89
CA ILE D 137 5.67 -12.45 18.55
C ILE D 137 5.72 -11.33 17.52
N SER D 138 6.61 -11.47 16.54
CA SER D 138 6.75 -10.47 15.49
C SER D 138 5.42 -10.33 14.76
N ALA D 139 4.91 -11.46 14.28
CA ALA D 139 3.65 -11.49 13.56
C ALA D 139 2.48 -11.03 14.43
N ASP D 140 2.60 -11.26 15.73
CA ASP D 140 1.53 -10.87 16.65
C ASP D 140 1.53 -9.35 16.86
N ILE D 141 2.71 -8.79 17.10
CA ILE D 141 2.82 -7.35 17.31
C ILE D 141 2.30 -6.62 16.07
N LEU D 142 2.71 -7.08 14.90
CA LEU D 142 2.29 -6.46 13.65
C LEU D 142 0.81 -6.70 13.41
N LYS D 143 0.36 -7.94 13.65
CA LYS D 143 -1.04 -8.28 13.47
C LYS D 143 -1.89 -7.33 14.31
N LEU D 144 -1.35 -6.96 15.47
CA LEU D 144 -2.04 -6.04 16.37
C LEU D 144 -2.01 -4.62 15.83
N ALA D 145 -0.80 -4.07 15.71
CA ALA D 145 -0.64 -2.71 15.20
C ALA D 145 -1.35 -2.53 13.87
N GLY D 146 -1.14 -3.48 12.97
CA GLY D 146 -1.78 -3.42 11.67
C GLY D 146 -3.29 -3.37 11.74
N ASN D 147 -3.84 -3.77 12.87
CA ASN D 147 -5.29 -3.76 13.04
C ASN D 147 -5.71 -2.37 13.51
N TYR D 148 -4.89 -1.77 14.37
CA TYR D 148 -5.15 -0.43 14.88
C TYR D 148 -5.10 0.54 13.70
N VAL D 149 -4.16 0.29 12.79
CA VAL D 149 -3.99 1.11 11.61
C VAL D 149 -5.19 1.01 10.69
N ARG D 150 -5.64 -0.22 10.45
CA ARG D 150 -6.79 -0.45 9.57
C ARG D 150 -8.07 0.11 10.17
N ASN D 151 -8.11 0.25 11.49
CA ASN D 151 -9.28 0.78 12.18
C ASN D 151 -9.46 2.27 11.92
N ILE D 152 -8.40 3.04 12.16
CA ILE D 152 -8.45 4.49 11.97
C ILE D 152 -8.18 4.91 10.53
N ARG D 153 -8.25 3.96 9.60
CA ARG D 153 -8.02 4.24 8.19
C ARG D 153 -6.67 4.93 7.97
N HIS D 154 -5.62 4.16 7.76
CA HIS D 154 -4.28 4.73 7.54
C HIS D 154 -3.51 4.06 6.42
N TYR D 155 -3.67 2.74 6.29
CA TYR D 155 -2.99 1.99 5.24
C TYR D 155 -1.47 1.97 5.37
N GLU D 156 -0.96 2.46 6.50
CA GLU D 156 0.47 2.48 6.74
C GLU D 156 0.76 2.32 8.23
N ILE D 157 1.62 1.36 8.57
CA ILE D 157 1.98 1.11 9.97
C ILE D 157 3.22 1.89 10.37
N THR D 158 3.02 3.01 11.04
CA THR D 158 4.12 3.86 11.50
C THR D 158 4.73 3.27 12.77
N LYS D 159 5.83 3.86 13.22
CA LYS D 159 6.49 3.39 14.44
C LYS D 159 5.59 3.66 15.64
N GLN D 160 4.97 4.84 15.65
CA GLN D 160 4.07 5.22 16.74
C GLN D 160 2.82 4.36 16.77
N ASP D 161 2.25 4.09 15.60
CA ASP D 161 1.05 3.27 15.51
C ASP D 161 1.27 1.94 16.22
N ILE D 162 2.52 1.48 16.23
CA ILE D 162 2.85 0.22 16.89
C ILE D 162 2.97 0.46 18.39
N LYS D 163 3.68 1.51 18.77
CA LYS D 163 3.85 1.84 20.18
C LYS D 163 2.50 1.94 20.86
N VAL D 164 1.57 2.64 20.20
CA VAL D 164 0.22 2.82 20.73
C VAL D 164 -0.53 1.50 20.78
N ALA D 165 -0.60 0.83 19.64
CA ALA D 165 -1.30 -0.45 19.54
C ALA D 165 -0.83 -1.45 20.59
N MSE D 166 0.45 -1.39 20.94
CA MSE D 166 1.00 -2.31 21.94
C MSE D 166 0.62 -1.96 23.37
O MSE D 166 1.10 -2.57 24.31
CB MSE D 166 2.52 -2.38 21.82
CG MSE D 166 3.02 -3.11 20.59
SE MSE D 166 4.85 -3.70 20.81
CE MSE D 166 5.74 -2.00 20.56
N CYS D 167 -0.23 -0.95 23.52
CA CYS D 167 -0.68 -0.55 24.85
C CYS D 167 -2.12 -0.95 25.06
N ALA D 168 -2.92 -0.87 24.01
CA ALA D 168 -4.33 -1.24 24.07
C ALA D 168 -4.40 -2.74 24.38
N ASP D 169 -3.28 -3.41 24.21
CA ASP D 169 -3.17 -4.85 24.47
C ASP D 169 -2.38 -5.06 25.75
N LYS D 170 -2.99 -5.76 26.70
CA LYS D 170 -2.34 -6.01 27.99
C LYS D 170 -1.34 -7.16 27.94
N VAL D 171 -1.62 -8.16 27.09
CA VAL D 171 -0.72 -9.31 26.96
C VAL D 171 0.67 -8.87 26.57
N LEU D 172 0.81 -8.33 25.36
CA LEU D 172 2.10 -7.87 24.87
C LEU D 172 2.67 -6.80 25.77
N MSE D 173 1.80 -5.99 26.36
CA MSE D 173 2.24 -4.92 27.25
C MSE D 173 2.84 -5.52 28.52
O MSE D 173 3.84 -5.03 29.04
CB MSE D 173 1.06 -4.01 27.61
CG MSE D 173 1.48 -2.71 28.26
SE MSE D 173 2.55 -1.62 27.07
CE MSE D 173 4.30 -2.32 27.51
N ASP D 174 2.22 -6.59 28.99
CA ASP D 174 2.68 -7.28 30.19
C ASP D 174 3.89 -8.14 29.81
N MSE D 175 4.54 -7.77 28.71
CA MSE D 175 5.70 -8.52 28.23
C MSE D 175 6.84 -7.62 27.77
O MSE D 175 8.00 -8.04 27.78
CB MSE D 175 5.27 -9.43 27.08
CG MSE D 175 6.30 -10.48 26.69
SE MSE D 175 5.86 -11.41 25.04
CE MSE D 175 3.97 -11.67 25.33
N PHE D 176 6.53 -6.39 27.37
CA PHE D 176 7.56 -5.46 26.89
C PHE D 176 7.64 -4.12 27.61
N HIS D 177 6.90 -3.96 28.70
CA HIS D 177 6.91 -2.70 29.44
C HIS D 177 8.32 -2.19 29.69
N GLN D 178 9.29 -3.10 29.65
CA GLN D 178 10.69 -2.77 29.89
C GLN D 178 11.42 -2.08 28.74
N ASP D 179 11.14 -2.49 27.51
CA ASP D 179 11.81 -1.91 26.35
C ASP D 179 10.96 -0.92 25.56
N VAL D 180 9.64 -1.08 25.61
CA VAL D 180 8.73 -0.20 24.89
C VAL D 180 9.06 1.27 25.12
N GLU D 181 9.11 2.04 24.03
CA GLU D 181 9.42 3.46 24.11
C GLU D 181 8.16 4.24 24.52
N ASP D 182 8.32 5.14 25.49
CA ASP D 182 7.20 5.95 25.97
C ASP D 182 6.59 6.81 24.87
N ILE D 183 5.28 6.98 24.95
CA ILE D 183 4.54 7.78 23.98
C ILE D 183 4.75 9.28 24.23
N LEU E 6 -40.47 12.73 -5.12
CA LEU E 6 -40.16 14.11 -4.65
C LEU E 6 -38.65 14.36 -4.59
N PRO E 7 -37.87 13.37 -4.11
CA PRO E 7 -36.41 13.53 -4.01
C PRO E 7 -35.79 14.24 -5.20
N TYR E 8 -34.68 14.94 -4.95
CA TYR E 8 -33.98 15.69 -5.98
C TYR E 8 -33.32 14.76 -7.00
N GLU E 9 -33.46 15.09 -8.28
CA GLU E 9 -32.88 14.30 -9.35
C GLU E 9 -31.70 15.08 -9.93
N PHE E 10 -30.54 14.95 -9.29
CA PHE E 10 -29.33 15.65 -9.72
C PHE E 10 -29.04 15.57 -11.22
N PHE E 11 -29.26 14.39 -11.80
CA PHE E 11 -28.97 14.20 -13.21
C PHE E 11 -30.20 14.09 -14.12
N SER E 12 -31.00 15.15 -14.15
CA SER E 12 -32.18 15.19 -14.99
C SER E 12 -31.88 16.07 -16.20
N GLU E 13 -32.66 15.89 -17.27
CA GLU E 13 -32.48 16.68 -18.48
C GLU E 13 -32.65 18.16 -18.20
N GLU E 14 -32.90 18.50 -16.94
CA GLU E 14 -33.12 19.88 -16.55
C GLU E 14 -32.13 20.36 -15.48
N ASN E 15 -31.46 19.42 -14.81
CA ASN E 15 -30.52 19.78 -13.75
C ASN E 15 -29.09 19.29 -13.98
N ALA E 16 -28.94 18.21 -14.73
CA ALA E 16 -27.62 17.65 -15.00
C ALA E 16 -26.55 18.70 -15.30
N PRO E 17 -26.86 19.64 -16.22
CA PRO E 17 -25.89 20.70 -16.56
C PRO E 17 -25.35 21.47 -15.36
N LYS E 18 -26.02 21.36 -14.22
CA LYS E 18 -25.60 22.06 -13.01
C LYS E 18 -24.71 21.25 -12.09
N TRP E 19 -24.74 19.92 -12.22
CA TRP E 19 -23.93 19.08 -11.35
C TRP E 19 -22.85 18.28 -12.07
N ARG E 20 -23.19 17.62 -13.16
CA ARG E 20 -22.22 16.84 -13.91
C ARG E 20 -20.89 17.57 -14.08
N GLY E 21 -19.82 16.99 -13.55
CA GLY E 21 -18.52 17.59 -13.66
C GLY E 21 -18.29 18.77 -12.73
N LEU E 22 -19.15 18.93 -11.74
CA LEU E 22 -19.02 20.03 -10.79
C LEU E 22 -18.00 19.73 -9.69
N LEU E 23 -17.96 18.48 -9.26
CA LEU E 23 -17.04 18.06 -8.21
C LEU E 23 -15.70 17.57 -8.76
N VAL E 24 -15.73 16.92 -9.91
CA VAL E 24 -14.53 16.38 -10.54
C VAL E 24 -13.31 17.29 -10.39
N PRO E 25 -13.43 18.58 -10.74
CA PRO E 25 -12.30 19.51 -10.62
C PRO E 25 -11.67 19.45 -9.22
N ALA E 26 -12.49 19.64 -8.20
CA ALA E 26 -12.01 19.62 -6.82
C ALA E 26 -11.51 18.23 -6.43
N LEU E 27 -12.19 17.20 -6.92
CA LEU E 27 -11.80 15.83 -6.60
C LEU E 27 -10.38 15.53 -7.06
N LYS E 28 -10.02 16.01 -8.25
CA LYS E 28 -8.67 15.79 -8.76
C LYS E 28 -7.68 16.32 -7.73
N LYS E 29 -8.02 17.46 -7.14
CA LYS E 29 -7.18 18.07 -6.12
C LYS E 29 -7.06 17.17 -4.90
N VAL E 30 -8.18 16.56 -4.52
CA VAL E 30 -8.19 15.67 -3.36
C VAL E 30 -7.32 14.44 -3.57
N GLN E 31 -7.53 13.74 -4.68
CA GLN E 31 -6.75 12.55 -4.99
C GLN E 31 -5.27 12.89 -4.97
N GLY E 32 -4.94 14.08 -5.43
CA GLY E 32 -3.55 14.51 -5.46
C GLY E 32 -3.00 14.78 -4.08
N GLN E 33 -3.87 14.76 -3.07
CA GLN E 33 -3.47 15.00 -1.69
C GLN E 33 -3.17 13.69 -0.97
N VAL E 34 -4.06 12.72 -1.13
CA VAL E 34 -3.89 11.43 -0.49
C VAL E 34 -3.04 10.47 -1.34
N HIS E 35 -2.80 10.86 -2.59
CA HIS E 35 -2.00 10.05 -3.50
C HIS E 35 -1.37 10.91 -4.61
N PRO E 36 -0.27 11.61 -4.29
CA PRO E 36 0.40 12.47 -5.27
C PRO E 36 0.87 11.70 -6.50
N THR E 37 1.47 10.53 -6.29
CA THR E 37 1.96 9.70 -7.37
C THR E 37 0.86 9.36 -8.37
N LEU E 38 -0.11 8.58 -7.93
CA LEU E 38 -1.23 8.16 -8.78
C LEU E 38 -1.79 9.29 -9.64
N GLU E 39 -2.26 8.94 -10.83
CA GLU E 39 -2.82 9.92 -11.76
C GLU E 39 -4.34 9.94 -11.74
N SER E 40 -4.92 11.05 -12.20
CA SER E 40 -6.37 11.23 -12.23
C SER E 40 -7.05 10.59 -13.43
N ASN E 41 -8.28 10.13 -13.21
CA ASN E 41 -9.07 9.51 -14.27
C ASN E 41 -10.46 10.12 -14.23
N ASP E 42 -10.84 10.82 -15.30
CA ASP E 42 -12.13 11.48 -15.37
C ASP E 42 -13.30 10.51 -15.27
N ASP E 43 -13.21 9.39 -15.98
CA ASP E 43 -14.27 8.38 -15.97
C ASP E 43 -14.48 7.80 -14.57
N ALA E 44 -13.43 7.85 -13.76
CA ALA E 44 -13.49 7.32 -12.41
C ALA E 44 -13.92 8.38 -11.40
N LEU E 45 -13.37 9.59 -11.53
CA LEU E 45 -13.70 10.67 -10.62
C LEU E 45 -15.11 11.20 -10.86
N GLN E 46 -15.78 10.62 -11.85
CA GLN E 46 -17.15 11.01 -12.17
C GLN E 46 -18.06 10.05 -11.43
N TYR E 47 -17.56 8.84 -11.21
CA TYR E 47 -18.28 7.80 -10.50
C TYR E 47 -18.30 8.19 -9.03
N VAL E 48 -17.20 8.81 -8.58
CA VAL E 48 -17.09 9.26 -7.21
C VAL E 48 -18.07 10.42 -7.01
N GLU E 49 -18.17 11.28 -8.01
CA GLU E 49 -19.08 12.41 -7.96
C GLU E 49 -20.51 11.91 -7.78
N GLU E 50 -20.88 10.91 -8.57
CA GLU E 50 -22.22 10.34 -8.48
C GLU E 50 -22.48 9.80 -7.07
N LEU E 51 -21.49 9.12 -6.52
CA LEU E 51 -21.61 8.57 -5.17
C LEU E 51 -21.68 9.67 -4.11
N ILE E 52 -20.76 10.62 -4.20
CA ILE E 52 -20.73 11.72 -3.25
C ILE E 52 -22.03 12.53 -3.30
N LEU E 53 -22.68 12.51 -4.46
CA LEU E 53 -23.93 13.24 -4.62
C LEU E 53 -25.09 12.47 -4.02
N GLN E 54 -25.15 11.16 -4.29
CA GLN E 54 -26.21 10.33 -3.74
C GLN E 54 -26.14 10.38 -2.22
N LEU E 55 -24.96 10.76 -1.72
CA LEU E 55 -24.75 10.89 -0.28
C LEU E 55 -25.30 12.24 0.14
N LEU E 56 -24.94 13.28 -0.63
CA LEU E 56 -25.41 14.64 -0.36
C LEU E 56 -26.93 14.61 -0.31
N ASN E 57 -27.52 13.77 -1.16
CA ASN E 57 -28.96 13.64 -1.22
C ASN E 57 -29.47 13.01 0.07
N MSE E 58 -28.83 11.93 0.50
CA MSE E 58 -29.21 11.25 1.74
C MSE E 58 -28.97 12.16 2.94
O MSE E 58 -29.59 11.99 3.99
CB MSE E 58 -28.40 9.95 1.88
CG MSE E 58 -28.68 9.17 3.16
SE MSE E 58 -27.54 9.68 4.64
CE MSE E 58 -26.25 8.25 4.52
N LEU E 59 -28.08 13.13 2.77
CA LEU E 59 -27.77 14.09 3.83
C LEU E 59 -28.76 15.24 3.85
N CYS E 60 -29.62 15.29 2.84
CA CYS E 60 -30.62 16.36 2.74
C CYS E 60 -32.03 15.86 3.02
N GLN E 61 -32.21 14.55 3.04
CA GLN E 61 -33.52 13.96 3.29
C GLN E 61 -34.08 14.46 4.63
N ALA E 62 -33.23 14.47 5.65
CA ALA E 62 -33.63 14.93 6.97
C ALA E 62 -33.77 16.44 6.98
N GLN E 63 -33.91 17.02 5.80
CA GLN E 63 -34.06 18.47 5.62
C GLN E 63 -33.32 19.29 6.68
N PRO E 64 -31.98 19.20 6.69
CA PRO E 64 -31.16 19.94 7.66
C PRO E 64 -31.35 21.45 7.51
N ARG E 65 -31.81 22.08 8.58
CA ARG E 65 -32.03 23.53 8.57
C ARG E 65 -30.93 24.28 9.31
N SER E 66 -30.21 23.58 10.17
CA SER E 66 -29.14 24.21 10.94
C SER E 66 -27.84 23.42 10.84
N ALA E 67 -26.76 23.98 11.39
CA ALA E 67 -25.45 23.36 11.37
C ALA E 67 -25.45 22.03 12.12
N SER E 68 -26.12 22.00 13.26
CA SER E 68 -26.18 20.79 14.07
C SER E 68 -27.11 19.73 13.48
N ASP E 69 -28.16 20.19 12.80
CA ASP E 69 -29.13 19.28 12.18
C ASP E 69 -28.46 18.19 11.36
N VAL E 70 -27.39 18.55 10.66
CA VAL E 70 -26.67 17.61 9.81
C VAL E 70 -25.86 16.61 10.64
N GLU E 71 -25.16 17.11 11.65
CA GLU E 71 -24.34 16.26 12.51
C GLU E 71 -25.11 15.05 13.04
N GLU E 72 -26.34 15.28 13.50
CA GLU E 72 -27.15 14.21 14.04
C GLU E 72 -27.53 13.19 12.96
N ARG E 73 -27.57 13.65 11.71
CA ARG E 73 -27.92 12.77 10.59
C ARG E 73 -26.74 11.87 10.23
N VAL E 74 -25.53 12.40 10.42
CA VAL E 74 -24.31 11.66 10.13
C VAL E 74 -24.05 10.61 11.20
N GLN E 75 -24.37 10.96 12.44
CA GLN E 75 -24.17 10.09 13.59
C GLN E 75 -25.15 8.92 13.60
N LYS E 76 -26.16 8.98 12.72
CA LYS E 76 -27.16 7.92 12.66
C LYS E 76 -27.06 7.06 11.40
N SER E 77 -26.33 7.54 10.40
CA SER E 77 -26.18 6.79 9.15
C SER E 77 -24.76 6.31 8.91
N PHE E 78 -23.78 7.15 9.22
CA PHE E 78 -22.38 6.81 9.03
C PHE E 78 -21.91 5.73 10.01
N PRO E 79 -21.49 4.57 9.49
CA PRO E 79 -21.00 3.46 10.32
C PRO E 79 -19.86 3.88 11.24
N HIS E 80 -19.32 2.92 11.99
CA HIS E 80 -18.23 3.16 12.93
C HIS E 80 -16.88 2.69 12.43
N PRO E 81 -15.83 3.53 12.44
CA PRO E 81 -15.18 4.84 12.71
C PRO E 81 -15.75 6.10 12.13
N ILE E 82 -15.84 6.07 10.81
CA ILE E 82 -16.28 7.18 10.02
C ILE E 82 -17.15 8.20 10.75
N ASP E 83 -18.38 7.85 11.10
CA ASP E 83 -19.26 8.79 11.79
C ASP E 83 -18.52 9.74 12.72
N LYS E 84 -17.78 9.20 13.69
CA LYS E 84 -17.04 10.02 14.63
C LYS E 84 -16.02 10.90 13.90
N TRP E 85 -15.14 10.25 13.14
CA TRP E 85 -14.11 10.94 12.38
C TRP E 85 -14.70 12.06 11.54
N ALA E 86 -15.62 11.72 10.65
CA ALA E 86 -16.26 12.68 9.77
C ALA E 86 -16.76 13.91 10.54
N ILE E 87 -17.62 13.68 11.50
CA ILE E 87 -18.17 14.77 12.32
C ILE E 87 -17.06 15.66 12.82
N ALA E 88 -15.97 15.06 13.27
CA ALA E 88 -14.82 15.82 13.78
C ALA E 88 -14.32 16.76 12.70
N ASP E 89 -14.00 16.19 11.54
CA ASP E 89 -13.50 16.97 10.41
C ASP E 89 -14.51 18.06 10.05
N ALA E 90 -15.78 17.68 10.03
CA ALA E 90 -16.87 18.60 9.70
C ALA E 90 -16.87 19.77 10.68
N GLN E 91 -17.00 19.45 11.97
CA GLN E 91 -17.02 20.48 13.01
C GLN E 91 -15.73 21.30 12.93
N SER E 92 -14.65 20.65 12.54
CA SER E 92 -13.35 21.31 12.44
C SER E 92 -13.30 22.25 11.24
N ALA E 93 -14.12 21.96 10.23
CA ALA E 93 -14.18 22.77 9.02
C ALA E 93 -14.81 24.14 9.26
N ILE E 94 -15.88 24.15 10.07
CA ILE E 94 -16.58 25.39 10.36
C ILE E 94 -16.02 26.13 11.58
N GLU E 95 -14.75 25.89 11.89
CA GLU E 95 -14.10 26.54 13.03
C GLU E 95 -12.92 27.40 12.58
N LYS E 96 -12.62 27.37 11.30
CA LYS E 96 -11.51 28.15 10.75
C LYS E 96 -10.20 27.77 11.41
N ARG E 99 -5.19 23.50 9.24
CA ARG E 99 -5.47 22.17 8.71
C ARG E 99 -4.33 21.71 7.81
N ARG E 100 -4.16 20.40 7.69
CA ARG E 100 -3.11 19.81 6.85
C ARG E 100 -3.42 20.05 5.37
N ASN E 101 -4.49 19.44 4.89
CA ASN E 101 -4.92 19.60 3.52
C ASN E 101 -6.20 20.42 3.56
N PRO E 102 -6.10 21.72 3.24
CA PRO E 102 -7.22 22.67 3.23
C PRO E 102 -8.47 22.15 2.53
N LEU E 103 -9.55 22.90 2.62
CA LEU E 103 -10.80 22.52 1.97
C LEU E 103 -10.54 22.47 0.47
N SER E 104 -11.28 21.61 -0.24
CA SER E 104 -11.07 21.46 -1.67
C SER E 104 -12.32 21.62 -2.54
N LEU E 105 -13.46 21.09 -2.08
CA LEU E 105 -14.70 21.19 -2.85
C LEU E 105 -15.24 22.60 -2.97
N PRO E 106 -15.83 22.94 -4.12
CA PRO E 106 -16.42 24.25 -4.40
C PRO E 106 -17.55 24.59 -3.44
N VAL E 107 -17.22 25.18 -2.31
CA VAL E 107 -18.23 25.54 -1.31
C VAL E 107 -19.08 26.72 -1.78
N GLU E 108 -18.43 27.71 -2.39
CA GLU E 108 -19.13 28.90 -2.88
C GLU E 108 -20.09 28.58 -4.02
N LYS E 109 -19.96 27.39 -4.60
CA LYS E 109 -20.83 26.98 -5.68
C LYS E 109 -21.94 26.06 -5.19
N ILE E 110 -21.57 25.07 -4.39
CA ILE E 110 -22.53 24.12 -3.85
C ILE E 110 -23.52 24.82 -2.93
N HIS E 111 -23.02 25.79 -2.15
CA HIS E 111 -23.86 26.52 -1.23
C HIS E 111 -25.14 27.02 -1.92
N PRO E 112 -25.00 27.79 -3.01
CA PRO E 112 -26.19 28.28 -3.72
C PRO E 112 -27.04 27.15 -4.28
N LEU E 113 -26.37 26.05 -4.64
CA LEU E 113 -27.06 24.89 -5.20
C LEU E 113 -27.88 24.12 -4.16
N LEU E 114 -27.48 24.23 -2.90
CA LEU E 114 -28.19 23.55 -1.82
C LEU E 114 -29.53 24.22 -1.53
N LYS E 115 -29.61 25.52 -1.83
CA LYS E 115 -30.84 26.26 -1.61
C LYS E 115 -31.86 25.93 -2.69
N GLU E 116 -31.48 25.04 -3.60
CA GLU E 116 -32.34 24.62 -4.69
C GLU E 116 -32.67 23.13 -4.56
N VAL E 117 -32.06 22.49 -3.57
CA VAL E 117 -32.27 21.06 -3.34
C VAL E 117 -33.09 20.84 -2.06
N LEU E 118 -32.96 21.77 -1.12
CA LEU E 118 -33.67 21.68 0.15
C LEU E 118 -35.07 22.30 0.05
N GLY E 119 -35.13 23.50 -0.50
CA GLY E 119 -36.41 24.18 -0.65
C GLY E 119 -36.55 25.36 0.30
N TYR E 120 -35.43 25.79 0.87
CA TYR E 120 -35.43 26.91 1.81
C TYR E 120 -34.03 27.48 1.98
N LYS E 121 -33.91 28.53 2.80
CA LYS E 121 -32.64 29.18 3.05
C LYS E 121 -31.88 28.53 4.20
N ILE E 122 -30.60 28.25 3.99
CA ILE E 122 -29.76 27.64 5.01
C ILE E 122 -28.55 28.51 5.30
N ASP E 123 -28.16 28.59 6.57
CA ASP E 123 -27.01 29.39 6.97
C ASP E 123 -25.77 28.90 6.23
N HIS E 124 -24.69 29.65 6.29
CA HIS E 124 -23.46 29.27 5.61
C HIS E 124 -22.80 28.06 6.26
N GLN E 125 -22.66 28.09 7.59
CA GLN E 125 -22.05 26.99 8.32
C GLN E 125 -22.62 25.64 7.89
N VAL E 126 -23.90 25.62 7.53
CA VAL E 126 -24.55 24.39 7.10
C VAL E 126 -23.87 23.83 5.85
N SER E 127 -23.83 24.65 4.80
CA SER E 127 -23.20 24.26 3.55
C SER E 127 -21.78 23.78 3.80
N VAL E 128 -20.95 24.66 4.34
CA VAL E 128 -19.56 24.33 4.64
C VAL E 128 -19.48 22.99 5.34
N TYR E 129 -20.37 22.80 6.33
CA TYR E 129 -20.42 21.56 7.09
C TYR E 129 -20.72 20.39 6.16
N ILE E 130 -21.84 20.49 5.46
CA ILE E 130 -22.27 19.44 4.53
C ILE E 130 -21.17 19.11 3.52
N VAL E 131 -20.61 20.15 2.91
CA VAL E 131 -19.55 19.96 1.92
C VAL E 131 -18.38 19.21 2.55
N ALA E 132 -18.00 19.62 3.76
CA ALA E 132 -16.90 19.00 4.47
C ALA E 132 -17.11 17.49 4.58
N VAL E 133 -18.29 17.09 5.03
CA VAL E 133 -18.62 15.68 5.17
C VAL E 133 -18.48 14.97 3.83
N LEU E 134 -18.90 15.65 2.77
CA LEU E 134 -18.83 15.09 1.42
C LEU E 134 -17.36 14.85 1.04
N GLU E 135 -16.52 15.85 1.29
CA GLU E 135 -15.11 15.76 0.97
C GLU E 135 -14.45 14.61 1.74
N TYR E 136 -14.81 14.46 3.00
CA TYR E 136 -14.24 13.40 3.82
C TYR E 136 -14.44 12.05 3.14
N ILE E 137 -15.70 11.71 2.87
CA ILE E 137 -16.02 10.46 2.22
C ILE E 137 -15.28 10.37 0.89
N SER E 138 -15.19 11.51 0.20
CA SER E 138 -14.50 11.57 -1.08
C SER E 138 -13.07 11.07 -0.87
N ALA E 139 -12.35 11.75 0.02
CA ALA E 139 -10.97 11.37 0.32
C ALA E 139 -10.92 9.92 0.75
N ASP E 140 -11.72 9.57 1.75
CA ASP E 140 -11.76 8.21 2.26
C ASP E 140 -11.93 7.20 1.14
N ILE E 141 -12.81 7.51 0.19
CA ILE E 141 -13.04 6.61 -0.94
C ILE E 141 -11.76 6.50 -1.75
N LEU E 142 -11.22 7.65 -2.16
CA LEU E 142 -10.00 7.68 -2.95
C LEU E 142 -8.88 6.98 -2.19
N LYS E 143 -8.58 7.49 -0.99
CA LYS E 143 -7.53 6.93 -0.14
C LYS E 143 -7.56 5.40 -0.21
N LEU E 144 -8.76 4.83 -0.12
CA LEU E 144 -8.92 3.39 -0.17
C LEU E 144 -8.47 2.85 -1.52
N ALA E 145 -9.23 3.17 -2.57
CA ALA E 145 -8.91 2.74 -3.92
C ALA E 145 -7.47 3.06 -4.28
N GLY E 146 -7.03 4.26 -3.88
CA GLY E 146 -5.67 4.67 -4.17
C GLY E 146 -4.66 3.68 -3.65
N ASN E 147 -4.95 3.08 -2.50
CA ASN E 147 -4.04 2.11 -1.91
C ASN E 147 -4.16 0.78 -2.64
N TYR E 148 -5.39 0.38 -2.96
CA TYR E 148 -5.62 -0.86 -3.68
C TYR E 148 -4.81 -0.81 -4.98
N VAL E 149 -4.82 0.35 -5.62
CA VAL E 149 -4.08 0.55 -6.86
C VAL E 149 -2.59 0.35 -6.62
N ARG E 150 -2.03 1.14 -5.71
CA ARG E 150 -0.61 1.05 -5.40
C ARG E 150 -0.18 -0.37 -5.03
N ASN E 151 -1.08 -1.12 -4.41
CA ASN E 151 -0.76 -2.48 -4.00
C ASN E 151 -0.55 -3.37 -5.22
N ILE E 152 -1.32 -3.14 -6.27
CA ILE E 152 -1.20 -3.93 -7.49
C ILE E 152 -0.24 -3.29 -8.49
N ARG E 153 0.32 -2.14 -8.09
CA ARG E 153 1.27 -1.42 -8.93
C ARG E 153 0.63 -0.99 -10.26
N HIS E 154 -0.23 0.03 -10.21
CA HIS E 154 -0.91 0.50 -11.42
C HIS E 154 -0.71 1.97 -11.73
N TYR E 155 -0.47 2.77 -10.69
CA TYR E 155 -0.22 4.20 -10.86
C TYR E 155 -1.41 5.01 -11.39
N GLU E 156 -2.55 4.36 -11.61
CA GLU E 156 -3.73 5.06 -12.11
C GLU E 156 -5.00 4.51 -11.46
N ILE E 157 -5.82 5.41 -10.92
CA ILE E 157 -7.06 5.02 -10.27
C ILE E 157 -8.23 5.02 -11.26
N THR E 158 -8.45 3.87 -11.89
CA THR E 158 -9.52 3.71 -12.85
C THR E 158 -10.85 3.55 -12.12
N LYS E 159 -11.95 3.57 -12.87
CA LYS E 159 -13.28 3.42 -12.28
C LYS E 159 -13.40 2.04 -11.66
N GLN E 160 -13.09 1.01 -12.46
CA GLN E 160 -13.16 -0.37 -12.01
C GLN E 160 -12.28 -0.55 -10.78
N ASP E 161 -11.25 0.29 -10.66
CA ASP E 161 -10.35 0.24 -9.53
C ASP E 161 -11.09 0.59 -8.24
N ILE E 162 -11.88 1.65 -8.31
CA ILE E 162 -12.64 2.11 -7.16
C ILE E 162 -13.69 1.06 -6.76
N LYS E 163 -14.33 0.45 -7.75
CA LYS E 163 -15.35 -0.57 -7.49
C LYS E 163 -14.79 -1.67 -6.61
N VAL E 164 -13.80 -2.39 -7.13
CA VAL E 164 -13.18 -3.49 -6.39
C VAL E 164 -12.68 -3.02 -5.02
N ALA E 165 -11.82 -2.01 -5.03
CA ALA E 165 -11.26 -1.47 -3.79
C ALA E 165 -12.36 -1.06 -2.81
N MSE E 166 -13.52 -0.70 -3.35
CA MSE E 166 -14.64 -0.28 -2.52
C MSE E 166 -15.25 -1.46 -1.77
O MSE E 166 -15.53 -1.37 -0.57
CB MSE E 166 -15.71 0.37 -3.39
CG MSE E 166 -16.73 1.21 -2.64
SE MSE E 166 -16.65 3.08 -3.16
CE MSE E 166 -17.47 2.90 -4.89
N CYS E 167 -15.45 -2.57 -2.47
CA CYS E 167 -16.02 -3.78 -1.87
C CYS E 167 -15.22 -4.25 -0.66
N ALA E 168 -13.93 -4.51 -0.88
CA ALA E 168 -13.04 -4.98 0.19
C ALA E 168 -13.37 -4.30 1.51
N ASP E 169 -13.41 -2.97 1.50
CA ASP E 169 -13.71 -2.21 2.70
C ASP E 169 -15.21 -2.33 2.99
N LYS E 170 -15.54 -2.95 4.12
CA LYS E 170 -16.93 -3.16 4.51
C LYS E 170 -17.59 -1.90 5.06
N VAL E 171 -16.79 -0.94 5.51
CA VAL E 171 -17.31 0.30 6.05
C VAL E 171 -18.02 1.15 5.00
N LEU E 172 -17.40 1.26 3.83
CA LEU E 172 -17.99 2.04 2.75
C LEU E 172 -19.13 1.25 2.11
N MSE E 173 -18.92 -0.05 1.99
CA MSE E 173 -19.93 -0.93 1.41
C MSE E 173 -21.18 -0.86 2.27
O MSE E 173 -22.31 -0.84 1.76
CB MSE E 173 -19.42 -2.37 1.36
CG MSE E 173 -20.19 -3.29 0.44
SE MSE E 173 -19.93 -2.82 -1.42
CE MSE E 173 -21.39 -1.59 -1.63
N ASP E 174 -20.98 -0.81 3.58
CA ASP E 174 -22.07 -0.73 4.54
C ASP E 174 -22.74 0.64 4.41
N MSE E 175 -22.08 1.54 3.70
CA MSE E 175 -22.61 2.89 3.51
C MSE E 175 -22.98 3.17 2.05
O MSE E 175 -23.45 4.26 1.73
CB MSE E 175 -21.57 3.93 3.97
CG MSE E 175 -22.11 5.35 4.06
SE MSE E 175 -20.71 6.67 4.21
CE MSE E 175 -20.17 6.35 6.04
N PHE E 176 -22.79 2.20 1.17
CA PHE E 176 -23.11 2.41 -0.24
C PHE E 176 -23.72 1.24 -1.00
N HIS E 177 -24.07 0.15 -0.32
CA HIS E 177 -24.67 -0.98 -1.01
C HIS E 177 -26.07 -0.60 -1.51
N GLN E 178 -26.11 0.15 -2.59
CA GLN E 178 -27.36 0.61 -3.19
C GLN E 178 -27.05 1.52 -4.37
N ASP E 179 -25.95 2.24 -4.29
CA ASP E 179 -25.53 3.16 -5.33
C ASP E 179 -24.33 2.63 -6.09
N VAL E 180 -23.74 1.54 -5.60
CA VAL E 180 -22.58 0.93 -6.24
C VAL E 180 -22.99 0.10 -7.46
N GLU E 181 -22.13 0.09 -8.47
CA GLU E 181 -22.39 -0.65 -9.70
C GLU E 181 -21.89 -2.08 -9.58
N ASP E 182 -22.53 -3.01 -10.29
CA ASP E 182 -22.13 -4.41 -10.22
C ASP E 182 -20.73 -4.61 -10.80
N ILE E 183 -19.95 -5.43 -10.11
CA ILE E 183 -18.56 -5.73 -10.46
C ILE E 183 -18.31 -6.24 -11.89
N LEU F 6 32.85 -16.23 -7.37
CA LEU F 6 31.54 -16.91 -7.57
C LEU F 6 30.68 -16.21 -8.63
N PRO F 7 30.37 -14.92 -8.42
CA PRO F 7 29.56 -14.15 -9.37
C PRO F 7 29.99 -14.23 -10.82
N TYR F 8 29.04 -14.01 -11.72
CA TYR F 8 29.29 -14.03 -13.16
C TYR F 8 29.36 -12.58 -13.62
N GLU F 9 30.42 -12.23 -14.34
CA GLU F 9 30.57 -10.87 -14.84
C GLU F 9 30.02 -10.75 -16.25
N PHE F 10 28.79 -10.24 -16.35
CA PHE F 10 28.13 -10.07 -17.64
C PHE F 10 28.89 -9.15 -18.58
N PHE F 11 29.84 -8.39 -18.06
CA PHE F 11 30.56 -7.46 -18.89
C PHE F 11 32.08 -7.58 -18.96
N SER F 12 32.60 -8.78 -18.73
CA SER F 12 34.04 -9.00 -18.82
C SER F 12 34.35 -8.96 -20.30
N GLU F 13 35.53 -8.47 -20.68
CA GLU F 13 35.88 -8.40 -22.10
C GLU F 13 35.54 -9.69 -22.84
N GLU F 14 35.40 -10.77 -22.10
CA GLU F 14 35.07 -12.06 -22.69
C GLU F 14 33.56 -12.28 -22.80
N ASN F 15 32.83 -11.89 -21.75
CA ASN F 15 31.38 -12.06 -21.73
C ASN F 15 30.60 -10.83 -22.21
N ALA F 16 31.18 -9.64 -22.01
CA ALA F 16 30.54 -8.39 -22.41
C ALA F 16 29.90 -8.47 -23.80
N PRO F 17 30.64 -8.95 -24.80
CA PRO F 17 30.10 -9.05 -26.16
C PRO F 17 28.83 -9.92 -26.25
N LYS F 18 28.52 -10.62 -25.17
CA LYS F 18 27.35 -11.50 -25.15
C LYS F 18 26.12 -10.90 -24.49
N TRP F 19 26.31 -9.93 -23.61
CA TRP F 19 25.17 -9.33 -22.91
C TRP F 19 24.91 -7.86 -23.21
N ARG F 20 25.96 -7.08 -23.38
CA ARG F 20 25.82 -5.65 -23.66
C ARG F 20 24.77 -5.43 -24.75
N GLY F 21 23.77 -4.61 -24.46
CA GLY F 21 22.73 -4.32 -25.43
C GLY F 21 21.94 -5.52 -25.92
N LEU F 22 21.89 -6.57 -25.11
CA LEU F 22 21.15 -7.78 -25.48
C LEU F 22 19.67 -7.66 -25.16
N LEU F 23 19.35 -6.91 -24.12
CA LEU F 23 17.96 -6.72 -23.69
C LEU F 23 17.40 -5.37 -24.13
N VAL F 24 18.29 -4.41 -24.38
CA VAL F 24 17.89 -3.08 -24.80
C VAL F 24 16.75 -3.10 -25.82
N PRO F 25 16.89 -3.90 -26.89
CA PRO F 25 15.83 -3.97 -27.91
C PRO F 25 14.45 -4.21 -27.29
N ALA F 26 14.32 -5.31 -26.56
CA ALA F 26 13.06 -5.66 -25.92
C ALA F 26 12.67 -4.62 -24.87
N LEU F 27 13.64 -4.15 -24.10
CA LEU F 27 13.38 -3.15 -23.07
C LEU F 27 12.73 -1.90 -23.67
N LYS F 28 13.11 -1.58 -24.90
CA LYS F 28 12.56 -0.42 -25.59
C LYS F 28 11.13 -0.77 -26.02
N LYS F 29 10.94 -2.04 -26.37
CA LYS F 29 9.63 -2.53 -26.80
C LYS F 29 8.65 -2.52 -25.63
N VAL F 30 9.18 -2.74 -24.42
CA VAL F 30 8.36 -2.77 -23.22
C VAL F 30 7.97 -1.37 -22.76
N GLN F 31 8.86 -0.39 -22.98
CA GLN F 31 8.57 0.97 -22.56
C GLN F 31 7.52 1.58 -23.48
N GLY F 32 7.10 0.82 -24.48
CA GLY F 32 6.10 1.29 -25.41
C GLY F 32 4.72 0.83 -24.95
N GLN F 33 4.68 -0.35 -24.34
CA GLN F 33 3.44 -0.92 -23.83
C GLN F 33 3.08 -0.17 -22.54
N VAL F 34 4.09 0.02 -21.70
CA VAL F 34 3.94 0.71 -20.43
C VAL F 34 3.55 2.17 -20.63
N HIS F 35 4.39 2.93 -21.32
CA HIS F 35 4.13 4.34 -21.57
C HIS F 35 4.29 4.69 -23.04
N PRO F 36 3.16 4.70 -23.79
CA PRO F 36 3.15 5.02 -25.22
C PRO F 36 3.62 6.44 -25.54
N THR F 37 3.28 7.38 -24.66
CA THR F 37 3.64 8.78 -24.85
C THR F 37 5.10 9.09 -24.53
N LEU F 38 5.67 8.39 -23.55
CA LEU F 38 7.05 8.62 -23.16
C LEU F 38 8.08 7.95 -24.07
N GLU F 39 9.13 8.71 -24.40
CA GLU F 39 10.20 8.22 -25.25
C GLU F 39 11.24 7.48 -24.40
N SER F 40 12.22 6.86 -25.07
CA SER F 40 13.25 6.11 -24.37
C SER F 40 14.67 6.51 -24.75
N ASN F 41 15.55 6.55 -23.77
CA ASN F 41 16.96 6.88 -23.97
C ASN F 41 17.79 5.61 -23.98
N ASP F 42 18.44 5.33 -25.10
CA ASP F 42 19.26 4.13 -25.20
C ASP F 42 20.23 4.08 -24.02
N ASP F 43 20.55 5.25 -23.49
CA ASP F 43 21.45 5.36 -22.35
C ASP F 43 20.76 4.81 -21.11
N ALA F 44 19.52 5.24 -20.89
CA ALA F 44 18.73 4.79 -19.74
C ALA F 44 18.31 3.33 -19.91
N LEU F 45 17.80 3.01 -21.10
CA LEU F 45 17.37 1.65 -21.40
C LEU F 45 18.49 0.66 -21.19
N GLN F 46 19.72 1.12 -21.34
CA GLN F 46 20.88 0.25 -21.17
C GLN F 46 21.19 0.07 -19.69
N TYR F 47 20.76 1.03 -18.87
CA TYR F 47 20.97 0.97 -17.43
C TYR F 47 20.05 -0.08 -16.81
N VAL F 48 18.84 -0.17 -17.34
CA VAL F 48 17.87 -1.14 -16.85
C VAL F 48 18.45 -2.54 -17.05
N GLU F 49 19.01 -2.78 -18.23
CA GLU F 49 19.61 -4.06 -18.56
C GLU F 49 20.60 -4.49 -17.47
N GLU F 50 21.43 -3.56 -17.02
CA GLU F 50 22.40 -3.85 -15.98
C GLU F 50 21.68 -4.37 -14.74
N LEU F 51 20.67 -3.63 -14.30
CA LEU F 51 19.89 -4.02 -13.12
C LEU F 51 19.23 -5.37 -13.37
N ILE F 52 18.48 -5.46 -14.46
CA ILE F 52 17.78 -6.69 -14.82
C ILE F 52 18.73 -7.87 -14.90
N LEU F 53 19.91 -7.65 -15.48
CA LEU F 53 20.91 -8.71 -15.59
C LEU F 53 21.45 -9.05 -14.22
N GLN F 54 21.72 -8.01 -13.43
CA GLN F 54 22.23 -8.21 -12.07
C GLN F 54 21.23 -9.08 -11.32
N LEU F 55 19.97 -8.99 -11.75
CA LEU F 55 18.90 -9.77 -11.15
C LEU F 55 18.98 -11.20 -11.67
N LEU F 56 19.14 -11.33 -12.98
CA LEU F 56 19.24 -12.65 -13.61
C LEU F 56 20.32 -13.47 -12.92
N ASN F 57 21.28 -12.79 -12.32
CA ASN F 57 22.37 -13.45 -11.62
C ASN F 57 21.94 -13.82 -10.21
N MSE F 58 21.17 -12.92 -9.58
CA MSE F 58 20.69 -13.15 -8.22
C MSE F 58 19.81 -14.39 -8.15
O MSE F 58 19.59 -14.94 -7.08
CB MSE F 58 19.90 -11.92 -7.73
CG MSE F 58 19.48 -12.00 -6.28
SE MSE F 58 17.57 -12.17 -6.04
CE MSE F 58 17.14 -10.31 -5.75
N LEU F 59 19.33 -14.84 -9.31
CA LEU F 59 18.49 -16.02 -9.37
C LEU F 59 19.31 -17.27 -9.66
N CYS F 60 20.30 -17.13 -10.54
CA CYS F 60 21.16 -18.24 -10.90
C CYS F 60 22.05 -18.69 -9.75
N GLN F 61 22.38 -17.77 -8.85
CA GLN F 61 23.22 -18.10 -7.71
C GLN F 61 22.58 -19.18 -6.87
N ALA F 62 21.26 -19.30 -6.96
CA ALA F 62 20.53 -20.31 -6.20
C ALA F 62 20.56 -21.64 -6.93
N GLN F 63 21.32 -21.70 -8.02
CA GLN F 63 21.44 -22.91 -8.82
C GLN F 63 20.10 -23.60 -9.08
N PRO F 64 19.13 -22.86 -9.65
CA PRO F 64 17.82 -23.44 -9.93
C PRO F 64 17.91 -24.56 -10.97
N ARG F 65 17.27 -25.69 -10.67
CA ARG F 65 17.29 -26.82 -11.59
C ARG F 65 15.88 -27.25 -12.00
N SER F 66 14.92 -26.35 -11.82
CA SER F 66 13.54 -26.63 -12.17
C SER F 66 12.67 -25.38 -12.05
N ALA F 67 11.53 -25.38 -12.74
CA ALA F 67 10.63 -24.25 -12.71
C ALA F 67 10.28 -23.89 -11.26
N SER F 68 9.94 -24.89 -10.47
CA SER F 68 9.58 -24.69 -9.08
C SER F 68 10.73 -24.05 -8.29
N ASP F 69 11.93 -24.59 -8.46
CA ASP F 69 13.12 -24.08 -7.77
C ASP F 69 13.22 -22.56 -7.84
N VAL F 70 12.88 -21.99 -8.99
CA VAL F 70 12.95 -20.54 -9.16
C VAL F 70 11.80 -19.87 -8.43
N GLU F 71 10.60 -20.42 -8.58
CA GLU F 71 9.42 -19.85 -7.92
C GLU F 71 9.71 -19.62 -6.45
N GLU F 72 10.31 -20.63 -5.81
CA GLU F 72 10.67 -20.54 -4.41
C GLU F 72 11.70 -19.43 -4.19
N ARG F 73 12.71 -19.39 -5.05
CA ARG F 73 13.75 -18.38 -4.95
C ARG F 73 13.16 -16.98 -4.99
N VAL F 74 12.18 -16.78 -5.85
CA VAL F 74 11.53 -15.49 -5.97
C VAL F 74 10.69 -15.22 -4.73
N GLN F 75 9.98 -16.24 -4.27
CA GLN F 75 9.14 -16.13 -3.09
C GLN F 75 9.93 -15.85 -1.83
N LYS F 76 11.27 -15.84 -1.94
CA LYS F 76 12.12 -15.59 -0.79
C LYS F 76 12.91 -14.29 -0.83
N SER F 77 13.23 -13.83 -2.04
CA SER F 77 14.00 -12.60 -2.19
C SER F 77 13.13 -11.39 -2.54
N PHE F 78 12.27 -11.57 -3.55
CA PHE F 78 11.37 -10.50 -3.99
C PHE F 78 10.50 -9.95 -2.86
N PRO F 79 10.57 -8.63 -2.64
CA PRO F 79 9.79 -7.94 -1.60
C PRO F 79 8.29 -8.09 -1.85
N HIS F 80 7.48 -7.69 -0.86
CA HIS F 80 6.02 -7.76 -0.91
C HIS F 80 5.50 -6.44 -1.46
N PRO F 81 4.59 -6.43 -2.48
CA PRO F 81 3.75 -7.17 -3.45
C PRO F 81 4.46 -7.99 -4.50
N ILE F 82 5.45 -7.35 -5.10
CA ILE F 82 6.21 -7.93 -6.18
C ILE F 82 6.34 -9.45 -6.19
N ASP F 83 6.83 -10.06 -5.12
CA ASP F 83 6.98 -11.52 -5.10
C ASP F 83 5.75 -12.25 -5.63
N LYS F 84 4.59 -12.00 -5.02
CA LYS F 84 3.34 -12.64 -5.42
C LYS F 84 3.02 -12.36 -6.89
N TRP F 85 2.93 -11.07 -7.23
CA TRP F 85 2.62 -10.65 -8.58
C TRP F 85 3.56 -11.27 -9.61
N ALA F 86 4.86 -11.20 -9.32
CA ALA F 86 5.87 -11.74 -10.22
C ALA F 86 5.67 -13.24 -10.47
N ILE F 87 5.59 -14.01 -9.40
CA ILE F 87 5.40 -15.45 -9.51
C ILE F 87 4.16 -15.80 -10.33
N ALA F 88 3.06 -15.10 -10.06
CA ALA F 88 1.81 -15.33 -10.78
C ALA F 88 2.03 -15.12 -12.28
N ASP F 89 2.73 -14.04 -12.61
CA ASP F 89 3.02 -13.73 -14.01
C ASP F 89 3.99 -14.75 -14.58
N ALA F 90 4.87 -15.26 -13.73
CA ALA F 90 5.86 -16.24 -14.15
C ALA F 90 5.21 -17.54 -14.61
N GLN F 91 4.29 -18.06 -13.81
CA GLN F 91 3.60 -19.30 -14.14
C GLN F 91 2.73 -19.10 -15.38
N SER F 92 2.03 -17.98 -15.43
CA SER F 92 1.17 -17.67 -16.56
C SER F 92 1.95 -17.68 -17.87
N ALA F 93 3.27 -17.75 -17.77
CA ALA F 93 4.12 -17.75 -18.95
C ALA F 93 4.55 -19.17 -19.35
N ILE F 94 4.66 -20.06 -18.37
CA ILE F 94 5.05 -21.44 -18.64
C ILE F 94 3.85 -22.29 -19.02
N GLU F 95 2.79 -21.64 -19.48
CA GLU F 95 1.57 -22.30 -19.89
C GLU F 95 1.04 -21.59 -21.14
N LYS F 96 1.45 -20.33 -21.28
CA LYS F 96 1.03 -19.49 -22.39
C LYS F 96 -0.48 -19.57 -22.59
N ARG F 97 -1.20 -18.73 -21.86
CA ARG F 97 -2.65 -18.67 -21.92
C ARG F 97 -3.12 -17.39 -22.61
N PRO F 102 2.18 -12.15 -25.78
CA PRO F 102 3.34 -13.02 -25.56
C PRO F 102 4.55 -12.27 -25.01
N LEU F 103 5.57 -13.01 -24.60
CA LEU F 103 6.79 -12.44 -24.03
C LEU F 103 7.47 -11.46 -24.97
N SER F 104 8.34 -10.60 -24.43
CA SER F 104 9.04 -9.61 -25.24
C SER F 104 10.56 -9.81 -25.23
N LEU F 105 11.12 -10.25 -24.11
CA LEU F 105 12.55 -10.47 -24.01
C LEU F 105 13.01 -11.69 -24.80
N PRO F 106 14.26 -11.67 -25.30
CA PRO F 106 14.88 -12.75 -26.08
C PRO F 106 14.99 -14.07 -25.34
N VAL F 107 13.84 -14.65 -24.97
CA VAL F 107 13.83 -15.91 -24.24
C VAL F 107 14.65 -16.99 -24.95
N GLU F 108 14.57 -17.02 -26.28
CA GLU F 108 15.31 -18.02 -27.05
C GLU F 108 16.82 -17.78 -27.03
N LYS F 109 17.24 -16.52 -27.15
CA LYS F 109 18.65 -16.20 -27.13
C LYS F 109 19.22 -16.36 -25.72
N ILE F 110 18.43 -15.98 -24.73
CA ILE F 110 18.85 -16.08 -23.34
C ILE F 110 19.08 -17.52 -22.89
N HIS F 111 18.11 -18.38 -23.18
CA HIS F 111 18.19 -19.80 -22.81
C HIS F 111 19.60 -20.38 -22.91
N PRO F 112 20.22 -20.33 -24.10
CA PRO F 112 21.57 -20.87 -24.27
C PRO F 112 22.57 -20.20 -23.33
N LEU F 113 22.68 -18.88 -23.44
CA LEU F 113 23.60 -18.11 -22.61
C LEU F 113 23.29 -18.35 -21.15
N LEU F 114 22.04 -18.71 -20.87
CA LEU F 114 21.60 -18.96 -19.51
C LEU F 114 22.20 -20.25 -18.97
N LYS F 115 22.74 -21.08 -19.85
CA LYS F 115 23.35 -22.34 -19.45
C LYS F 115 24.86 -22.24 -19.32
N GLU F 116 25.40 -21.06 -19.66
CA GLU F 116 26.84 -20.84 -19.56
C GLU F 116 27.19 -20.31 -18.18
N VAL F 117 26.16 -19.87 -17.45
CA VAL F 117 26.34 -19.31 -16.12
C VAL F 117 26.09 -20.34 -15.02
N LEU F 118 25.14 -21.25 -15.26
CA LEU F 118 24.81 -22.27 -14.28
C LEU F 118 25.67 -23.51 -14.39
N GLY F 119 26.35 -23.66 -15.52
CA GLY F 119 27.23 -24.80 -15.71
C GLY F 119 26.53 -26.10 -16.06
N TYR F 120 25.22 -26.17 -15.85
CA TYR F 120 24.47 -27.37 -16.15
C TYR F 120 23.31 -27.10 -17.10
N LYS F 121 22.82 -28.16 -17.75
CA LYS F 121 21.72 -28.02 -18.69
C LYS F 121 20.42 -27.73 -17.96
N ILE F 122 19.58 -26.91 -18.57
CA ILE F 122 18.30 -26.53 -17.98
C ILE F 122 17.14 -26.75 -18.94
N ASP F 123 16.03 -27.25 -18.39
CA ASP F 123 14.83 -27.48 -19.19
C ASP F 123 14.31 -26.13 -19.66
N HIS F 124 14.06 -26.00 -20.96
CA HIS F 124 13.56 -24.75 -21.52
C HIS F 124 12.50 -24.10 -20.64
N GLN F 125 11.66 -24.93 -20.03
CA GLN F 125 10.59 -24.45 -19.16
C GLN F 125 11.13 -23.48 -18.10
N VAL F 126 12.29 -23.81 -17.55
CA VAL F 126 12.91 -22.97 -16.53
C VAL F 126 13.28 -21.60 -17.10
N SER F 127 14.02 -21.61 -18.20
CA SER F 127 14.43 -20.37 -18.85
C SER F 127 13.24 -19.43 -19.01
N VAL F 128 12.16 -19.95 -19.59
CA VAL F 128 10.96 -19.17 -19.79
C VAL F 128 10.53 -18.52 -18.48
N TYR F 129 10.47 -19.33 -17.43
CA TYR F 129 10.07 -18.86 -16.12
C TYR F 129 10.96 -17.69 -15.70
N ILE F 130 12.27 -17.91 -15.71
CA ILE F 130 13.24 -16.89 -15.34
C ILE F 130 13.03 -15.61 -16.16
N VAL F 131 13.06 -15.74 -17.48
CA VAL F 131 12.88 -14.59 -18.35
C VAL F 131 11.54 -13.92 -18.04
N ALA F 132 10.52 -14.74 -17.78
CA ALA F 132 9.19 -14.23 -17.45
C ALA F 132 9.29 -13.32 -16.23
N VAL F 133 10.05 -13.75 -15.25
CA VAL F 133 10.24 -12.97 -14.03
C VAL F 133 11.06 -11.74 -14.34
N LEU F 134 12.13 -11.93 -15.12
CA LEU F 134 13.01 -10.83 -15.49
C LEU F 134 12.24 -9.72 -16.20
N GLU F 135 11.34 -10.11 -17.10
CA GLU F 135 10.54 -9.14 -17.83
C GLU F 135 9.56 -8.42 -16.92
N TYR F 136 8.97 -9.15 -15.98
CA TYR F 136 8.02 -8.55 -15.05
C TYR F 136 8.65 -7.36 -14.35
N ILE F 137 9.79 -7.60 -13.70
CA ILE F 137 10.49 -6.53 -12.98
C ILE F 137 10.86 -5.41 -13.94
N SER F 138 11.18 -5.76 -15.18
CA SER F 138 11.54 -4.77 -16.18
C SER F 138 10.37 -3.82 -16.38
N ALA F 139 9.23 -4.37 -16.78
CA ALA F 139 8.04 -3.57 -17.02
C ALA F 139 7.64 -2.81 -15.77
N ASP F 140 8.01 -3.34 -14.61
CA ASP F 140 7.69 -2.69 -13.34
C ASP F 140 8.53 -1.44 -13.16
N ILE F 141 9.82 -1.55 -13.46
CA ILE F 141 10.72 -0.41 -13.33
C ILE F 141 10.30 0.69 -14.29
N LEU F 142 10.00 0.31 -15.54
CA LEU F 142 9.59 1.26 -16.55
C LEU F 142 8.28 1.93 -16.15
N LYS F 143 7.33 1.15 -15.66
CA LYS F 143 6.05 1.70 -15.22
C LYS F 143 6.32 2.78 -14.19
N LEU F 144 7.16 2.46 -13.21
CA LEU F 144 7.51 3.40 -12.16
C LEU F 144 8.15 4.65 -12.74
N ALA F 145 9.35 4.48 -13.29
CA ALA F 145 10.09 5.60 -13.89
C ALA F 145 9.17 6.44 -14.76
N GLY F 146 8.51 5.80 -15.71
CA GLY F 146 7.62 6.50 -16.61
C GLY F 146 6.65 7.41 -15.88
N ASN F 147 5.99 6.87 -14.86
CA ASN F 147 5.03 7.64 -14.09
C ASN F 147 5.71 8.83 -13.41
N TYR F 148 6.90 8.59 -12.85
CA TYR F 148 7.66 9.66 -12.21
C TYR F 148 7.91 10.74 -13.23
N VAL F 149 8.33 10.32 -14.42
CA VAL F 149 8.61 11.23 -15.52
C VAL F 149 7.38 12.05 -15.91
N ARG F 150 6.25 11.37 -16.09
CA ARG F 150 5.01 12.01 -16.47
C ARG F 150 4.44 12.91 -15.37
N ASN F 151 4.76 12.60 -14.12
CA ASN F 151 4.26 13.38 -13.00
C ASN F 151 4.95 14.73 -12.83
N ILE F 152 6.26 14.76 -13.08
CA ILE F 152 7.03 15.99 -12.95
C ILE F 152 7.06 16.83 -14.22
N ARG F 153 6.17 16.50 -15.15
CA ARG F 153 6.04 17.23 -16.41
C ARG F 153 7.26 17.13 -17.35
N HIS F 154 7.92 15.99 -17.35
CA HIS F 154 9.06 15.75 -18.23
C HIS F 154 8.55 14.75 -19.26
N TYR F 155 9.01 14.85 -20.51
CA TYR F 155 8.50 13.95 -21.54
C TYR F 155 9.43 12.84 -22.03
N GLU F 156 10.63 12.76 -21.47
CA GLU F 156 11.56 11.70 -21.87
C GLU F 156 12.15 11.03 -20.63
N ILE F 157 12.23 9.71 -20.66
CA ILE F 157 12.76 8.95 -19.53
C ILE F 157 14.28 8.86 -19.53
N THR F 158 14.92 9.79 -18.81
CA THR F 158 16.37 9.82 -18.72
C THR F 158 16.84 8.79 -17.69
N LYS F 159 18.08 8.35 -17.82
CA LYS F 159 18.64 7.36 -16.89
C LYS F 159 18.49 7.89 -15.47
N GLN F 160 18.82 9.17 -15.28
CA GLN F 160 18.73 9.81 -13.98
C GLN F 160 17.31 9.71 -13.42
N ASP F 161 16.31 9.88 -14.29
CA ASP F 161 14.92 9.80 -13.86
C ASP F 161 14.63 8.44 -13.24
N ILE F 162 15.16 7.40 -13.86
CA ILE F 162 14.96 6.04 -13.36
C ILE F 162 15.56 5.90 -11.96
N LYS F 163 16.79 6.37 -11.79
CA LYS F 163 17.45 6.29 -10.49
C LYS F 163 16.59 6.93 -9.42
N VAL F 164 16.13 8.15 -9.67
CA VAL F 164 15.30 8.86 -8.72
C VAL F 164 13.95 8.17 -8.53
N ALA F 165 13.34 7.78 -9.64
CA ALA F 165 12.05 7.10 -9.60
C ALA F 165 12.08 5.88 -8.71
N MSE F 166 13.20 5.16 -8.72
CA MSE F 166 13.34 3.96 -7.90
C MSE F 166 13.68 4.28 -6.45
O MSE F 166 13.17 3.67 -5.53
CB MSE F 166 14.41 3.03 -8.48
CG MSE F 166 14.08 2.48 -9.85
SE MSE F 166 15.25 1.03 -10.35
CE MSE F 166 16.85 2.06 -10.69
N CYS F 167 14.56 5.27 -6.26
CA CYS F 167 14.97 5.67 -4.92
C CYS F 167 13.78 6.17 -4.11
N ALA F 168 12.65 6.39 -4.78
CA ALA F 168 11.45 6.86 -4.11
C ALA F 168 10.53 5.68 -3.79
N ASP F 169 10.61 4.64 -4.62
CA ASP F 169 9.79 3.44 -4.42
C ASP F 169 10.51 2.48 -3.50
N LYS F 170 10.05 2.39 -2.26
CA LYS F 170 10.66 1.50 -1.27
C LYS F 170 10.75 0.08 -1.82
N VAL F 171 9.62 -0.47 -2.24
CA VAL F 171 9.55 -1.82 -2.77
C VAL F 171 10.77 -2.23 -3.59
N LEU F 172 11.03 -1.51 -4.68
CA LEU F 172 12.17 -1.83 -5.53
C LEU F 172 13.50 -1.63 -4.81
N MSE F 173 13.58 -0.57 -4.00
CA MSE F 173 14.81 -0.28 -3.26
C MSE F 173 15.22 -1.41 -2.34
O MSE F 173 16.40 -1.75 -2.25
CB MSE F 173 14.64 1.01 -2.46
CG MSE F 173 14.79 2.26 -3.29
SE MSE F 173 16.52 2.32 -4.17
CE MSE F 173 17.50 3.31 -2.82
N ASP F 174 14.25 -2.01 -1.64
CA ASP F 174 14.54 -3.11 -0.73
C ASP F 174 15.05 -4.30 -1.53
N MSE F 175 15.11 -4.12 -2.85
CA MSE F 175 15.57 -5.17 -3.75
C MSE F 175 16.74 -4.73 -4.63
O MSE F 175 17.37 -5.55 -5.29
CB MSE F 175 14.39 -5.62 -4.63
CG MSE F 175 14.74 -6.57 -5.75
SE MSE F 175 13.18 -7.23 -6.68
CE MSE F 175 12.31 -5.56 -7.04
N PHE F 176 17.04 -3.44 -4.63
CA PHE F 176 18.15 -2.93 -5.45
C PHE F 176 19.10 -1.93 -4.80
N HIS F 177 18.97 -1.67 -3.51
CA HIS F 177 19.88 -0.73 -2.86
C HIS F 177 21.26 -1.37 -2.70
N GLN F 178 21.87 -1.69 -3.84
CA GLN F 178 23.18 -2.33 -3.86
C GLN F 178 23.77 -2.37 -5.27
N ASP F 179 22.90 -2.23 -6.27
CA ASP F 179 23.32 -2.27 -7.66
C ASP F 179 23.15 -0.93 -8.37
N VAL F 180 22.25 -0.09 -7.86
CA VAL F 180 22.00 1.21 -8.45
C VAL F 180 23.20 2.15 -8.22
N GLU F 181 23.24 3.25 -8.96
CA GLU F 181 24.33 4.21 -8.83
C GLU F 181 23.91 5.35 -7.90
N ASP F 182 24.84 6.28 -7.65
CA ASP F 182 24.57 7.40 -6.78
C ASP F 182 23.64 8.40 -7.47
N ILE F 183 23.42 9.55 -6.82
CA ILE F 183 22.56 10.59 -7.37
C ILE F 183 23.14 11.96 -7.06
N LEU G 6 -11.72 47.29 -10.54
CA LEU G 6 -11.62 46.85 -11.95
C LEU G 6 -10.66 45.67 -12.10
N PRO G 7 -10.90 44.80 -13.09
CA PRO G 7 -10.03 43.63 -13.30
C PRO G 7 -8.64 44.10 -13.74
N TYR G 8 -8.46 45.42 -13.75
CA TYR G 8 -7.22 46.04 -14.18
C TYR G 8 -6.81 45.52 -15.55
N GLU G 9 -7.15 46.28 -16.58
CA GLU G 9 -6.85 45.91 -17.95
C GLU G 9 -5.37 46.07 -18.28
N PHE G 10 -4.81 45.08 -18.96
CA PHE G 10 -3.40 45.10 -19.34
C PHE G 10 -3.19 45.79 -20.68
N PHE G 11 -4.09 45.55 -21.62
CA PHE G 11 -3.96 46.12 -22.94
C PHE G 11 -5.01 47.18 -23.30
N SER G 12 -4.87 48.34 -22.69
CA SER G 12 -5.76 49.46 -22.93
C SER G 12 -4.89 50.62 -23.41
N GLU G 13 -5.44 51.47 -24.27
CA GLU G 13 -4.70 52.61 -24.80
C GLU G 13 -3.70 53.19 -23.81
N GLU G 14 -4.06 53.18 -22.53
CA GLU G 14 -3.21 53.71 -21.48
C GLU G 14 -2.20 52.69 -20.95
N ASN G 15 -2.69 51.50 -20.61
CA ASN G 15 -1.82 50.45 -20.07
C ASN G 15 -1.15 49.57 -21.12
N ALA G 16 -1.88 49.24 -22.18
CA ALA G 16 -1.37 48.38 -23.24
C ALA G 16 0.11 48.61 -23.57
N PRO G 17 0.47 49.84 -23.97
CA PRO G 17 1.87 50.12 -24.32
C PRO G 17 2.88 49.89 -23.18
N LYS G 18 2.41 49.32 -22.07
CA LYS G 18 3.27 49.06 -20.94
C LYS G 18 3.47 47.57 -20.70
N TRP G 19 2.76 46.74 -21.44
CA TRP G 19 2.87 45.29 -21.29
C TRP G 19 3.21 44.58 -22.60
N ARG G 20 2.61 45.03 -23.70
CA ARG G 20 2.86 44.44 -25.00
C ARG G 20 4.33 44.18 -25.30
N GLY G 21 4.66 42.92 -25.53
CA GLY G 21 6.03 42.55 -25.85
C GLY G 21 7.01 42.65 -24.69
N LEU G 22 6.51 42.93 -23.50
CA LEU G 22 7.38 43.05 -22.33
C LEU G 22 7.98 41.72 -21.91
N LEU G 23 7.19 40.65 -21.98
CA LEU G 23 7.65 39.33 -21.59
C LEU G 23 8.16 38.50 -22.76
N VAL G 24 7.88 38.95 -23.98
CA VAL G 24 8.32 38.24 -25.18
C VAL G 24 9.83 37.95 -25.14
N PRO G 25 10.65 38.98 -24.89
CA PRO G 25 12.11 38.78 -24.85
C PRO G 25 12.49 37.64 -23.90
N ALA G 26 12.08 37.76 -22.65
CA ALA G 26 12.37 36.75 -21.64
C ALA G 26 11.83 35.39 -22.06
N LEU G 27 10.59 35.38 -22.54
CA LEU G 27 9.96 34.12 -22.97
C LEU G 27 10.84 33.39 -23.98
N LYS G 28 11.37 34.13 -24.94
CA LYS G 28 12.23 33.52 -25.95
C LYS G 28 13.37 32.79 -25.26
N LYS G 29 13.93 33.41 -24.23
CA LYS G 29 15.02 32.81 -23.47
C LYS G 29 14.52 31.51 -22.85
N VAL G 30 13.31 31.56 -22.31
CA VAL G 30 12.70 30.39 -21.68
C VAL G 30 12.49 29.28 -22.71
N GLN G 31 11.86 29.61 -23.82
CA GLN G 31 11.60 28.60 -24.85
C GLN G 31 12.92 28.01 -25.32
N GLY G 32 14.00 28.75 -25.13
CA GLY G 32 15.32 28.28 -25.53
C GLY G 32 15.86 27.28 -24.54
N GLN G 33 15.55 27.48 -23.26
CA GLN G 33 16.02 26.59 -22.20
C GLN G 33 15.28 25.26 -22.29
N VAL G 34 13.99 25.35 -22.57
CA VAL G 34 13.12 24.18 -22.67
C VAL G 34 13.29 23.45 -24.01
N HIS G 35 13.42 24.21 -25.09
CA HIS G 35 13.59 23.63 -26.42
C HIS G 35 14.59 24.42 -27.25
N PRO G 36 15.90 24.17 -27.07
CA PRO G 36 16.97 24.85 -27.79
C PRO G 36 16.87 24.75 -29.30
N THR G 37 16.66 23.53 -29.79
CA THR G 37 16.57 23.27 -31.22
C THR G 37 15.43 24.04 -31.91
N LEU G 38 14.29 24.14 -31.25
CA LEU G 38 13.13 24.83 -31.82
C LEU G 38 13.36 26.33 -32.02
N GLU G 39 12.67 26.90 -33.00
CA GLU G 39 12.78 28.32 -33.32
C GLU G 39 11.73 29.14 -32.59
N SER G 40 12.04 30.41 -32.36
CA SER G 40 11.12 31.33 -31.69
C SER G 40 10.01 31.72 -32.65
N ASN G 41 9.19 32.70 -32.25
CA ASN G 41 8.10 33.16 -33.10
C ASN G 41 7.33 34.27 -32.38
N ASP G 42 7.70 35.51 -32.65
CA ASP G 42 7.06 36.67 -32.03
C ASP G 42 5.54 36.55 -31.99
N ASP G 43 4.96 35.92 -33.01
CA ASP G 43 3.51 35.76 -33.07
C ASP G 43 3.04 34.86 -31.93
N ALA G 44 3.69 33.70 -31.80
CA ALA G 44 3.34 32.74 -30.76
C ALA G 44 3.73 33.22 -29.37
N LEU G 45 4.99 33.57 -29.19
CA LEU G 45 5.47 34.05 -27.90
C LEU G 45 4.66 35.23 -27.41
N GLN G 46 3.99 35.92 -28.33
CA GLN G 46 3.18 37.08 -27.97
C GLN G 46 1.87 36.57 -27.37
N TYR G 47 1.44 35.40 -27.82
CA TYR G 47 0.22 34.78 -27.33
C TYR G 47 0.43 34.28 -25.91
N VAL G 48 1.55 33.60 -25.68
CA VAL G 48 1.88 33.08 -24.37
C VAL G 48 1.88 34.21 -23.36
N GLU G 49 2.43 35.36 -23.76
CA GLU G 49 2.49 36.53 -22.89
C GLU G 49 1.09 36.88 -22.42
N GLU G 50 0.11 36.72 -23.31
CA GLU G 50 -1.28 37.01 -22.97
C GLU G 50 -1.77 36.04 -21.90
N LEU G 51 -1.48 34.76 -22.09
CA LEU G 51 -1.89 33.74 -21.14
C LEU G 51 -1.22 33.94 -19.78
N ILE G 52 0.06 34.26 -19.79
CA ILE G 52 0.80 34.48 -18.55
C ILE G 52 0.33 35.73 -17.82
N LEU G 53 -0.01 36.77 -18.57
CA LEU G 53 -0.49 38.00 -17.94
C LEU G 53 -1.86 37.76 -17.33
N GLN G 54 -2.66 36.94 -17.98
CA GLN G 54 -3.99 36.59 -17.47
C GLN G 54 -3.77 35.93 -16.12
N LEU G 55 -2.79 35.04 -16.07
CA LEU G 55 -2.46 34.33 -14.84
C LEU G 55 -2.07 35.33 -13.76
N LEU G 56 -1.22 36.28 -14.12
CA LEU G 56 -0.76 37.31 -13.19
C LEU G 56 -1.95 38.05 -12.61
N ASN G 57 -2.90 38.43 -13.47
CA ASN G 57 -4.08 39.15 -13.04
C ASN G 57 -4.88 38.29 -12.06
N MSE G 58 -5.07 37.03 -12.43
CA MSE G 58 -5.82 36.10 -11.59
C MSE G 58 -5.17 35.93 -10.22
O MSE G 58 -5.87 35.76 -9.22
CB MSE G 58 -5.94 34.74 -12.29
CG MSE G 58 -6.77 33.70 -11.55
SE MSE G 58 -5.81 32.79 -10.14
CE MSE G 58 -5.34 31.19 -11.10
N LEU G 59 -3.84 35.99 -10.18
CA LEU G 59 -3.12 35.85 -8.92
C LEU G 59 -3.27 37.10 -8.08
N CYS G 60 -3.47 38.23 -8.74
CA CYS G 60 -3.61 39.51 -8.05
C CYS G 60 -5.02 39.69 -7.50
N GLN G 61 -5.99 39.05 -8.15
CA GLN G 61 -7.38 39.15 -7.72
C GLN G 61 -7.53 38.86 -6.23
N ALA G 62 -6.61 38.06 -5.69
CA ALA G 62 -6.64 37.71 -4.28
C ALA G 62 -5.81 38.68 -3.45
N GLN G 63 -5.78 39.93 -3.88
CA GLN G 63 -5.04 41.01 -3.22
C GLN G 63 -3.87 40.53 -2.37
N PRO G 64 -2.83 39.96 -3.00
CA PRO G 64 -1.66 39.45 -2.30
C PRO G 64 -0.91 40.57 -1.57
N ARG G 65 -0.31 40.25 -0.42
CA ARG G 65 0.43 41.24 0.35
C ARG G 65 1.67 40.63 1.00
N SER G 66 2.00 39.40 0.61
CA SER G 66 3.16 38.70 1.16
C SER G 66 3.43 37.44 0.36
N ALA G 67 4.66 36.95 0.43
CA ALA G 67 5.05 35.74 -0.28
C ALA G 67 4.10 34.59 0.02
N SER G 68 3.98 34.25 1.29
CA SER G 68 3.10 33.17 1.72
C SER G 68 1.69 33.33 1.18
N ASP G 69 1.22 34.57 1.10
CA ASP G 69 -0.12 34.84 0.60
C ASP G 69 -0.31 34.31 -0.82
N VAL G 70 0.73 34.44 -1.64
CA VAL G 70 0.67 33.96 -3.01
C VAL G 70 0.67 32.44 -3.05
N GLU G 71 1.45 31.82 -2.18
CA GLU G 71 1.53 30.36 -2.12
C GLU G 71 0.14 29.78 -1.91
N GLU G 72 -0.64 30.40 -1.03
CA GLU G 72 -1.99 29.93 -0.75
C GLU G 72 -2.84 29.97 -2.03
N ARG G 73 -2.81 31.11 -2.70
CA ARG G 73 -3.58 31.29 -3.93
C ARG G 73 -3.27 30.18 -4.94
N VAL G 74 -2.00 30.05 -5.28
CA VAL G 74 -1.56 29.02 -6.22
C VAL G 74 -1.99 27.63 -5.74
N GLN G 75 -1.82 27.40 -4.44
CA GLN G 75 -2.17 26.12 -3.84
C GLN G 75 -3.69 25.88 -3.86
N LYS G 76 -4.45 26.90 -4.23
CA LYS G 76 -5.91 26.78 -4.28
C LYS G 76 -6.50 26.69 -5.68
N SER G 77 -5.86 27.35 -6.64
CA SER G 77 -6.36 27.34 -8.02
C SER G 77 -5.57 26.44 -8.96
N PHE G 78 -4.25 26.50 -8.89
CA PHE G 78 -3.39 25.69 -9.74
C PHE G 78 -3.68 24.20 -9.61
N PRO G 79 -3.94 23.52 -10.73
CA PRO G 79 -4.23 22.09 -10.75
C PRO G 79 -3.06 21.27 -10.20
N HIS G 80 -3.29 19.99 -9.99
CA HIS G 80 -2.26 19.09 -9.50
C HIS G 80 -1.62 18.51 -10.76
N PRO G 81 -0.28 18.33 -10.81
CA PRO G 81 0.96 18.51 -10.02
C PRO G 81 1.43 19.94 -10.02
N ILE G 82 1.05 20.65 -11.07
CA ILE G 82 1.43 22.03 -11.28
C ILE G 82 1.40 22.93 -10.04
N ASP G 83 0.40 22.75 -9.17
CA ASP G 83 0.32 23.58 -7.96
C ASP G 83 1.52 23.42 -7.04
N LYS G 84 1.94 22.17 -6.84
CA LYS G 84 3.09 21.88 -5.99
C LYS G 84 4.35 22.40 -6.66
N TRP G 85 4.62 21.87 -7.85
CA TRP G 85 5.78 22.25 -8.63
C TRP G 85 5.94 23.76 -8.73
N ALA G 86 4.84 24.44 -9.06
CA ALA G 86 4.85 25.89 -9.18
C ALA G 86 5.41 26.54 -7.92
N ILE G 87 4.78 26.22 -6.79
CA ILE G 87 5.21 26.77 -5.51
C ILE G 87 6.66 26.38 -5.22
N ALA G 88 6.96 25.09 -5.38
CA ALA G 88 8.31 24.59 -5.15
C ALA G 88 9.34 25.45 -5.87
N ASP G 89 9.14 25.62 -7.18
CA ASP G 89 10.05 26.42 -7.99
C ASP G 89 9.99 27.88 -7.57
N ALA G 90 8.78 28.35 -7.26
CA ALA G 90 8.57 29.73 -6.84
C ALA G 90 9.36 30.07 -5.58
N GLN G 91 9.23 29.21 -4.57
CA GLN G 91 9.93 29.41 -3.31
C GLN G 91 11.44 29.42 -3.55
N SER G 92 11.89 28.47 -4.36
CA SER G 92 13.31 28.35 -4.70
C SER G 92 13.87 29.63 -5.29
N ALA G 93 12.99 30.44 -5.87
CA ALA G 93 13.40 31.70 -6.48
C ALA G 93 13.74 32.77 -5.43
N ILE G 94 12.99 32.79 -4.34
CA ILE G 94 13.22 33.75 -3.28
C ILE G 94 14.17 33.21 -2.23
N GLU G 95 14.89 32.15 -2.58
CA GLU G 95 15.84 31.54 -1.65
C GLU G 95 17.26 31.71 -2.20
N LYS G 96 17.35 32.22 -3.43
CA LYS G 96 18.62 32.47 -4.09
C LYS G 96 19.46 31.20 -4.28
N ARG G 97 18.90 30.05 -3.94
CA ARG G 97 19.60 28.79 -4.09
C ARG G 97 19.93 28.53 -5.56
N LYS G 98 20.95 27.69 -5.81
CA LYS G 98 21.37 27.38 -7.17
C LYS G 98 20.22 27.02 -8.10
N ARG G 99 20.48 27.16 -9.40
CA ARG G 99 19.50 26.85 -10.44
C ARG G 99 20.23 26.55 -11.75
N ARG G 100 19.76 25.55 -12.48
CA ARG G 100 20.39 25.20 -13.75
C ARG G 100 20.25 26.35 -14.74
N ASN G 101 19.00 26.65 -15.11
CA ASN G 101 18.72 27.72 -16.05
C ASN G 101 18.19 28.93 -15.28
N PRO G 102 19.05 29.93 -15.02
CA PRO G 102 18.73 31.16 -14.30
C PRO G 102 17.38 31.80 -14.65
N LEU G 103 16.88 32.63 -13.74
CA LEU G 103 15.60 33.31 -13.92
C LEU G 103 15.60 34.07 -15.25
N SER G 104 14.42 34.37 -15.77
CA SER G 104 14.33 35.08 -17.05
C SER G 104 13.49 36.35 -17.01
N LEU G 105 12.17 36.19 -16.99
CA LEU G 105 11.24 37.31 -16.99
C LEU G 105 11.75 38.54 -16.23
N PRO G 106 11.50 39.74 -16.79
CA PRO G 106 11.90 41.03 -16.22
C PRO G 106 11.31 41.29 -14.84
N VAL G 107 11.82 40.59 -13.83
CA VAL G 107 11.33 40.77 -12.47
C VAL G 107 11.48 42.22 -12.03
N GLU G 108 12.62 42.82 -12.36
CA GLU G 108 12.88 44.21 -11.99
C GLU G 108 11.97 45.18 -12.73
N LYS G 109 11.51 44.78 -13.92
CA LYS G 109 10.64 45.62 -14.72
C LYS G 109 9.16 45.40 -14.35
N ILE G 110 8.85 44.20 -13.89
CA ILE G 110 7.47 43.87 -13.53
C ILE G 110 7.09 44.36 -12.14
N HIS G 111 8.02 44.28 -11.20
CA HIS G 111 7.75 44.72 -9.82
C HIS G 111 7.14 46.11 -9.80
N PRO G 112 7.82 47.12 -10.38
CA PRO G 112 7.28 48.47 -10.39
C PRO G 112 5.89 48.55 -11.02
N LEU G 113 5.62 47.64 -11.95
CA LEU G 113 4.33 47.59 -12.63
C LEU G 113 3.25 46.90 -11.79
N LEU G 114 3.67 46.26 -10.70
CA LEU G 114 2.73 45.57 -9.82
C LEU G 114 2.02 46.55 -8.90
N LYS G 115 2.77 47.49 -8.34
CA LYS G 115 2.20 48.49 -7.44
C LYS G 115 1.11 49.29 -8.14
N GLU G 116 0.97 49.06 -9.44
CA GLU G 116 -0.02 49.75 -10.25
C GLU G 116 -1.21 48.85 -10.53
N VAL G 117 -0.98 47.54 -10.50
CA VAL G 117 -2.03 46.56 -10.76
C VAL G 117 -2.89 46.29 -9.52
N LEU G 118 -2.31 46.53 -8.35
CA LEU G 118 -3.01 46.29 -7.10
C LEU G 118 -3.48 47.60 -6.45
N GLY G 119 -2.69 48.65 -6.62
CA GLY G 119 -3.04 49.94 -6.05
C GLY G 119 -2.32 50.20 -4.74
N TYR G 120 -1.58 49.20 -4.26
CA TYR G 120 -0.84 49.33 -3.02
C TYR G 120 0.60 48.83 -3.17
N LYS G 121 1.43 49.14 -2.18
CA LYS G 121 2.83 48.74 -2.19
C LYS G 121 3.01 47.25 -1.88
N ILE G 122 4.16 46.72 -2.28
CA ILE G 122 4.50 45.31 -2.05
C ILE G 122 6.01 45.13 -1.98
N ASP G 123 6.45 44.36 -1.00
CA ASP G 123 7.88 44.09 -0.82
C ASP G 123 8.43 43.41 -2.07
N HIS G 124 9.71 43.62 -2.34
CA HIS G 124 10.36 43.04 -3.51
C HIS G 124 10.12 41.53 -3.58
N GLN G 125 10.38 40.85 -2.48
CA GLN G 125 10.21 39.39 -2.40
C GLN G 125 8.94 38.90 -3.09
N VAL G 126 7.81 39.43 -2.69
CA VAL G 126 6.52 39.04 -3.28
C VAL G 126 6.60 39.03 -4.80
N SER G 127 7.03 40.14 -5.38
CA SER G 127 7.14 40.25 -6.82
C SER G 127 7.97 39.08 -7.35
N VAL G 128 9.17 38.93 -6.80
CA VAL G 128 10.07 37.86 -7.20
C VAL G 128 9.35 36.50 -7.15
N TYR G 129 8.47 36.35 -6.17
CA TYR G 129 7.72 35.11 -6.01
C TYR G 129 6.71 34.91 -7.13
N ILE G 130 5.85 35.92 -7.33
CA ILE G 130 4.84 35.85 -8.37
C ILE G 130 5.49 35.60 -9.73
N VAL G 131 6.51 36.39 -10.03
CA VAL G 131 7.22 36.25 -11.30
C VAL G 131 7.71 34.82 -11.46
N ALA G 132 8.25 34.25 -10.38
CA ALA G 132 8.75 32.89 -10.40
C ALA G 132 7.62 31.94 -10.79
N VAL G 133 6.44 32.18 -10.23
CA VAL G 133 5.27 31.36 -10.52
C VAL G 133 4.88 31.55 -11.97
N LEU G 134 4.84 32.81 -12.41
CA LEU G 134 4.50 33.13 -13.79
C LEU G 134 5.42 32.42 -14.77
N GLU G 135 6.71 32.50 -14.53
CA GLU G 135 7.69 31.87 -15.40
C GLU G 135 7.56 30.36 -15.42
N TYR G 136 7.20 29.77 -14.29
CA TYR G 136 7.06 28.32 -14.23
C TYR G 136 6.01 27.85 -15.23
N ILE G 137 4.82 28.45 -15.18
CA ILE G 137 3.75 28.09 -16.09
C ILE G 137 4.19 28.38 -17.52
N SER G 138 4.94 29.46 -17.70
CA SER G 138 5.43 29.84 -19.02
C SER G 138 6.28 28.70 -19.58
N ALA G 139 7.28 28.30 -18.80
CA ALA G 139 8.18 27.22 -19.19
C ALA G 139 7.43 25.91 -19.41
N ASP G 140 6.34 25.72 -18.67
CA ASP G 140 5.56 24.50 -18.80
C ASP G 140 4.77 24.48 -20.11
N ILE G 141 4.15 25.61 -20.44
CA ILE G 141 3.37 25.71 -21.68
C ILE G 141 4.28 25.49 -22.89
N LEU G 142 5.41 26.19 -22.90
CA LEU G 142 6.36 26.07 -24.01
C LEU G 142 6.92 24.66 -24.10
N LYS G 143 7.23 24.06 -22.95
CA LYS G 143 7.77 22.71 -22.92
C LYS G 143 6.76 21.75 -23.53
N LEU G 144 5.49 21.92 -23.16
CA LEU G 144 4.42 21.09 -23.67
C LEU G 144 4.27 21.27 -25.17
N ALA G 145 3.99 22.50 -25.58
CA ALA G 145 3.82 22.83 -26.99
C ALA G 145 5.06 22.42 -27.78
N GLY G 146 6.22 22.79 -27.27
CA GLY G 146 7.46 22.47 -27.93
C GLY G 146 7.57 20.98 -28.28
N ASN G 147 7.21 20.14 -27.32
CA ASN G 147 7.28 18.70 -27.54
C ASN G 147 6.33 18.32 -28.66
N TYR G 148 5.13 18.90 -28.65
CA TYR G 148 4.14 18.63 -29.69
C TYR G 148 4.75 18.88 -31.06
N VAL G 149 5.32 20.07 -31.23
CA VAL G 149 5.96 20.44 -32.49
C VAL G 149 7.01 19.39 -32.83
N ARG G 150 7.85 19.08 -31.85
CA ARG G 150 8.91 18.10 -32.02
C ARG G 150 8.38 16.75 -32.47
N ASN G 151 7.12 16.48 -32.18
CA ASN G 151 6.50 15.22 -32.58
C ASN G 151 6.10 15.21 -34.05
N ILE G 152 5.58 16.34 -34.53
CA ILE G 152 5.15 16.44 -35.92
C ILE G 152 6.25 16.87 -36.88
N ARG G 153 7.48 16.97 -36.38
CA ARG G 153 8.61 17.36 -37.20
C ARG G 153 8.38 18.74 -37.83
N HIS G 154 8.47 19.80 -37.02
CA HIS G 154 8.26 21.15 -37.52
C HIS G 154 9.43 22.09 -37.22
N TYR G 155 10.10 21.87 -36.10
CA TYR G 155 11.25 22.67 -35.70
C TYR G 155 10.92 24.14 -35.45
N GLU G 156 9.63 24.46 -35.35
CA GLU G 156 9.20 25.84 -35.11
C GLU G 156 7.89 25.86 -34.32
N ILE G 157 7.94 26.49 -33.14
CA ILE G 157 6.75 26.59 -32.29
C ILE G 157 5.82 27.70 -32.76
N THR G 158 4.84 27.34 -33.58
CA THR G 158 3.88 28.28 -34.10
C THR G 158 2.82 28.55 -33.04
N LYS G 159 2.13 29.68 -33.16
CA LYS G 159 1.09 30.04 -32.20
C LYS G 159 0.04 28.93 -32.18
N GLN G 160 -0.32 28.44 -33.36
CA GLN G 160 -1.32 27.39 -33.49
C GLN G 160 -0.91 26.15 -32.70
N ASP G 161 0.36 25.77 -32.80
CA ASP G 161 0.86 24.60 -32.10
C ASP G 161 0.60 24.71 -30.60
N ILE G 162 0.99 25.85 -30.02
CA ILE G 162 0.80 26.07 -28.59
C ILE G 162 -0.64 25.77 -28.18
N LYS G 163 -1.59 26.17 -29.02
CA LYS G 163 -3.00 25.93 -28.73
C LYS G 163 -3.31 24.44 -28.73
N VAL G 164 -3.16 23.81 -29.89
CA VAL G 164 -3.43 22.38 -30.03
C VAL G 164 -2.75 21.58 -28.91
N ALA G 165 -1.56 22.03 -28.52
CA ALA G 165 -0.80 21.36 -27.46
C ALA G 165 -1.52 21.43 -26.12
N MSE G 166 -1.93 22.62 -25.72
CA MSE G 166 -2.62 22.82 -24.45
C MSE G 166 -4.02 22.22 -24.47
O MSE G 166 -4.44 21.57 -23.51
CB MSE G 166 -2.72 24.30 -24.11
CG MSE G 166 -1.37 25.02 -24.05
SE MSE G 166 -1.52 26.79 -23.32
CE MSE G 166 -2.71 27.54 -24.65
N CYS G 167 -4.75 22.43 -25.56
CA CYS G 167 -6.11 21.92 -25.70
C CYS G 167 -6.14 20.40 -25.70
N ALA G 168 -4.98 19.79 -25.49
CA ALA G 168 -4.87 18.34 -25.45
C ALA G 168 -4.36 17.91 -24.08
N ASP G 169 -3.91 18.88 -23.30
CA ASP G 169 -3.40 18.63 -21.96
C ASP G 169 -4.49 18.87 -20.92
N LYS G 170 -4.92 17.80 -20.26
CA LYS G 170 -5.97 17.90 -19.25
C LYS G 170 -5.64 18.84 -18.09
N VAL G 171 -4.37 18.93 -17.73
CA VAL G 171 -3.95 19.80 -16.63
C VAL G 171 -4.15 21.28 -16.97
N LEU G 172 -3.26 21.82 -17.78
CA LEU G 172 -3.33 23.23 -18.18
C LEU G 172 -4.76 23.64 -18.52
N MSE G 173 -5.47 22.77 -19.22
CA MSE G 173 -6.84 23.05 -19.62
C MSE G 173 -7.73 23.36 -18.43
O MSE G 173 -8.52 24.31 -18.45
CB MSE G 173 -7.43 21.86 -20.39
CG MSE G 173 -8.44 22.27 -21.44
SE MSE G 173 -7.66 23.35 -22.85
CE MSE G 173 -7.87 25.10 -22.05
N ASP G 174 -7.59 22.58 -17.36
CA ASP G 174 -8.36 22.78 -16.14
C ASP G 174 -7.85 24.04 -15.42
N MSE G 175 -7.22 24.91 -16.18
CA MSE G 175 -6.66 26.16 -15.65
C MSE G 175 -6.65 27.24 -16.73
O MSE G 175 -6.29 28.38 -16.45
CB MSE G 175 -5.23 25.92 -15.13
CG MSE G 175 -4.47 27.20 -14.76
SE MSE G 175 -2.64 26.92 -14.19
CE MSE G 175 -1.98 25.91 -15.69
N PHE G 176 -7.04 26.89 -17.95
CA PHE G 176 -7.03 27.86 -19.03
C PHE G 176 -8.23 27.93 -19.98
N HIS G 177 -9.40 27.48 -19.55
CA HIS G 177 -10.55 27.55 -20.44
C HIS G 177 -10.91 29.02 -20.65
N GLN G 178 -10.23 29.89 -19.92
CA GLN G 178 -10.48 31.33 -20.03
C GLN G 178 -10.07 31.81 -21.42
N ASP G 179 -9.39 30.95 -22.16
CA ASP G 179 -8.92 31.25 -23.51
C ASP G 179 -7.78 32.27 -23.46
N LEU H 6 21.53 -11.93 -54.34
CA LEU H 6 22.44 -10.78 -54.01
C LEU H 6 21.79 -9.44 -54.34
N PRO H 7 21.71 -8.55 -53.34
CA PRO H 7 21.10 -7.22 -53.51
C PRO H 7 21.72 -6.46 -54.68
N TYR H 8 21.01 -5.43 -55.14
CA TYR H 8 21.49 -4.61 -56.25
C TYR H 8 22.67 -3.76 -55.81
N GLU H 9 23.83 -3.97 -56.43
CA GLU H 9 25.01 -3.20 -56.10
C GLU H 9 24.94 -1.87 -56.85
N PHE H 10 24.57 -0.82 -56.13
CA PHE H 10 24.42 0.51 -56.70
C PHE H 10 25.67 1.17 -57.26
N PHE H 11 26.76 1.14 -56.51
CA PHE H 11 27.99 1.78 -56.97
C PHE H 11 29.07 0.86 -57.50
N SER H 12 28.68 -0.30 -58.02
CA SER H 12 29.64 -1.24 -58.59
C SER H 12 30.13 -0.63 -59.90
N GLU H 13 31.37 -0.96 -60.29
CA GLU H 13 31.94 -0.42 -61.52
C GLU H 13 30.94 -0.41 -62.68
N GLU H 14 30.07 -1.42 -62.70
CA GLU H 14 29.07 -1.54 -63.75
C GLU H 14 27.87 -0.61 -63.59
N ASN H 15 27.32 -0.55 -62.38
CA ASN H 15 26.16 0.30 -62.11
C ASN H 15 26.46 1.73 -61.72
N ALA H 16 27.39 1.91 -60.78
CA ALA H 16 27.77 3.23 -60.28
C ALA H 16 27.54 4.40 -61.25
N PRO H 17 28.15 4.37 -62.44
CA PRO H 17 27.98 5.46 -63.41
C PRO H 17 26.52 5.83 -63.68
N LYS H 18 25.61 4.95 -63.31
CA LYS H 18 24.18 5.18 -63.53
C LYS H 18 23.47 5.93 -62.41
N TRP H 19 24.12 6.04 -61.25
CA TRP H 19 23.48 6.72 -60.13
C TRP H 19 24.25 7.89 -59.51
N ARG H 20 25.58 7.78 -59.44
CA ARG H 20 26.39 8.84 -58.86
C ARG H 20 25.96 10.22 -59.37
N GLY H 21 25.34 11.00 -58.50
CA GLY H 21 24.90 12.33 -58.88
C GLY H 21 23.56 12.38 -59.60
N LEU H 22 22.81 11.30 -59.55
CA LEU H 22 21.51 11.23 -60.21
C LEU H 22 20.46 12.00 -59.41
N LEU H 23 20.51 11.86 -58.09
CA LEU H 23 19.57 12.52 -57.20
C LEU H 23 20.04 13.91 -56.79
N VAL H 24 21.35 14.08 -56.69
CA VAL H 24 21.93 15.36 -56.27
C VAL H 24 21.24 16.59 -56.87
N PRO H 25 21.09 16.62 -58.21
CA PRO H 25 20.42 17.77 -58.84
C PRO H 25 19.08 18.10 -58.19
N ALA H 26 18.28 17.06 -57.96
CA ALA H 26 16.97 17.24 -57.34
C ALA H 26 17.11 17.52 -55.85
N LEU H 27 17.94 16.73 -55.16
CA LEU H 27 18.15 16.92 -53.73
C LEU H 27 18.51 18.36 -53.42
N LYS H 28 19.18 19.02 -54.37
CA LYS H 28 19.57 20.41 -54.18
C LYS H 28 18.32 21.29 -54.27
N LYS H 29 17.39 20.87 -55.11
CA LYS H 29 16.13 21.60 -55.29
C LYS H 29 15.34 21.49 -53.99
N VAL H 30 15.53 20.37 -53.28
CA VAL H 30 14.83 20.12 -52.03
C VAL H 30 15.36 20.98 -50.89
N GLN H 31 16.67 21.05 -50.75
CA GLN H 31 17.26 21.84 -49.67
C GLN H 31 16.83 23.30 -49.76
N GLY H 32 16.54 23.75 -50.97
CA GLY H 32 16.11 25.12 -51.14
C GLY H 32 14.61 25.25 -50.90
N GLN H 33 13.95 24.09 -50.86
CA GLN H 33 12.52 24.04 -50.62
C GLN H 33 12.23 24.13 -49.13
N VAL H 34 13.13 23.58 -48.32
CA VAL H 34 12.98 23.59 -46.88
C VAL H 34 13.93 24.59 -46.20
N HIS H 35 14.98 24.98 -46.93
CA HIS H 35 15.96 25.92 -46.39
C HIS H 35 16.58 26.77 -47.50
N PRO H 36 15.80 27.73 -48.04
CA PRO H 36 16.26 28.63 -49.10
C PRO H 36 17.56 29.35 -48.80
N THR H 37 17.62 29.97 -47.62
CA THR H 37 18.79 30.72 -47.19
C THR H 37 20.08 29.89 -47.22
N LEU H 38 20.02 28.70 -46.63
CA LEU H 38 21.19 27.81 -46.55
C LEU H 38 21.82 27.45 -47.89
N GLU H 39 23.15 27.39 -47.90
CA GLU H 39 23.90 27.03 -49.11
C GLU H 39 23.96 25.51 -49.21
N SER H 40 24.23 25.00 -50.39
CA SER H 40 24.31 23.55 -50.60
C SER H 40 25.71 23.06 -50.92
N ASN H 41 26.04 21.88 -50.41
CA ASN H 41 27.35 21.28 -50.65
C ASN H 41 27.19 19.97 -51.43
N ASP H 42 28.02 19.79 -52.45
CA ASP H 42 27.95 18.58 -53.26
C ASP H 42 28.31 17.34 -52.46
N ASP H 43 29.44 17.41 -51.76
CA ASP H 43 29.89 16.29 -50.94
C ASP H 43 28.79 15.89 -49.96
N ALA H 44 28.00 16.86 -49.54
CA ALA H 44 26.90 16.62 -48.59
C ALA H 44 25.71 15.96 -49.26
N LEU H 45 25.13 16.63 -50.25
CA LEU H 45 23.98 16.09 -50.96
C LEU H 45 24.30 14.72 -51.55
N GLN H 46 25.49 14.58 -52.11
CA GLN H 46 25.91 13.33 -52.72
C GLN H 46 25.92 12.23 -51.67
N TYR H 47 26.00 12.62 -50.41
CA TYR H 47 25.99 11.67 -49.30
C TYR H 47 24.55 11.26 -49.02
N VAL H 48 23.65 12.25 -49.01
CA VAL H 48 22.24 12.01 -48.78
C VAL H 48 21.73 11.05 -49.84
N GLU H 49 22.24 11.21 -51.05
CA GLU H 49 21.85 10.36 -52.18
C GLU H 49 22.13 8.90 -51.84
N GLU H 50 23.28 8.64 -51.24
CA GLU H 50 23.65 7.28 -50.86
C GLU H 50 22.58 6.71 -49.94
N LEU H 51 22.32 7.42 -48.84
CA LEU H 51 21.31 7.00 -47.88
C LEU H 51 19.97 6.77 -48.56
N ILE H 52 19.53 7.75 -49.33
CA ILE H 52 18.26 7.66 -50.04
C ILE H 52 18.21 6.47 -51.00
N LEU H 53 19.30 6.23 -51.71
CA LEU H 53 19.35 5.11 -52.65
C LEU H 53 19.25 3.81 -51.87
N GLN H 54 19.86 3.78 -50.68
CA GLN H 54 19.81 2.60 -49.84
C GLN H 54 18.35 2.34 -49.51
N LEU H 55 17.61 3.42 -49.26
CA LEU H 55 16.18 3.33 -48.94
C LEU H 55 15.48 2.68 -50.11
N LEU H 56 15.78 3.16 -51.32
CA LEU H 56 15.17 2.63 -52.53
C LEU H 56 15.39 1.13 -52.57
N ASN H 57 16.63 0.71 -52.32
CA ASN H 57 16.98 -0.70 -52.32
C ASN H 57 16.19 -1.43 -51.26
N MSE H 58 16.00 -0.78 -50.11
CA MSE H 58 15.27 -1.37 -48.99
C MSE H 58 13.81 -1.64 -49.36
O MSE H 58 13.21 -2.61 -48.90
CB MSE H 58 15.34 -0.45 -47.77
CG MSE H 58 14.79 -1.04 -46.48
SE MSE H 58 12.88 -0.81 -46.28
CE MSE H 58 12.91 0.66 -45.02
N LEU H 59 13.23 -0.76 -50.19
CA LEU H 59 11.84 -0.93 -50.61
C LEU H 59 11.72 -1.99 -51.69
N CYS H 60 12.80 -2.22 -52.42
CA CYS H 60 12.82 -3.20 -53.50
C CYS H 60 13.02 -4.64 -53.03
N GLN H 61 13.27 -4.81 -51.74
CA GLN H 61 13.48 -6.15 -51.19
C GLN H 61 12.14 -6.86 -51.01
N ALA H 62 11.05 -6.11 -51.20
CA ALA H 62 9.71 -6.66 -51.07
C ALA H 62 9.14 -6.95 -52.45
N GLN H 63 9.94 -6.67 -53.48
CA GLN H 63 9.53 -6.90 -54.86
C GLN H 63 8.13 -6.37 -55.14
N PRO H 64 7.89 -5.07 -54.85
CA PRO H 64 6.59 -4.45 -55.07
C PRO H 64 6.12 -4.56 -56.52
N ARG H 65 4.86 -4.92 -56.70
CA ARG H 65 4.27 -5.05 -58.03
C ARG H 65 3.32 -3.89 -58.34
N SER H 66 2.75 -3.32 -57.29
CA SER H 66 1.83 -2.20 -57.44
C SER H 66 2.04 -1.14 -56.35
N ALA H 67 1.44 0.03 -56.56
CA ALA H 67 1.56 1.12 -55.60
C ALA H 67 1.14 0.66 -54.21
N SER H 68 0.23 -0.29 -54.15
CA SER H 68 -0.26 -0.82 -52.88
C SER H 68 0.86 -1.60 -52.19
N ASP H 69 1.49 -2.51 -52.94
CA ASP H 69 2.56 -3.34 -52.40
C ASP H 69 3.64 -2.47 -51.75
N VAL H 70 3.94 -1.34 -52.38
CA VAL H 70 4.96 -0.44 -51.85
C VAL H 70 4.48 0.14 -50.52
N GLU H 71 3.23 0.56 -50.47
CA GLU H 71 2.65 1.13 -49.26
C GLU H 71 2.80 0.17 -48.07
N GLU H 72 2.30 -1.05 -48.23
CA GLU H 72 2.39 -2.04 -47.17
C GLU H 72 3.83 -2.15 -46.68
N ARG H 73 4.74 -2.39 -47.60
CA ARG H 73 6.16 -2.52 -47.28
C ARG H 73 6.65 -1.32 -46.48
N VAL H 74 6.03 -0.17 -46.72
CA VAL H 74 6.40 1.06 -46.04
C VAL H 74 5.79 1.14 -44.64
N GLN H 75 4.54 0.71 -44.52
CA GLN H 75 3.82 0.74 -43.25
C GLN H 75 4.39 -0.21 -42.19
N LYS H 76 5.26 -1.12 -42.62
CA LYS H 76 5.85 -2.09 -41.70
C LYS H 76 7.31 -1.82 -41.36
N SER H 77 8.00 -1.08 -42.22
CA SER H 77 9.42 -0.78 -42.00
C SER H 77 9.71 0.59 -41.40
N PHE H 78 8.84 1.57 -41.67
CA PHE H 78 9.05 2.92 -41.16
C PHE H 78 8.52 3.13 -39.74
N PRO H 79 9.29 3.84 -38.92
CA PRO H 79 8.90 4.12 -37.53
C PRO H 79 7.77 5.15 -37.51
N HIS H 80 7.10 5.25 -36.37
CA HIS H 80 6.03 6.22 -36.19
C HIS H 80 6.85 7.48 -35.98
N PRO H 81 6.42 8.65 -36.51
CA PRO H 81 5.34 9.25 -37.31
C PRO H 81 5.51 9.01 -38.79
N ILE H 82 6.77 8.94 -39.18
CA ILE H 82 7.19 8.76 -40.55
C ILE H 82 6.31 7.86 -41.41
N ASP H 83 6.11 6.61 -40.99
CA ASP H 83 5.27 5.70 -41.76
C ASP H 83 3.96 6.34 -42.26
N LYS H 84 3.15 6.78 -41.31
CA LYS H 84 1.87 7.40 -41.64
C LYS H 84 2.04 8.57 -42.61
N TRP H 85 2.84 9.54 -42.21
CA TRP H 85 3.10 10.72 -43.02
C TRP H 85 3.55 10.34 -44.43
N ALA H 86 4.67 9.64 -44.52
CA ALA H 86 5.24 9.23 -45.80
C ALA H 86 4.18 8.76 -46.80
N ILE H 87 3.46 7.70 -46.45
CA ILE H 87 2.42 7.15 -47.31
C ILE H 87 1.47 8.23 -47.79
N ALA H 88 1.03 9.08 -46.86
CA ALA H 88 0.11 10.16 -47.18
C ALA H 88 0.69 11.06 -48.25
N ASP H 89 2.00 11.29 -48.19
CA ASP H 89 2.68 12.14 -49.17
C ASP H 89 2.82 11.40 -50.49
N ALA H 90 2.95 10.08 -50.42
CA ALA H 90 3.09 9.25 -51.61
C ALA H 90 1.74 9.06 -52.29
N GLN H 91 0.70 8.85 -51.48
CA GLN H 91 -0.65 8.67 -52.00
C GLN H 91 -1.02 9.84 -52.91
N SER H 92 -0.77 11.05 -52.42
CA SER H 92 -1.07 12.27 -53.17
C SER H 92 -0.30 12.27 -54.50
N ALA H 93 0.93 11.77 -54.46
CA ALA H 93 1.78 11.73 -55.64
C ALA H 93 1.16 10.93 -56.78
N ILE H 94 0.48 9.84 -56.44
CA ILE H 94 -0.14 9.00 -57.47
C ILE H 94 -1.60 9.34 -57.69
N GLU H 95 -2.20 10.13 -56.79
CA GLU H 95 -3.60 10.51 -56.92
C GLU H 95 -3.71 11.49 -58.09
N LYS H 96 -2.56 11.92 -58.59
CA LYS H 96 -2.46 12.84 -59.73
C LYS H 96 -3.34 14.08 -59.62
N ARG H 97 -2.70 15.21 -59.35
CA ARG H 97 -3.39 16.50 -59.22
C ARG H 97 -2.36 17.59 -58.94
N LYS H 98 -2.82 18.79 -58.59
CA LYS H 98 -1.91 19.89 -58.31
C LYS H 98 -0.92 19.52 -57.22
N ARG H 99 0.35 19.86 -57.45
CA ARG H 99 1.41 19.56 -56.49
C ARG H 99 2.32 20.76 -56.31
N LEU H 103 6.77 17.26 -57.31
CA LEU H 103 7.82 16.31 -56.95
C LEU H 103 9.14 16.78 -57.57
N SER H 104 10.25 16.52 -56.88
CA SER H 104 11.55 16.95 -57.37
C SER H 104 12.45 15.84 -57.91
N LEU H 105 12.62 14.77 -57.14
CA LEU H 105 13.46 13.66 -57.57
C LEU H 105 13.09 13.17 -58.96
N PRO H 106 14.08 13.09 -59.87
CA PRO H 106 13.88 12.64 -61.25
C PRO H 106 13.22 11.27 -61.35
N VAL H 107 11.94 11.26 -61.69
CA VAL H 107 11.19 10.01 -61.82
C VAL H 107 11.34 9.44 -63.22
N GLU H 108 11.40 10.31 -64.22
CA GLU H 108 11.55 9.89 -65.61
C GLU H 108 12.89 9.23 -65.88
N LYS H 109 13.74 9.17 -64.84
CA LYS H 109 15.05 8.55 -64.96
C LYS H 109 15.17 7.38 -63.99
N ILE H 110 14.59 7.53 -62.81
CA ILE H 110 14.63 6.47 -61.80
C ILE H 110 13.68 5.34 -62.19
N HIS H 111 12.54 5.70 -62.76
CA HIS H 111 11.55 4.72 -63.19
C HIS H 111 12.19 3.61 -64.03
N PRO H 112 12.87 3.98 -65.13
CA PRO H 112 13.51 2.97 -65.99
C PRO H 112 14.50 2.11 -65.23
N LEU H 113 15.45 2.76 -64.56
CA LEU H 113 16.47 2.06 -63.78
C LEU H 113 15.89 1.06 -62.80
N LEU H 114 14.62 1.23 -62.44
CA LEU H 114 13.96 0.34 -61.51
C LEU H 114 13.76 -1.04 -62.13
N LYS H 115 13.42 -1.06 -63.42
CA LYS H 115 13.19 -2.30 -64.14
C LYS H 115 14.48 -3.12 -64.18
N GLU H 116 15.55 -2.53 -63.64
CA GLU H 116 16.85 -3.18 -63.60
C GLU H 116 17.21 -3.56 -62.16
N VAL H 117 16.63 -2.84 -61.21
CA VAL H 117 16.88 -3.09 -59.79
C VAL H 117 16.03 -4.26 -59.29
N LEU H 118 14.78 -4.31 -59.73
CA LEU H 118 13.85 -5.35 -59.33
C LEU H 118 14.08 -6.64 -60.12
N GLY H 119 14.45 -6.49 -61.38
CA GLY H 119 14.68 -7.64 -62.24
C GLY H 119 13.45 -7.94 -63.06
N TYR H 120 12.57 -6.95 -63.17
CA TYR H 120 11.33 -7.07 -63.93
C TYR H 120 10.71 -5.70 -64.13
N LYS H 121 10.08 -5.50 -65.28
CA LYS H 121 9.44 -4.22 -65.57
C LYS H 121 8.30 -3.93 -64.60
N ILE H 122 8.30 -2.73 -64.04
CA ILE H 122 7.29 -2.32 -63.09
C ILE H 122 6.46 -1.17 -63.67
N ASP H 123 5.24 -1.00 -63.18
CA ASP H 123 4.36 0.06 -63.67
C ASP H 123 4.87 1.44 -63.29
N HIS H 124 4.55 2.42 -64.14
CA HIS H 124 4.96 3.81 -63.92
C HIS H 124 4.41 4.36 -62.61
N GLN H 125 3.17 4.00 -62.30
CA GLN H 125 2.52 4.47 -61.07
C GLN H 125 3.30 4.02 -59.84
N VAL H 126 3.74 2.77 -59.85
CA VAL H 126 4.49 2.22 -58.72
C VAL H 126 5.80 2.97 -58.54
N SER H 127 6.46 3.27 -59.64
CA SER H 127 7.72 4.00 -59.61
C SER H 127 7.48 5.36 -58.95
N VAL H 128 6.46 6.06 -59.42
CA VAL H 128 6.11 7.37 -58.89
C VAL H 128 5.85 7.30 -57.39
N TYR H 129 5.08 6.28 -56.98
CA TYR H 129 4.76 6.10 -55.58
C TYR H 129 6.03 5.97 -54.75
N ILE H 130 6.98 5.18 -55.27
CA ILE H 130 8.24 4.97 -54.58
C ILE H 130 9.04 6.26 -54.47
N VAL H 131 9.25 6.91 -55.61
CA VAL H 131 9.99 8.17 -55.63
C VAL H 131 9.38 9.13 -54.62
N ALA H 132 8.06 9.16 -54.56
CA ALA H 132 7.34 10.03 -53.64
C ALA H 132 7.81 9.75 -52.22
N VAL H 133 7.98 8.47 -51.91
CA VAL H 133 8.43 8.05 -50.58
C VAL H 133 9.88 8.47 -50.40
N LEU H 134 10.70 8.17 -51.40
CA LEU H 134 12.13 8.50 -51.37
C LEU H 134 12.34 9.98 -51.10
N GLU H 135 11.52 10.82 -51.72
CA GLU H 135 11.65 12.26 -51.56
C GLU H 135 11.23 12.72 -50.17
N TYR H 136 10.17 12.13 -49.63
CA TYR H 136 9.70 12.50 -48.30
C TYR H 136 10.83 12.38 -47.28
N ILE H 137 11.51 11.25 -47.29
CA ILE H 137 12.63 11.01 -46.37
C ILE H 137 13.77 11.98 -46.67
N SER H 138 14.01 12.23 -47.95
CA SER H 138 15.07 13.14 -48.37
C SER H 138 14.80 14.53 -47.80
N ALA H 139 13.55 14.98 -47.91
CA ALA H 139 13.15 16.28 -47.42
C ALA H 139 13.15 16.34 -45.90
N ASP H 140 12.88 15.20 -45.26
CA ASP H 140 12.86 15.15 -43.80
C ASP H 140 14.26 15.26 -43.22
N ILE H 141 15.24 14.75 -43.95
CA ILE H 141 16.63 14.80 -43.51
C ILE H 141 17.15 16.22 -43.63
N LEU H 142 16.98 16.81 -44.82
CA LEU H 142 17.43 18.17 -45.07
C LEU H 142 16.68 19.15 -44.17
N LYS H 143 15.40 18.89 -43.97
CA LYS H 143 14.57 19.72 -43.11
C LYS H 143 15.16 19.69 -41.71
N LEU H 144 15.79 18.56 -41.38
CA LEU H 144 16.43 18.38 -40.09
C LEU H 144 17.81 19.01 -40.10
N ALA H 145 18.70 18.46 -40.92
CA ALA H 145 20.06 18.96 -41.03
C ALA H 145 20.05 20.47 -41.19
N GLY H 146 19.21 20.95 -42.09
CA GLY H 146 19.12 22.38 -42.32
C GLY H 146 18.83 23.14 -41.05
N ASN H 147 17.92 22.61 -40.24
CA ASN H 147 17.55 23.24 -38.98
C ASN H 147 18.73 23.20 -38.02
N TYR H 148 19.49 22.12 -38.05
CA TYR H 148 20.65 22.00 -37.18
C TYR H 148 21.59 23.16 -37.48
N VAL H 149 21.87 23.35 -38.76
CA VAL H 149 22.74 24.44 -39.21
C VAL H 149 22.25 25.75 -38.61
N ARG H 150 20.98 26.05 -38.86
CA ARG H 150 20.36 27.27 -38.36
C ARG H 150 20.69 27.52 -36.89
N ASN H 151 20.52 26.48 -36.08
CA ASN H 151 20.77 26.57 -34.64
C ASN H 151 22.19 26.99 -34.29
N ILE H 152 23.18 26.42 -34.97
CA ILE H 152 24.58 26.74 -34.70
C ILE H 152 25.09 27.95 -35.48
N ARG H 153 24.23 28.52 -36.33
CA ARG H 153 24.60 29.69 -37.12
C ARG H 153 25.71 29.31 -38.11
N HIS H 154 25.34 28.71 -39.24
CA HIS H 154 26.34 28.31 -40.24
C HIS H 154 25.98 28.66 -41.69
N TYR H 155 24.70 28.63 -42.01
CA TYR H 155 24.23 28.97 -43.35
C TYR H 155 24.63 27.97 -44.45
N GLU H 156 25.27 26.87 -44.07
CA GLU H 156 25.67 25.86 -45.04
C GLU H 156 25.55 24.46 -44.45
N ILE H 157 24.93 23.55 -45.19
CA ILE H 157 24.75 22.18 -44.74
C ILE H 157 25.90 21.30 -45.23
N THR H 158 26.89 21.09 -44.37
CA THR H 158 28.04 20.26 -44.69
C THR H 158 27.65 18.80 -44.45
N LYS H 159 28.45 17.87 -44.97
CA LYS H 159 28.16 16.46 -44.79
C LYS H 159 28.05 16.13 -43.31
N GLN H 160 28.98 16.63 -42.52
CA GLN H 160 28.98 16.40 -41.08
C GLN H 160 27.70 16.91 -40.43
N ASP H 161 27.34 18.15 -40.72
CA ASP H 161 26.12 18.74 -40.17
C ASP H 161 24.95 17.77 -40.31
N ILE H 162 24.97 16.97 -41.37
CA ILE H 162 23.92 15.99 -41.62
C ILE H 162 24.12 14.78 -40.72
N LYS H 163 25.33 14.22 -40.73
CA LYS H 163 25.65 13.06 -39.91
C LYS H 163 25.24 13.32 -38.47
N VAL H 164 25.55 14.52 -37.98
CA VAL H 164 25.22 14.89 -36.61
C VAL H 164 23.72 15.09 -36.44
N ALA H 165 23.14 15.95 -37.27
CA ALA H 165 21.71 16.23 -37.21
C ALA H 165 20.87 14.97 -37.06
N MSE H 166 21.21 13.95 -37.83
CA MSE H 166 20.48 12.68 -37.79
C MSE H 166 20.78 11.91 -36.51
O MSE H 166 19.89 11.32 -35.91
CB MSE H 166 20.84 11.81 -38.99
CG MSE H 166 20.49 12.42 -40.34
SE MSE H 166 20.88 11.23 -41.81
CE MSE H 166 19.17 10.36 -41.96
N CYS H 167 22.04 11.92 -36.10
CA CYS H 167 22.46 11.21 -34.90
C CYS H 167 21.60 11.62 -33.70
N ALA H 168 21.34 12.91 -33.57
CA ALA H 168 20.54 13.43 -32.47
C ALA H 168 19.06 13.10 -32.66
N ASP H 169 18.69 12.75 -33.88
CA ASP H 169 17.30 12.42 -34.20
C ASP H 169 17.09 10.91 -34.15
N LYS H 170 16.39 10.44 -33.13
CA LYS H 170 16.11 9.03 -32.96
C LYS H 170 15.38 8.42 -34.15
N VAL H 171 14.27 9.05 -34.53
CA VAL H 171 13.46 8.58 -35.65
C VAL H 171 14.31 8.15 -36.85
N LEU H 172 14.91 9.12 -37.52
CA LEU H 172 15.75 8.84 -38.68
C LEU H 172 16.84 7.83 -38.33
N MSE H 173 17.35 7.91 -37.12
CA MSE H 173 18.40 7.01 -36.66
C MSE H 173 17.89 5.58 -36.60
O MSE H 173 18.52 4.66 -37.14
CB MSE H 173 18.92 7.44 -35.29
CG MSE H 173 20.32 6.98 -35.00
SE MSE H 173 21.59 7.72 -36.25
CE MSE H 173 21.60 6.29 -37.55
N ASP H 174 16.76 5.40 -35.94
CA ASP H 174 16.13 4.09 -35.80
C ASP H 174 15.84 3.47 -37.16
N MSE H 175 16.01 4.26 -38.22
CA MSE H 175 15.76 3.80 -39.57
C MSE H 175 17.03 3.72 -40.42
O MSE H 175 17.02 3.08 -41.48
CB MSE H 175 14.75 4.72 -40.26
CG MSE H 175 14.29 4.24 -41.63
SE MSE H 175 13.52 5.63 -42.72
CE MSE H 175 11.88 5.94 -41.75
N PHE H 176 18.10 4.36 -39.97
CA PHE H 176 19.34 4.35 -40.74
C PHE H 176 20.61 3.85 -40.06
N HIS H 177 20.54 3.47 -38.80
CA HIS H 177 21.75 2.97 -38.13
C HIS H 177 22.21 1.68 -38.77
N GLN H 178 22.97 1.81 -39.87
CA GLN H 178 23.49 0.67 -40.60
C GLN H 178 24.28 1.14 -41.82
N ASP H 179 23.79 2.20 -42.46
CA ASP H 179 24.43 2.76 -43.64
C ASP H 179 25.05 4.10 -43.32
N VAL H 180 24.84 4.57 -42.10
CA VAL H 180 25.38 5.85 -41.66
C VAL H 180 26.87 5.77 -41.36
N GLU H 181 27.61 6.79 -41.80
CA GLU H 181 29.05 6.83 -41.59
C GLU H 181 29.36 7.44 -40.22
N ASP H 182 30.17 6.75 -39.44
CA ASP H 182 30.53 7.23 -38.10
C ASP H 182 31.24 8.57 -38.11
N ILE H 183 30.99 9.36 -37.08
CA ILE H 183 31.59 10.68 -36.95
C ILE H 183 33.05 10.56 -36.54
N LEU I 6 30.45 58.81 -16.14
CA LEU I 6 30.03 58.93 -17.55
C LEU I 6 30.54 57.78 -18.40
N PRO I 7 29.67 57.18 -19.23
CA PRO I 7 30.05 56.07 -20.09
C PRO I 7 31.27 56.40 -20.94
N TYR I 8 32.11 55.40 -21.17
CA TYR I 8 33.33 55.59 -21.97
C TYR I 8 33.00 56.10 -23.37
N GLU I 9 33.87 56.95 -23.90
CA GLU I 9 33.68 57.51 -25.23
C GLU I 9 34.77 56.95 -26.16
N PHE I 10 34.41 55.93 -26.93
CA PHE I 10 35.36 55.30 -27.84
C PHE I 10 35.93 56.20 -28.93
N PHE I 11 35.07 56.98 -29.59
CA PHE I 11 35.54 57.84 -30.65
C PHE I 11 35.50 59.33 -30.33
N SER I 12 36.24 59.72 -29.30
CA SER I 12 36.32 61.11 -28.89
C SER I 12 37.68 61.65 -29.34
N GLU I 13 37.79 62.97 -29.48
CA GLU I 13 39.02 63.60 -29.92
C GLU I 13 40.25 63.09 -29.16
N GLU I 14 40.04 62.54 -27.97
CA GLU I 14 41.14 62.03 -27.16
C GLU I 14 41.36 60.52 -27.26
N ASN I 15 40.28 59.75 -27.26
CA ASN I 15 40.37 58.31 -27.33
C ASN I 15 40.24 57.70 -28.73
N ALA I 16 39.68 58.46 -29.66
CA ALA I 16 39.51 57.98 -31.02
C ALA I 16 40.80 57.37 -31.57
N PRO I 17 41.94 58.08 -31.40
CA PRO I 17 43.22 57.57 -31.90
C PRO I 17 43.61 56.22 -31.30
N LYS I 18 42.87 55.78 -30.30
CA LYS I 18 43.16 54.52 -29.63
C LYS I 18 42.29 53.36 -30.13
N TRP I 19 41.11 53.66 -30.65
CA TRP I 19 40.22 52.61 -31.14
C TRP I 19 40.02 52.59 -32.65
N ARG I 20 40.10 53.76 -33.29
CA ARG I 20 39.92 53.84 -34.74
C ARG I 20 40.80 52.84 -35.49
N GLY I 21 40.15 51.90 -36.16
CA GLY I 21 40.88 50.90 -36.92
C GLY I 21 41.72 49.96 -36.08
N LEU I 22 41.39 49.83 -34.80
CA LEU I 22 42.14 48.96 -33.90
C LEU I 22 41.77 47.50 -34.12
N LEU I 23 40.54 47.26 -34.58
CA LEU I 23 40.07 45.90 -34.82
C LEU I 23 39.98 45.56 -36.31
N VAL I 24 39.92 46.59 -37.16
CA VAL I 24 39.81 46.39 -38.59
C VAL I 24 40.81 45.36 -39.13
N PRO I 25 42.10 45.49 -38.76
CA PRO I 25 43.10 44.54 -39.24
C PRO I 25 42.72 43.09 -38.91
N ALA I 26 42.11 42.90 -37.74
CA ALA I 26 41.68 41.57 -37.30
C ALA I 26 40.41 41.14 -38.01
N LEU I 27 39.39 41.99 -37.97
CA LEU I 27 38.10 41.69 -38.61
C LEU I 27 38.30 41.19 -40.03
N LYS I 28 39.31 41.74 -40.72
CA LYS I 28 39.60 41.34 -42.09
C LYS I 28 40.00 39.87 -42.10
N LYS I 29 40.85 39.50 -41.15
CA LYS I 29 41.31 38.12 -41.03
C LYS I 29 40.13 37.21 -40.75
N VAL I 30 39.20 37.69 -39.92
CA VAL I 30 38.02 36.92 -39.57
C VAL I 30 37.13 36.66 -40.78
N GLN I 31 36.71 37.74 -41.46
CA GLN I 31 35.86 37.60 -42.63
C GLN I 31 36.51 36.63 -43.61
N GLY I 32 37.84 36.59 -43.61
CA GLY I 32 38.56 35.71 -44.50
C GLY I 32 38.37 34.25 -44.10
N GLN I 33 38.38 34.00 -42.79
CA GLN I 33 38.21 32.65 -42.26
C GLN I 33 36.78 32.17 -42.49
N VAL I 34 35.83 33.11 -42.45
CA VAL I 34 34.42 32.80 -42.63
C VAL I 34 34.05 32.68 -44.11
N HIS I 35 34.34 33.72 -44.88
CA HIS I 35 34.03 33.73 -46.30
C HIS I 35 35.28 34.05 -47.13
N PRO I 36 36.06 33.02 -47.49
CA PRO I 36 37.29 33.14 -48.28
C PRO I 36 37.07 33.70 -49.69
N THR I 37 35.88 33.50 -50.23
CA THR I 37 35.58 33.96 -51.58
C THR I 37 35.16 35.43 -51.66
N LEU I 38 34.65 35.97 -50.55
CA LEU I 38 34.21 37.36 -50.52
C LEU I 38 35.35 38.31 -50.15
N GLU I 39 35.36 39.48 -50.77
CA GLU I 39 36.39 40.48 -50.51
C GLU I 39 35.93 41.43 -49.41
N SER I 40 36.87 41.92 -48.62
CA SER I 40 36.56 42.82 -47.51
C SER I 40 36.63 44.29 -47.86
N ASN I 41 35.65 45.04 -47.38
CA ASN I 41 35.58 46.48 -47.60
C ASN I 41 35.83 47.21 -46.28
N ASP I 42 36.98 47.87 -46.18
CA ASP I 42 37.35 48.59 -44.96
C ASP I 42 36.19 49.45 -44.48
N ASP I 43 35.50 50.10 -45.41
CA ASP I 43 34.37 50.95 -45.07
C ASP I 43 33.38 50.16 -44.23
N ALA I 44 33.13 48.92 -44.63
CA ALA I 44 32.21 48.05 -43.92
C ALA I 44 32.85 47.48 -42.66
N LEU I 45 34.10 47.02 -42.79
CA LEU I 45 34.82 46.46 -41.65
C LEU I 45 34.84 47.45 -40.50
N GLN I 46 35.05 48.72 -40.81
CA GLN I 46 35.07 49.76 -39.79
C GLN I 46 33.70 49.87 -39.14
N TYR I 47 32.66 49.64 -39.92
CA TYR I 47 31.29 49.72 -39.40
C TYR I 47 31.11 48.63 -38.35
N VAL I 48 31.58 47.43 -38.66
CA VAL I 48 31.49 46.30 -37.74
C VAL I 48 32.23 46.67 -36.46
N GLU I 49 33.43 47.25 -36.62
CA GLU I 49 34.24 47.66 -35.49
C GLU I 49 33.42 48.53 -34.56
N GLU I 50 32.70 49.49 -35.14
CA GLU I 50 31.86 50.39 -34.37
C GLU I 50 30.85 49.61 -33.54
N LEU I 51 30.20 48.64 -34.18
CA LEU I 51 29.21 47.81 -33.51
C LEU I 51 29.85 46.96 -32.41
N ILE I 52 30.97 46.32 -32.72
CA ILE I 52 31.67 45.49 -31.76
C ILE I 52 32.10 46.28 -30.53
N LEU I 53 32.73 47.43 -30.75
CA LEU I 53 33.18 48.26 -29.66
C LEU I 53 32.02 48.68 -28.77
N GLN I 54 30.84 48.83 -29.38
CA GLN I 54 29.66 49.21 -28.62
C GLN I 54 29.30 48.07 -27.68
N LEU I 55 29.43 46.84 -28.17
CA LEU I 55 29.14 45.66 -27.36
C LEU I 55 30.11 45.63 -26.20
N LEU I 56 31.31 46.16 -26.42
CA LEU I 56 32.33 46.21 -25.39
C LEU I 56 31.79 47.04 -24.22
N ASN I 57 31.14 48.16 -24.54
CA ASN I 57 30.56 49.01 -23.51
C ASN I 57 29.48 48.24 -22.77
N MSE I 58 28.52 47.72 -23.54
CA MSE I 58 27.41 46.96 -22.99
C MSE I 58 27.91 45.91 -21.98
O MSE I 58 27.20 45.58 -21.03
CB MSE I 58 26.62 46.28 -24.11
CG MSE I 58 25.32 45.63 -23.69
SE MSE I 58 25.53 43.87 -22.94
CE MSE I 58 25.18 42.84 -24.53
N LEU I 59 29.11 45.40 -22.20
CA LEU I 59 29.68 44.41 -21.30
C LEU I 59 30.38 45.08 -20.13
N CYS I 60 31.08 46.17 -20.40
CA CYS I 60 31.80 46.91 -19.36
C CYS I 60 30.86 47.64 -18.40
N GLN I 61 29.67 48.01 -18.89
CA GLN I 61 28.70 48.71 -18.06
C GLN I 61 28.24 47.84 -16.90
N ALA I 62 28.61 46.56 -16.94
CA ALA I 62 28.27 45.63 -15.88
C ALA I 62 29.42 45.56 -14.89
N GLN I 63 30.44 46.38 -15.16
CA GLN I 63 31.64 46.44 -14.32
C GLN I 63 32.16 45.06 -13.96
N PRO I 64 32.43 44.21 -14.97
CA PRO I 64 32.95 42.86 -14.71
C PRO I 64 34.31 42.90 -14.02
N ARG I 65 34.45 42.12 -12.93
CA ARG I 65 35.70 42.07 -12.20
C ARG I 65 36.32 40.67 -12.24
N SER I 66 35.62 39.73 -12.86
CA SER I 66 36.11 38.36 -12.96
C SER I 66 35.60 37.69 -14.23
N ALA I 67 36.30 36.65 -14.67
CA ALA I 67 35.91 35.92 -15.86
C ALA I 67 34.47 35.44 -15.73
N SER I 68 34.10 35.04 -14.53
CA SER I 68 32.74 34.55 -14.27
C SER I 68 31.70 35.66 -14.42
N ASP I 69 32.06 36.88 -14.01
CA ASP I 69 31.15 38.02 -14.12
C ASP I 69 30.71 38.25 -15.55
N VAL I 70 31.67 38.27 -16.47
CA VAL I 70 31.37 38.49 -17.88
C VAL I 70 30.38 37.43 -18.38
N GLU I 71 30.56 36.20 -17.94
CA GLU I 71 29.68 35.11 -18.34
C GLU I 71 28.25 35.37 -17.89
N GLU I 72 28.10 35.90 -16.67
CA GLU I 72 26.78 36.21 -16.14
C GLU I 72 26.11 37.34 -16.92
N ARG I 73 26.94 38.21 -17.49
CA ARG I 73 26.42 39.33 -18.27
C ARG I 73 25.85 38.83 -19.59
N VAL I 74 26.66 38.09 -20.34
CA VAL I 74 26.25 37.54 -21.62
C VAL I 74 25.02 36.65 -21.46
N GLN I 75 24.98 35.90 -20.37
CA GLN I 75 23.87 34.99 -20.10
C GLN I 75 22.54 35.72 -19.85
N LYS I 76 22.61 37.02 -19.63
CA LYS I 76 21.40 37.81 -19.38
C LYS I 76 21.11 38.84 -20.45
N SER I 77 22.09 39.11 -21.30
CA SER I 77 21.92 40.09 -22.36
C SER I 77 21.77 39.42 -23.70
N PHE I 78 22.75 38.61 -24.02
CA PHE I 78 22.78 37.90 -25.29
C PHE I 78 21.56 37.02 -25.58
N PRO I 79 21.01 37.15 -26.79
CA PRO I 79 19.84 36.40 -27.25
C PRO I 79 20.22 34.95 -27.38
N HIS I 80 19.23 34.09 -27.50
CA HIS I 80 19.50 32.66 -27.67
C HIS I 80 19.72 32.59 -29.19
N PRO I 81 20.62 31.70 -29.69
CA PRO I 81 21.56 30.61 -29.38
C PRO I 81 22.86 31.31 -29.04
N ILE I 82 22.97 32.51 -29.61
CA ILE I 82 24.12 33.35 -29.46
C ILE I 82 24.68 33.46 -28.05
N ASP I 83 23.83 33.63 -27.04
CA ASP I 83 24.31 33.76 -25.66
C ASP I 83 25.04 32.50 -25.24
N LYS I 84 24.43 31.36 -25.55
CA LYS I 84 24.98 30.05 -25.21
C LYS I 84 26.33 29.82 -25.88
N TRP I 85 26.32 29.83 -27.22
CA TRP I 85 27.53 29.61 -28.00
C TRP I 85 28.65 30.56 -27.59
N ALA I 86 28.29 31.83 -27.36
CA ALA I 86 29.26 32.84 -26.96
C ALA I 86 30.05 32.40 -25.73
N ILE I 87 29.34 32.17 -24.62
CA ILE I 87 29.98 31.74 -23.38
C ILE I 87 30.80 30.49 -23.62
N ALA I 88 30.27 29.61 -24.46
CA ALA I 88 30.96 28.38 -24.80
C ALA I 88 32.31 28.71 -25.45
N ASP I 89 32.26 29.63 -26.41
CA ASP I 89 33.45 30.05 -27.12
C ASP I 89 34.43 30.71 -26.15
N ALA I 90 33.94 31.74 -25.44
CA ALA I 90 34.76 32.47 -24.49
C ALA I 90 35.36 31.54 -23.44
N GLN I 91 34.52 30.71 -22.83
CA GLN I 91 34.99 29.78 -21.81
C GLN I 91 36.11 28.93 -22.41
N SER I 92 35.81 28.28 -23.53
CA SER I 92 36.78 27.43 -24.22
C SER I 92 38.10 28.16 -24.44
N ALA I 93 38.03 29.48 -24.58
CA ALA I 93 39.21 30.29 -24.80
C ALA I 93 40.12 30.32 -23.56
N ILE I 94 39.55 30.68 -22.42
CA ILE I 94 40.30 30.76 -21.19
C ILE I 94 40.73 29.38 -20.67
N GLU I 95 40.25 28.33 -21.33
CA GLU I 95 40.61 26.97 -20.93
C GLU I 95 41.81 26.54 -21.76
N LYS I 96 42.00 27.21 -22.90
CA LYS I 96 43.09 26.92 -23.82
C LYS I 96 42.86 25.66 -24.64
N ARG I 97 41.60 25.30 -24.87
CA ARG I 97 41.29 24.12 -25.64
C ARG I 97 41.39 24.44 -27.14
N LYS I 98 41.70 23.42 -27.93
CA LYS I 98 41.85 23.60 -29.38
C LYS I 98 40.70 24.35 -30.04
N ARG I 99 41.04 25.11 -31.08
CA ARG I 99 40.08 25.90 -31.85
C ARG I 99 40.51 25.85 -33.31
N ARG I 100 39.55 25.74 -34.22
CA ARG I 100 39.86 25.70 -35.64
C ARG I 100 40.56 26.97 -36.10
N ASN I 101 39.99 28.12 -35.76
CA ASN I 101 40.57 29.41 -36.13
C ASN I 101 40.94 30.22 -34.90
N PRO I 102 42.23 30.21 -34.52
CA PRO I 102 42.72 30.93 -33.35
C PRO I 102 42.27 32.40 -33.36
N LEU I 103 41.95 32.91 -32.18
CA LEU I 103 41.50 34.30 -32.04
C LEU I 103 42.35 35.24 -32.87
N SER I 104 41.70 36.25 -33.46
CA SER I 104 42.39 37.22 -34.29
C SER I 104 42.47 38.60 -33.65
N LEU I 105 41.48 38.94 -32.82
CA LEU I 105 41.45 40.23 -32.16
C LEU I 105 42.74 40.45 -31.36
N PRO I 106 43.34 41.65 -31.48
CA PRO I 106 44.57 41.98 -30.76
C PRO I 106 44.33 42.05 -29.26
N VAL I 107 44.18 40.90 -28.63
CA VAL I 107 43.91 40.84 -27.20
C VAL I 107 44.97 41.59 -26.39
N GLU I 108 46.22 41.16 -26.52
CA GLU I 108 47.33 41.78 -25.79
C GLU I 108 47.35 43.30 -25.91
N LYS I 109 46.63 43.84 -26.89
CA LYS I 109 46.56 45.28 -27.10
C LYS I 109 45.27 45.80 -26.47
N ILE I 110 44.19 45.04 -26.65
CA ILE I 110 42.89 45.40 -26.11
C ILE I 110 42.91 45.37 -24.58
N HIS I 111 43.55 44.35 -24.03
CA HIS I 111 43.64 44.18 -22.58
C HIS I 111 44.05 45.48 -21.87
N PRO I 112 45.24 46.02 -22.16
CA PRO I 112 45.68 47.25 -21.52
C PRO I 112 44.67 48.38 -21.60
N LEU I 113 43.90 48.42 -22.67
CA LEU I 113 42.90 49.47 -22.86
C LEU I 113 41.63 49.24 -22.04
N LEU I 114 41.33 47.98 -21.72
CA LEU I 114 40.15 47.68 -20.92
C LEU I 114 40.26 48.29 -19.53
N LYS I 115 41.48 48.36 -19.01
CA LYS I 115 41.71 48.93 -17.69
C LYS I 115 41.33 50.42 -17.69
N GLU I 116 41.42 51.06 -18.85
CA GLU I 116 41.10 52.47 -18.97
C GLU I 116 39.61 52.67 -19.23
N VAL I 117 38.95 51.63 -19.72
CA VAL I 117 37.52 51.70 -20.00
C VAL I 117 36.72 51.40 -18.75
N LEU I 118 37.22 50.49 -17.93
CA LEU I 118 36.57 50.10 -16.68
C LEU I 118 36.96 51.05 -15.55
N GLY I 119 38.24 51.42 -15.50
CA GLY I 119 38.70 52.32 -14.46
C GLY I 119 39.36 51.59 -13.30
N TYR I 120 39.39 50.25 -13.39
CA TYR I 120 39.99 49.44 -12.35
C TYR I 120 40.80 48.28 -12.93
N LYS I 121 41.79 47.82 -12.17
CA LYS I 121 42.63 46.71 -12.62
C LYS I 121 41.82 45.46 -12.92
N ILE I 122 42.00 44.92 -14.12
CA ILE I 122 41.29 43.72 -14.54
C ILE I 122 42.29 42.59 -14.77
N ASP I 123 41.89 41.37 -14.45
CA ASP I 123 42.75 40.21 -14.63
C ASP I 123 42.80 39.83 -16.10
N HIS I 124 44.00 39.57 -16.61
CA HIS I 124 44.20 39.20 -18.01
C HIS I 124 43.13 38.23 -18.50
N GLN I 125 42.93 37.15 -17.75
CA GLN I 125 41.95 36.13 -18.11
C GLN I 125 40.60 36.76 -18.43
N VAL I 126 40.20 37.76 -17.66
CA VAL I 126 38.92 38.42 -17.88
C VAL I 126 38.90 39.10 -19.24
N SER I 127 40.00 39.77 -19.59
CA SER I 127 40.11 40.45 -20.86
C SER I 127 40.00 39.43 -22.00
N VAL I 128 40.75 38.34 -21.87
CA VAL I 128 40.73 37.28 -22.87
C VAL I 128 39.31 36.80 -23.10
N TYR I 129 38.60 36.53 -22.00
CA TYR I 129 37.22 36.06 -22.06
C TYR I 129 36.38 37.06 -22.85
N ILE I 130 36.47 38.32 -22.45
CA ILE I 130 35.72 39.39 -23.11
C ILE I 130 36.03 39.44 -24.60
N VAL I 131 37.30 39.57 -24.94
CA VAL I 131 37.72 39.62 -26.34
C VAL I 131 37.22 38.37 -27.08
N ALA I 132 37.13 37.27 -26.36
CA ALA I 132 36.66 36.02 -26.94
C ALA I 132 35.18 36.19 -27.30
N VAL I 133 34.47 36.91 -26.44
CA VAL I 133 33.05 37.17 -26.65
C VAL I 133 32.89 38.16 -27.80
N LEU I 134 33.78 39.15 -27.84
CA LEU I 134 33.74 40.16 -28.89
C LEU I 134 33.95 39.55 -30.25
N GLU I 135 34.85 38.57 -30.33
CA GLU I 135 35.13 37.92 -31.61
C GLU I 135 33.98 37.04 -32.08
N TYR I 136 33.36 36.30 -31.17
CA TYR I 136 32.26 35.44 -31.55
C TYR I 136 31.20 36.24 -32.31
N ILE I 137 30.81 37.37 -31.74
CA ILE I 137 29.81 38.23 -32.37
C ILE I 137 30.37 38.84 -33.65
N SER I 138 31.66 39.18 -33.64
CA SER I 138 32.30 39.75 -34.81
C SER I 138 32.14 38.77 -35.97
N ALA I 139 32.53 37.53 -35.73
CA ALA I 139 32.45 36.49 -36.74
C ALA I 139 30.99 36.15 -37.08
N ASP I 140 30.10 36.35 -36.12
CA ASP I 140 28.69 36.05 -36.33
C ASP I 140 28.06 37.04 -37.30
N ILE I 141 28.45 38.31 -37.19
CA ILE I 141 27.92 39.35 -38.06
C ILE I 141 28.41 39.14 -39.49
N LEU I 142 29.72 38.97 -39.64
CA LEU I 142 30.32 38.76 -40.94
C LEU I 142 29.79 37.48 -41.56
N LYS I 143 29.75 36.42 -40.75
CA LYS I 143 29.27 35.12 -41.19
C LYS I 143 27.86 35.26 -41.79
N LEU I 144 27.05 36.13 -41.20
CA LEU I 144 25.70 36.37 -41.66
C LEU I 144 25.69 37.18 -42.94
N ALA I 145 26.26 38.38 -42.88
CA ALA I 145 26.31 39.27 -44.03
C ALA I 145 26.88 38.54 -45.24
N GLY I 146 27.95 37.78 -45.01
CA GLY I 146 28.58 37.04 -46.09
C GLY I 146 27.60 36.19 -46.86
N ASN I 147 26.78 35.43 -46.14
CA ASN I 147 25.78 34.57 -46.77
C ASN I 147 24.76 35.41 -47.53
N TYR I 148 24.36 36.52 -46.92
CA TYR I 148 23.39 37.41 -47.57
C TYR I 148 23.97 37.81 -48.92
N VAL I 149 25.23 38.24 -48.89
CA VAL I 149 25.94 38.65 -50.10
C VAL I 149 25.98 37.50 -51.10
N ARG I 150 26.47 36.35 -50.64
CA ARG I 150 26.58 35.17 -51.48
C ARG I 150 25.24 34.79 -52.09
N ASN I 151 24.15 35.17 -51.40
CA ASN I 151 22.82 34.84 -51.86
C ASN I 151 22.33 35.76 -52.98
N ILE I 152 22.91 36.96 -53.06
CA ILE I 152 22.52 37.91 -54.09
C ILE I 152 23.57 38.01 -55.18
N ARG I 153 24.66 37.27 -55.03
CA ARG I 153 25.74 37.25 -56.01
C ARG I 153 26.45 38.59 -56.12
N HIS I 154 27.39 38.86 -55.21
CA HIS I 154 28.13 40.12 -55.25
C HIS I 154 29.63 39.95 -55.00
N TYR I 155 30.01 38.90 -54.29
CA TYR I 155 31.42 38.61 -54.02
C TYR I 155 32.09 39.69 -53.18
N GLU I 156 31.31 40.68 -52.73
CA GLU I 156 31.87 41.76 -51.93
C GLU I 156 30.91 42.17 -50.82
N ILE I 157 31.42 42.20 -49.59
CA ILE I 157 30.60 42.58 -48.44
C ILE I 157 30.70 44.08 -48.17
N THR I 158 29.70 44.83 -48.64
CA THR I 158 29.66 46.27 -48.46
C THR I 158 29.08 46.60 -47.08
N LYS I 159 29.09 47.88 -46.72
CA LYS I 159 28.56 48.32 -45.44
C LYS I 159 27.04 48.13 -45.44
N GLN I 160 26.43 48.34 -46.61
CA GLN I 160 24.99 48.18 -46.75
C GLN I 160 24.59 46.72 -46.62
N ASP I 161 25.37 45.84 -47.24
CA ASP I 161 25.09 44.41 -47.19
C ASP I 161 24.99 43.98 -45.73
N ILE I 162 25.91 44.47 -44.91
CA ILE I 162 25.91 44.14 -43.49
C ILE I 162 24.64 44.65 -42.85
N LYS I 163 24.36 45.94 -43.02
CA LYS I 163 23.16 46.55 -42.45
C LYS I 163 21.94 45.73 -42.81
N VAL I 164 21.63 45.68 -44.10
CA VAL I 164 20.48 44.92 -44.60
C VAL I 164 20.46 43.51 -44.03
N ALA I 165 21.63 42.87 -44.02
CA ALA I 165 21.75 41.49 -43.52
C ALA I 165 21.30 41.34 -42.07
N MSE I 166 21.78 42.23 -41.21
CA MSE I 166 21.43 42.17 -39.80
C MSE I 166 19.95 42.41 -39.54
O MSE I 166 19.34 41.76 -38.70
CB MSE I 166 22.27 43.18 -39.01
CG MSE I 166 23.77 42.92 -39.10
SE MSE I 166 24.82 44.05 -37.95
CE MSE I 166 24.94 42.89 -36.41
N CYS I 167 19.37 43.35 -40.29
CA CYS I 167 17.95 43.66 -40.13
C CYS I 167 17.09 42.43 -40.40
N ALA I 168 17.58 41.54 -41.26
CA ALA I 168 16.88 40.32 -41.60
C ALA I 168 16.91 39.36 -40.41
N ASP I 169 18.10 39.16 -39.86
CA ASP I 169 18.28 38.26 -38.73
C ASP I 169 17.67 38.90 -37.49
N LYS I 170 16.75 38.18 -36.85
CA LYS I 170 16.10 38.69 -35.65
C LYS I 170 17.03 38.71 -34.44
N VAL I 171 17.82 37.66 -34.29
CA VAL I 171 18.74 37.55 -33.17
C VAL I 171 19.61 38.81 -33.02
N LEU I 172 20.56 38.98 -33.94
CA LEU I 172 21.44 40.14 -33.90
C LEU I 172 20.66 41.43 -33.75
N MSE I 173 19.42 41.42 -34.26
CA MSE I 173 18.57 42.61 -34.19
C MSE I 173 18.06 42.83 -32.78
O MSE I 173 18.00 43.96 -32.29
CB MSE I 173 17.40 42.46 -35.16
CG MSE I 173 16.82 43.80 -35.61
SE MSE I 173 18.13 44.85 -36.57
CE MSE I 173 18.85 45.87 -35.11
N ASP I 174 17.70 41.72 -32.12
CA ASP I 174 17.20 41.79 -30.75
C ASP I 174 18.36 42.00 -29.79
N MSE I 175 19.50 42.44 -30.35
CA MSE I 175 20.69 42.67 -29.55
C MSE I 175 21.39 43.94 -30.02
O MSE I 175 22.17 44.55 -29.28
CB MSE I 175 21.66 41.50 -29.67
CG MSE I 175 22.81 41.54 -28.66
SE MSE I 175 24.43 40.69 -29.30
CE MSE I 175 23.75 38.93 -29.65
N PHE I 176 21.12 44.35 -31.25
CA PHE I 176 21.74 45.55 -31.81
C PHE I 176 20.78 46.65 -32.25
N HIS I 177 19.52 46.58 -31.87
CA HIS I 177 18.59 47.64 -32.28
C HIS I 177 18.90 48.91 -31.51
N GLN I 178 20.18 49.23 -31.40
CA GLN I 178 20.63 50.42 -30.69
C GLN I 178 21.32 51.45 -31.59
N ASP I 179 22.51 51.13 -32.09
CA ASP I 179 23.24 52.07 -32.96
C ASP I 179 23.19 51.64 -34.42
N VAL I 180 22.52 50.53 -34.69
CA VAL I 180 22.42 50.03 -36.06
C VAL I 180 21.79 51.06 -36.99
N GLU I 181 22.65 51.78 -37.71
CA GLU I 181 22.20 52.81 -38.64
C GLU I 181 21.27 52.22 -39.71
N ASP I 182 20.02 52.68 -39.70
CA ASP I 182 19.02 52.19 -40.64
C ASP I 182 19.11 52.85 -42.01
N ILE I 183 18.39 52.27 -42.97
CA ILE I 183 18.37 52.76 -44.34
C ILE I 183 17.70 54.14 -44.41
#